data_1CQM
# 
_entry.id   1CQM 
# 
_audit_conform.dict_name       mmcif_pdbx.dic 
_audit_conform.dict_version    5.385 
_audit_conform.dict_location   http://mmcif.pdb.org/dictionaries/ascii/mmcif_pdbx.dic 
# 
loop_
_database_2.database_id 
_database_2.database_code 
_database_2.pdbx_database_accession 
_database_2.pdbx_DOI 
PDB   1CQM         pdb_00001cqm 10.2210/pdb1cqm/pdb 
RCSB  RCSB009491   ?            ?                   
WWPDB D_1000009491 ?            ?                   
# 
loop_
_pdbx_audit_revision_history.ordinal 
_pdbx_audit_revision_history.data_content_type 
_pdbx_audit_revision_history.major_revision 
_pdbx_audit_revision_history.minor_revision 
_pdbx_audit_revision_history.revision_date 
1 'Structure model' 1 0 2000-09-08 
2 'Structure model' 1 1 2008-04-27 
3 'Structure model' 1 2 2011-07-13 
4 'Structure model' 1 3 2017-02-01 
5 'Structure model' 1 4 2018-01-31 
6 'Structure model' 1 5 2024-02-07 
# 
_pdbx_audit_revision_details.ordinal             1 
_pdbx_audit_revision_details.revision_ordinal    1 
_pdbx_audit_revision_details.data_content_type   'Structure model' 
_pdbx_audit_revision_details.provider            repository 
_pdbx_audit_revision_details.type                'Initial release' 
_pdbx_audit_revision_details.description         ? 
_pdbx_audit_revision_details.details             ? 
# 
loop_
_pdbx_audit_revision_group.ordinal 
_pdbx_audit_revision_group.revision_ordinal 
_pdbx_audit_revision_group.data_content_type 
_pdbx_audit_revision_group.group 
1 2 'Structure model' 'Version format compliance' 
2 3 'Structure model' 'Version format compliance' 
3 4 'Structure model' 'Structure summary'         
4 5 'Structure model' 'Data collection'           
5 5 'Structure model' 'Experimental preparation'  
6 6 'Structure model' 'Data collection'           
7 6 'Structure model' 'Database references'       
# 
loop_
_pdbx_audit_revision_category.ordinal 
_pdbx_audit_revision_category.revision_ordinal 
_pdbx_audit_revision_category.data_content_type 
_pdbx_audit_revision_category.category 
1 5 'Structure model' diffrn_source      
2 5 'Structure model' exptl_crystal_grow 
3 6 'Structure model' chem_comp_atom     
4 6 'Structure model' chem_comp_bond     
5 6 'Structure model' database_2         
6 6 'Structure model' struct_ref_seq_dif 
# 
loop_
_pdbx_audit_revision_item.ordinal 
_pdbx_audit_revision_item.revision_ordinal 
_pdbx_audit_revision_item.data_content_type 
_pdbx_audit_revision_item.item 
1 5 'Structure model' '_diffrn_source.pdbx_synchrotron_site' 
2 5 'Structure model' '_exptl_crystal_grow.temp'             
3 6 'Structure model' '_database_2.pdbx_DOI'                 
4 6 'Structure model' '_database_2.pdbx_database_accession'  
5 6 'Structure model' '_struct_ref_seq_dif.details'          
# 
_pdbx_database_status.status_code                     REL 
_pdbx_database_status.entry_id                        1CQM 
_pdbx_database_status.recvd_initial_deposition_date   1999-08-08 
_pdbx_database_status.deposit_site                    RCSB 
_pdbx_database_status.process_site                    RCSB 
_pdbx_database_status.status_code_sf                  REL 
_pdbx_database_status.SG_entry                        . 
_pdbx_database_status.status_code_mr                  ? 
_pdbx_database_status.status_code_cs                  ? 
_pdbx_database_status.methods_development_category    ? 
_pdbx_database_status.pdb_format_compatible           Y 
_pdbx_database_status.status_code_nmr_data            ? 
# 
_pdbx_database_related.db_name        PDB 
_pdbx_database_related.db_id          1QJH 
_pdbx_database_related.details        '1QJH CONTAINS THE FULLY MODIFIED ALZHEIMER-LIKE VERSION OF THE RIBOSOMAL PROTEIN S6.' 
_pdbx_database_related.content_type   unspecified 
# 
loop_
_audit_author.name 
_audit_author.pdbx_ordinal 
'Kristensen, O.' 1 
'Otzen, D.E.'    2 
'Oliveberg, M.'  3 
# 
loop_
_citation.id 
_citation.title 
_citation.journal_abbrev 
_citation.journal_volume 
_citation.page_first 
_citation.page_last 
_citation.year 
_citation.journal_id_ASTM 
_citation.country 
_citation.journal_id_ISSN 
_citation.journal_id_CSD 
_citation.book_publisher 
_citation.pdbx_database_id_PubMed 
_citation.pdbx_database_id_DOI 
primary 'Designed protein tetramer zipped together with a hydrophobic Alzheimer homology: a structural clue to amyloid assembly.' 
Proc.Natl.Acad.Sci.USA 97 9907 9912 2000 PNASA6 US 0027-8424 0040 ? 10944185 10.1073/pnas.160086297 
1       'Crystal structure of the ribosomal protein S6 from Thermus thermophilus'                                                 
'Embo J.'              13 1249 1254 1994 EMJODG UK 0261-4189 0897 ? ?        ?                      
# 
loop_
_citation_author.citation_id 
_citation_author.name 
_citation_author.ordinal 
_citation_author.identifier_ORCID 
primary 'Otzen, D.E.'       1  ? 
primary 'Kristensen, O.'    2  ? 
primary 'Oliveberg, M.'     3  ? 
1       'Lindahl, M.'       4  ? 
1       'Svensson, L.A.'    5  ? 
1       'Liljas, A.'        6  ? 
1       'Sedelnikova, S.E.' 7  ? 
1       'Eliseikina, I.A.'  8  ? 
1       'Fomenkova, N.P.'   9  ? 
1       'Nevskaya, N.'      10 ? 
1       'Nikonov, S.V.'     11 ? 
1       'Garber, M.B.'      12 ? 
1       'Muranova, T.A.'    13 ? 
1       'Rykonova, A.I.'    14 ? 
1       'Amons, R.'         15 ? 
# 
loop_
_entity.id 
_entity.type 
_entity.src_method 
_entity.pdbx_description 
_entity.formula_weight 
_entity.pdbx_number_of_molecules 
_entity.pdbx_ec 
_entity.pdbx_mutation 
_entity.pdbx_fragment 
_entity.details 
1 polymer man 'RIBOSOMAL PROTEIN S6' 11914.761 2   ? 'E41A, E42I' ? ? 
2 water   nat water                  18.015    156 ? ?            ? ? 
# 
_entity_poly.entity_id                      1 
_entity_poly.type                           'polypeptide(L)' 
_entity_poly.nstd_linkage                   no 
_entity_poly.nstd_monomer                   no 
_entity_poly.pdbx_seq_one_letter_code       
;MRRYEVNIVLNPNLDQSQLALEKEIIQRALENYGARVEKVAILGLRRLAYPIAKDPQGYFLWYQVEMPEDRVNDLARELR
IRDNVRRVMVVKSQEPFLANA
;
_entity_poly.pdbx_seq_one_letter_code_can   
;MRRYEVNIVLNPNLDQSQLALEKEIIQRALENYGARVEKVAILGLRRLAYPIAKDPQGYFLWYQVEMPEDRVNDLARELR
IRDNVRRVMVVKSQEPFLANA
;
_entity_poly.pdbx_strand_id                 A,B 
_entity_poly.pdbx_target_identifier         ? 
# 
_pdbx_entity_nonpoly.entity_id   2 
_pdbx_entity_nonpoly.name        water 
_pdbx_entity_nonpoly.comp_id     HOH 
# 
loop_
_entity_poly_seq.entity_id 
_entity_poly_seq.num 
_entity_poly_seq.mon_id 
_entity_poly_seq.hetero 
1 1   MET n 
1 2   ARG n 
1 3   ARG n 
1 4   TYR n 
1 5   GLU n 
1 6   VAL n 
1 7   ASN n 
1 8   ILE n 
1 9   VAL n 
1 10  LEU n 
1 11  ASN n 
1 12  PRO n 
1 13  ASN n 
1 14  LEU n 
1 15  ASP n 
1 16  GLN n 
1 17  SER n 
1 18  GLN n 
1 19  LEU n 
1 20  ALA n 
1 21  LEU n 
1 22  GLU n 
1 23  LYS n 
1 24  GLU n 
1 25  ILE n 
1 26  ILE n 
1 27  GLN n 
1 28  ARG n 
1 29  ALA n 
1 30  LEU n 
1 31  GLU n 
1 32  ASN n 
1 33  TYR n 
1 34  GLY n 
1 35  ALA n 
1 36  ARG n 
1 37  VAL n 
1 38  GLU n 
1 39  LYS n 
1 40  VAL n 
1 41  ALA n 
1 42  ILE n 
1 43  LEU n 
1 44  GLY n 
1 45  LEU n 
1 46  ARG n 
1 47  ARG n 
1 48  LEU n 
1 49  ALA n 
1 50  TYR n 
1 51  PRO n 
1 52  ILE n 
1 53  ALA n 
1 54  LYS n 
1 55  ASP n 
1 56  PRO n 
1 57  GLN n 
1 58  GLY n 
1 59  TYR n 
1 60  PHE n 
1 61  LEU n 
1 62  TRP n 
1 63  TYR n 
1 64  GLN n 
1 65  VAL n 
1 66  GLU n 
1 67  MET n 
1 68  PRO n 
1 69  GLU n 
1 70  ASP n 
1 71  ARG n 
1 72  VAL n 
1 73  ASN n 
1 74  ASP n 
1 75  LEU n 
1 76  ALA n 
1 77  ARG n 
1 78  GLU n 
1 79  LEU n 
1 80  ARG n 
1 81  ILE n 
1 82  ARG n 
1 83  ASP n 
1 84  ASN n 
1 85  VAL n 
1 86  ARG n 
1 87  ARG n 
1 88  VAL n 
1 89  MET n 
1 90  VAL n 
1 91  VAL n 
1 92  LYS n 
1 93  SER n 
1 94  GLN n 
1 95  GLU n 
1 96  PRO n 
1 97  PHE n 
1 98  LEU n 
1 99  ALA n 
1 100 ASN n 
1 101 ALA n 
# 
_entity_src_gen.entity_id                          1 
_entity_src_gen.pdbx_src_id                        1 
_entity_src_gen.pdbx_alt_source_flag               sample 
_entity_src_gen.pdbx_seq_type                      ? 
_entity_src_gen.pdbx_beg_seq_num                   ? 
_entity_src_gen.pdbx_end_seq_num                   ? 
_entity_src_gen.gene_src_common_name               ? 
_entity_src_gen.gene_src_genus                     Thermus 
_entity_src_gen.pdbx_gene_src_gene                 ? 
_entity_src_gen.gene_src_species                   ? 
_entity_src_gen.gene_src_strain                    ? 
_entity_src_gen.gene_src_tissue                    ? 
_entity_src_gen.gene_src_tissue_fraction           ? 
_entity_src_gen.gene_src_details                   ? 
_entity_src_gen.pdbx_gene_src_fragment             ? 
_entity_src_gen.pdbx_gene_src_scientific_name      'Thermus thermophilus' 
_entity_src_gen.pdbx_gene_src_ncbi_taxonomy_id     274 
_entity_src_gen.pdbx_gene_src_variant              ? 
_entity_src_gen.pdbx_gene_src_cell_line            ? 
_entity_src_gen.pdbx_gene_src_atcc                 ? 
_entity_src_gen.pdbx_gene_src_organ                ? 
_entity_src_gen.pdbx_gene_src_organelle            ? 
_entity_src_gen.pdbx_gene_src_cell                 ? 
_entity_src_gen.pdbx_gene_src_cellular_location    ? 
_entity_src_gen.host_org_common_name               ? 
_entity_src_gen.pdbx_host_org_scientific_name      'Escherichia coli' 
_entity_src_gen.pdbx_host_org_ncbi_taxonomy_id     562 
_entity_src_gen.host_org_genus                     Escherichia 
_entity_src_gen.pdbx_host_org_gene                 ? 
_entity_src_gen.pdbx_host_org_organ                ? 
_entity_src_gen.host_org_species                   ? 
_entity_src_gen.pdbx_host_org_tissue               ? 
_entity_src_gen.pdbx_host_org_tissue_fraction      ? 
_entity_src_gen.pdbx_host_org_strain               ? 
_entity_src_gen.pdbx_host_org_variant              ? 
_entity_src_gen.pdbx_host_org_cell_line            ? 
_entity_src_gen.pdbx_host_org_atcc                 ? 
_entity_src_gen.pdbx_host_org_culture_collection   ? 
_entity_src_gen.pdbx_host_org_cell                 ? 
_entity_src_gen.pdbx_host_org_organelle            ? 
_entity_src_gen.pdbx_host_org_cellular_location    ? 
_entity_src_gen.pdbx_host_org_vector_type          ? 
_entity_src_gen.pdbx_host_org_vector               ? 
_entity_src_gen.host_org_details                   ? 
_entity_src_gen.expression_system_id               ? 
_entity_src_gen.plasmid_name                       ? 
_entity_src_gen.plasmid_details                    ? 
_entity_src_gen.pdbx_description                   ? 
# 
loop_
_chem_comp.id 
_chem_comp.type 
_chem_comp.mon_nstd_flag 
_chem_comp.name 
_chem_comp.pdbx_synonyms 
_chem_comp.formula 
_chem_comp.formula_weight 
ALA 'L-peptide linking' y ALANINE         ? 'C3 H7 N O2'     89.093  
ARG 'L-peptide linking' y ARGININE        ? 'C6 H15 N4 O2 1' 175.209 
ASN 'L-peptide linking' y ASPARAGINE      ? 'C4 H8 N2 O3'    132.118 
ASP 'L-peptide linking' y 'ASPARTIC ACID' ? 'C4 H7 N O4'     133.103 
GLN 'L-peptide linking' y GLUTAMINE       ? 'C5 H10 N2 O3'   146.144 
GLU 'L-peptide linking' y 'GLUTAMIC ACID' ? 'C5 H9 N O4'     147.129 
GLY 'peptide linking'   y GLYCINE         ? 'C2 H5 N O2'     75.067  
HOH non-polymer         . WATER           ? 'H2 O'           18.015  
ILE 'L-peptide linking' y ISOLEUCINE      ? 'C6 H13 N O2'    131.173 
LEU 'L-peptide linking' y LEUCINE         ? 'C6 H13 N O2'    131.173 
LYS 'L-peptide linking' y LYSINE          ? 'C6 H15 N2 O2 1' 147.195 
MET 'L-peptide linking' y METHIONINE      ? 'C5 H11 N O2 S'  149.211 
PHE 'L-peptide linking' y PHENYLALANINE   ? 'C9 H11 N O2'    165.189 
PRO 'L-peptide linking' y PROLINE         ? 'C5 H9 N O2'     115.130 
SER 'L-peptide linking' y SERINE          ? 'C3 H7 N O3'     105.093 
TRP 'L-peptide linking' y TRYPTOPHAN      ? 'C11 H12 N2 O2'  204.225 
TYR 'L-peptide linking' y TYROSINE        ? 'C9 H11 N O3'    181.189 
VAL 'L-peptide linking' y VALINE          ? 'C5 H11 N O2'    117.146 
# 
loop_
_pdbx_poly_seq_scheme.asym_id 
_pdbx_poly_seq_scheme.entity_id 
_pdbx_poly_seq_scheme.seq_id 
_pdbx_poly_seq_scheme.mon_id 
_pdbx_poly_seq_scheme.ndb_seq_num 
_pdbx_poly_seq_scheme.pdb_seq_num 
_pdbx_poly_seq_scheme.auth_seq_num 
_pdbx_poly_seq_scheme.pdb_mon_id 
_pdbx_poly_seq_scheme.auth_mon_id 
_pdbx_poly_seq_scheme.pdb_strand_id 
_pdbx_poly_seq_scheme.pdb_ins_code 
_pdbx_poly_seq_scheme.hetero 
A 1 1   MET 1   1   1  MET MET A . n 
A 1 2   ARG 2   2   2  ARG ARG A . n 
A 1 3   ARG 3   3   3  ARG ARG A . n 
A 1 4   TYR 4   4   4  TYR TYR A . n 
A 1 5   GLU 5   5   5  GLU GLU A . n 
A 1 6   VAL 6   6   6  VAL VAL A . n 
A 1 7   ASN 7   7   7  ASN ASN A . n 
A 1 8   ILE 8   8   8  ILE ILE A . n 
A 1 9   VAL 9   9   9  VAL VAL A . n 
A 1 10  LEU 10  10  10 LEU LEU A . n 
A 1 11  ASN 11  11  11 ASN ASN A . n 
A 1 12  PRO 12  12  12 PRO PRO A . n 
A 1 13  ASN 13  13  13 ASN ASN A . n 
A 1 14  LEU 14  14  14 LEU LEU A . n 
A 1 15  ASP 15  15  15 ASP ASP A . n 
A 1 16  GLN 16  16  16 GLN GLN A . n 
A 1 17  SER 17  17  17 SER SER A . n 
A 1 18  GLN 18  18  18 GLN GLN A . n 
A 1 19  LEU 19  19  19 LEU LEU A . n 
A 1 20  ALA 20  20  20 ALA ALA A . n 
A 1 21  LEU 21  21  21 LEU LEU A . n 
A 1 22  GLU 22  22  22 GLU GLU A . n 
A 1 23  LYS 23  23  23 LYS LYS A . n 
A 1 24  GLU 24  24  24 GLU GLU A . n 
A 1 25  ILE 25  25  25 ILE ILE A . n 
A 1 26  ILE 26  26  26 ILE ILE A . n 
A 1 27  GLN 27  27  27 GLN GLN A . n 
A 1 28  ARG 28  28  28 ARG ARG A . n 
A 1 29  ALA 29  29  29 ALA ALA A . n 
A 1 30  LEU 30  30  30 LEU LEU A . n 
A 1 31  GLU 31  31  31 GLU GLU A . n 
A 1 32  ASN 32  32  32 ASN ASN A . n 
A 1 33  TYR 33  33  33 TYR TYR A . n 
A 1 34  GLY 34  34  34 GLY GLY A . n 
A 1 35  ALA 35  35  35 ALA ALA A . n 
A 1 36  ARG 36  36  36 ARG ARG A . n 
A 1 37  VAL 37  37  37 VAL VAL A . n 
A 1 38  GLU 38  38  38 GLU GLU A . n 
A 1 39  LYS 39  39  39 LYS LYS A . n 
A 1 40  VAL 40  40  40 VAL VAL A . n 
A 1 41  ALA 41  41  41 ALA ALA A . n 
A 1 42  ILE 42  42  42 ILE ILE A . n 
A 1 43  LEU 43  43  43 LEU LEU A . n 
A 1 44  GLY 44  44  44 GLY GLY A . n 
A 1 45  LEU 45  45  45 LEU LEU A . n 
A 1 46  ARG 46  46  46 ARG ARG A . n 
A 1 47  ARG 47  47  47 ARG ARG A . n 
A 1 48  LEU 48  48  48 LEU LEU A . n 
A 1 49  ALA 49  49  49 ALA ALA A . n 
A 1 50  TYR 50  50  50 TYR TYR A . n 
A 1 51  PRO 51  51  51 PRO PRO A . n 
A 1 52  ILE 52  52  52 ILE ILE A . n 
A 1 53  ALA 53  53  53 ALA ALA A . n 
A 1 54  LYS 54  54  54 LYS LYS A . n 
A 1 55  ASP 55  55  55 ASP ASP A . n 
A 1 56  PRO 56  56  56 PRO PRO A . n 
A 1 57  GLN 57  57  57 GLN GLN A . n 
A 1 58  GLY 58  58  58 GLY GLY A . n 
A 1 59  TYR 59  59  59 TYR TYR A . n 
A 1 60  PHE 60  60  60 PHE PHE A . n 
A 1 61  LEU 61  61  61 LEU LEU A . n 
A 1 62  TRP 62  62  62 TRP TRP A . n 
A 1 63  TYR 63  63  63 TYR TYR A . n 
A 1 64  GLN 64  64  64 GLN GLN A . n 
A 1 65  VAL 65  65  65 VAL VAL A . n 
A 1 66  GLU 66  66  66 GLU GLU A . n 
A 1 67  MET 67  67  67 MET MET A . n 
A 1 68  PRO 68  68  68 PRO PRO A . n 
A 1 69  GLU 69  69  69 GLU GLU A . n 
A 1 70  ASP 70  70  70 ASP ASP A . n 
A 1 71  ARG 71  71  71 ARG ARG A . n 
A 1 72  VAL 72  72  72 VAL VAL A . n 
A 1 73  ASN 73  73  73 ASN ASN A . n 
A 1 74  ASP 74  74  74 ASP ASP A . n 
A 1 75  LEU 75  75  75 LEU LEU A . n 
A 1 76  ALA 76  76  76 ALA ALA A . n 
A 1 77  ARG 77  77  77 ARG ARG A . n 
A 1 78  GLU 78  78  78 GLU GLU A . n 
A 1 79  LEU 79  79  79 LEU LEU A . n 
A 1 80  ARG 80  80  80 ARG ARG A . n 
A 1 81  ILE 81  81  81 ILE ILE A . n 
A 1 82  ARG 82  82  82 ARG ARG A . n 
A 1 83  ASP 83  83  83 ASP ASP A . n 
A 1 84  ASN 84  84  84 ASN ASN A . n 
A 1 85  VAL 85  85  85 VAL VAL A . n 
A 1 86  ARG 86  86  86 ARG ARG A . n 
A 1 87  ARG 87  87  87 ARG ARG A . n 
A 1 88  VAL 88  88  88 VAL VAL A . n 
A 1 89  MET 89  89  89 MET MET A . n 
A 1 90  VAL 90  90  90 VAL VAL A . n 
A 1 91  VAL 91  91  91 VAL VAL A . n 
A 1 92  LYS 92  92  92 LYS LYS A . n 
A 1 93  SER 93  93  93 SER SER A . n 
A 1 94  GLN 94  94  94 GLN GLN A . n 
A 1 95  GLU 95  95  95 GLU GLU A . n 
A 1 96  PRO 96  96  96 PRO PRO A . n 
A 1 97  PHE 97  97  97 PHE PHE A . n 
A 1 98  LEU 98  98  98 LEU LEU A . n 
A 1 99  ALA 99  99  ?  ?   ?   A . n 
A 1 100 ASN 100 100 ?  ?   ?   A . n 
A 1 101 ALA 101 101 ?  ?   ?   A . n 
B 1 1   MET 1   1   1  MET MET B . n 
B 1 2   ARG 2   2   2  ARG ARG B . n 
B 1 3   ARG 3   3   3  ARG ARG B . n 
B 1 4   TYR 4   4   4  TYR TYR B . n 
B 1 5   GLU 5   5   5  GLU GLU B . n 
B 1 6   VAL 6   6   6  VAL VAL B . n 
B 1 7   ASN 7   7   7  ASN ASN B . n 
B 1 8   ILE 8   8   8  ILE ILE B . n 
B 1 9   VAL 9   9   9  VAL VAL B . n 
B 1 10  LEU 10  10  10 LEU LEU B . n 
B 1 11  ASN 11  11  11 ASN ASN B . n 
B 1 12  PRO 12  12  12 PRO PRO B . n 
B 1 13  ASN 13  13  13 ASN ASN B . n 
B 1 14  LEU 14  14  14 LEU LEU B . n 
B 1 15  ASP 15  15  15 ASP ASP B . n 
B 1 16  GLN 16  16  16 GLN GLN B . n 
B 1 17  SER 17  17  17 SER SER B . n 
B 1 18  GLN 18  18  18 GLN GLN B . n 
B 1 19  LEU 19  19  19 LEU LEU B . n 
B 1 20  ALA 20  20  20 ALA ALA B . n 
B 1 21  LEU 21  21  21 LEU LEU B . n 
B 1 22  GLU 22  22  22 GLU GLU B . n 
B 1 23  LYS 23  23  23 LYS LYS B . n 
B 1 24  GLU 24  24  24 GLU GLU B . n 
B 1 25  ILE 25  25  25 ILE ILE B . n 
B 1 26  ILE 26  26  26 ILE ILE B . n 
B 1 27  GLN 27  27  27 GLN GLN B . n 
B 1 28  ARG 28  28  28 ARG ARG B . n 
B 1 29  ALA 29  29  29 ALA ALA B . n 
B 1 30  LEU 30  30  30 LEU LEU B . n 
B 1 31  GLU 31  31  31 GLU GLU B . n 
B 1 32  ASN 32  32  32 ASN ASN B . n 
B 1 33  TYR 33  33  33 TYR TYR B . n 
B 1 34  GLY 34  34  34 GLY GLY B . n 
B 1 35  ALA 35  35  35 ALA ALA B . n 
B 1 36  ARG 36  36  36 ARG ARG B . n 
B 1 37  VAL 37  37  37 VAL VAL B . n 
B 1 38  GLU 38  38  38 GLU GLU B . n 
B 1 39  LYS 39  39  39 LYS LYS B . n 
B 1 40  VAL 40  40  40 VAL VAL B . n 
B 1 41  ALA 41  41  41 ALA ALA B . n 
B 1 42  ILE 42  42  42 ILE ILE B . n 
B 1 43  LEU 43  43  43 LEU LEU B . n 
B 1 44  GLY 44  44  44 GLY GLY B . n 
B 1 45  LEU 45  45  45 LEU LEU B . n 
B 1 46  ARG 46  46  46 ARG ARG B . n 
B 1 47  ARG 47  47  47 ARG ARG B . n 
B 1 48  LEU 48  48  48 LEU LEU B . n 
B 1 49  ALA 49  49  49 ALA ALA B . n 
B 1 50  TYR 50  50  50 TYR TYR B . n 
B 1 51  PRO 51  51  51 PRO PRO B . n 
B 1 52  ILE 52  52  52 ILE ILE B . n 
B 1 53  ALA 53  53  53 ALA ALA B . n 
B 1 54  LYS 54  54  54 LYS LYS B . n 
B 1 55  ASP 55  55  55 ASP ASP B . n 
B 1 56  PRO 56  56  56 PRO PRO B . n 
B 1 57  GLN 57  57  57 GLN GLN B . n 
B 1 58  GLY 58  58  58 GLY GLY B . n 
B 1 59  TYR 59  59  59 TYR TYR B . n 
B 1 60  PHE 60  60  60 PHE PHE B . n 
B 1 61  LEU 61  61  61 LEU LEU B . n 
B 1 62  TRP 62  62  62 TRP TRP B . n 
B 1 63  TYR 63  63  63 TYR TYR B . n 
B 1 64  GLN 64  64  64 GLN GLN B . n 
B 1 65  VAL 65  65  65 VAL VAL B . n 
B 1 66  GLU 66  66  66 GLU GLU B . n 
B 1 67  MET 67  67  67 MET MET B . n 
B 1 68  PRO 68  68  68 PRO PRO B . n 
B 1 69  GLU 69  69  69 GLU GLU B . n 
B 1 70  ASP 70  70  70 ASP ASP B . n 
B 1 71  ARG 71  71  71 ARG ARG B . n 
B 1 72  VAL 72  72  72 VAL VAL B . n 
B 1 73  ASN 73  73  73 ASN ASN B . n 
B 1 74  ASP 74  74  74 ASP ASP B . n 
B 1 75  LEU 75  75  75 LEU LEU B . n 
B 1 76  ALA 76  76  76 ALA ALA B . n 
B 1 77  ARG 77  77  77 ARG ARG B . n 
B 1 78  GLU 78  78  78 GLU GLU B . n 
B 1 79  LEU 79  79  79 LEU LEU B . n 
B 1 80  ARG 80  80  80 ARG ARG B . n 
B 1 81  ILE 81  81  81 ILE ILE B . n 
B 1 82  ARG 82  82  82 ARG ARG B . n 
B 1 83  ASP 83  83  83 ASP ASP B . n 
B 1 84  ASN 84  84  84 ASN ASN B . n 
B 1 85  VAL 85  85  85 VAL VAL B . n 
B 1 86  ARG 86  86  86 ARG ARG B . n 
B 1 87  ARG 87  87  87 ARG ARG B . n 
B 1 88  VAL 88  88  88 VAL VAL B . n 
B 1 89  MET 89  89  89 MET MET B . n 
B 1 90  VAL 90  90  90 VAL VAL B . n 
B 1 91  VAL 91  91  91 VAL VAL B . n 
B 1 92  LYS 92  92  92 LYS LYS B . n 
B 1 93  SER 93  93  93 SER SER B . n 
B 1 94  GLN 94  94  94 GLN GLN B . n 
B 1 95  GLU 95  95  95 GLU GLU B . n 
B 1 96  PRO 96  96  96 PRO PRO B . n 
B 1 97  PHE 97  97  97 PHE PHE B . n 
B 1 98  LEU 98  98  98 LEU LEU B . n 
B 1 99  ALA 99  99  ?  ?   ?   B . n 
B 1 100 ASN 100 100 ?  ?   ?   B . n 
B 1 101 ALA 101 101 ?  ?   ?   B . n 
# 
loop_
_pdbx_nonpoly_scheme.asym_id 
_pdbx_nonpoly_scheme.entity_id 
_pdbx_nonpoly_scheme.mon_id 
_pdbx_nonpoly_scheme.ndb_seq_num 
_pdbx_nonpoly_scheme.pdb_seq_num 
_pdbx_nonpoly_scheme.auth_seq_num 
_pdbx_nonpoly_scheme.pdb_mon_id 
_pdbx_nonpoly_scheme.auth_mon_id 
_pdbx_nonpoly_scheme.pdb_strand_id 
_pdbx_nonpoly_scheme.pdb_ins_code 
C 2 HOH 1  102 2   HOH TIP A . 
C 2 HOH 2  103 3   HOH TIP A . 
C 2 HOH 3  104 4   HOH TIP A . 
C 2 HOH 4  105 6   HOH TIP A . 
C 2 HOH 5  106 7   HOH TIP A . 
C 2 HOH 6  107 14  HOH TIP A . 
C 2 HOH 7  108 17  HOH TIP A . 
C 2 HOH 8  109 18  HOH TIP A . 
C 2 HOH 9  110 19  HOH TIP A . 
C 2 HOH 10 111 22  HOH TIP A . 
C 2 HOH 11 112 23  HOH TIP A . 
C 2 HOH 12 113 24  HOH TIP A . 
C 2 HOH 13 114 25  HOH TIP A . 
C 2 HOH 14 115 26  HOH TIP A . 
C 2 HOH 15 116 28  HOH TIP A . 
C 2 HOH 16 117 29  HOH TIP A . 
C 2 HOH 17 118 30  HOH TIP A . 
C 2 HOH 18 119 32  HOH TIP A . 
C 2 HOH 19 120 34  HOH TIP A . 
C 2 HOH 20 121 36  HOH TIP A . 
C 2 HOH 21 122 39  HOH TIP A . 
C 2 HOH 22 123 40  HOH TIP A . 
C 2 HOH 23 124 43  HOH TIP A . 
C 2 HOH 24 125 46  HOH TIP A . 
C 2 HOH 25 126 50  HOH TIP A . 
C 2 HOH 26 127 52  HOH TIP A . 
C 2 HOH 27 128 56  HOH TIP A . 
C 2 HOH 28 129 58  HOH TIP A . 
C 2 HOH 29 130 61  HOH TIP A . 
C 2 HOH 30 131 62  HOH TIP A . 
C 2 HOH 31 132 63  HOH TIP A . 
C 2 HOH 32 133 65  HOH TIP A . 
C 2 HOH 33 134 68  HOH TIP A . 
C 2 HOH 34 135 70  HOH TIP A . 
C 2 HOH 35 136 73  HOH TIP A . 
C 2 HOH 36 137 75  HOH TIP A . 
C 2 HOH 37 138 78  HOH TIP A . 
C 2 HOH 38 139 79  HOH TIP A . 
C 2 HOH 39 140 80  HOH TIP A . 
C 2 HOH 40 141 84  HOH TIP A . 
C 2 HOH 41 142 89  HOH TIP A . 
C 2 HOH 42 143 92  HOH TIP A . 
C 2 HOH 43 144 93  HOH TIP A . 
C 2 HOH 44 145 94  HOH TIP A . 
C 2 HOH 45 146 95  HOH TIP A . 
C 2 HOH 46 147 98  HOH TIP A . 
C 2 HOH 47 148 99  HOH TIP A . 
C 2 HOH 48 149 100 HOH TIP A . 
C 2 HOH 49 150 102 HOH TIP A . 
C 2 HOH 50 151 108 HOH TIP A . 
C 2 HOH 51 152 109 HOH TIP A . 
C 2 HOH 52 153 115 HOH TIP A . 
C 2 HOH 53 154 117 HOH TIP A . 
C 2 HOH 54 155 118 HOH TIP A . 
C 2 HOH 55 156 121 HOH TIP A . 
C 2 HOH 56 157 122 HOH TIP A . 
C 2 HOH 57 158 123 HOH TIP A . 
C 2 HOH 58 159 124 HOH TIP A . 
C 2 HOH 59 160 125 HOH TIP A . 
C 2 HOH 60 161 126 HOH TIP A . 
C 2 HOH 61 162 136 HOH TIP A . 
C 2 HOH 62 163 138 HOH TIP A . 
C 2 HOH 63 164 140 HOH TIP A . 
C 2 HOH 64 165 141 HOH TIP A . 
C 2 HOH 65 166 143 HOH TIP A . 
C 2 HOH 66 167 144 HOH TIP A . 
C 2 HOH 67 168 146 HOH TIP A . 
C 2 HOH 68 169 147 HOH TIP A . 
C 2 HOH 69 170 154 HOH TIP A . 
C 2 HOH 70 171 155 HOH TIP A . 
C 2 HOH 71 172 156 HOH TIP A . 
D 2 HOH 1  102 1   HOH TIP B . 
D 2 HOH 2  103 5   HOH TIP B . 
D 2 HOH 3  104 8   HOH TIP B . 
D 2 HOH 4  105 9   HOH TIP B . 
D 2 HOH 5  106 10  HOH TIP B . 
D 2 HOH 6  107 11  HOH TIP B . 
D 2 HOH 7  108 12  HOH TIP B . 
D 2 HOH 8  109 13  HOH TIP B . 
D 2 HOH 9  110 15  HOH TIP B . 
D 2 HOH 10 111 16  HOH TIP B . 
D 2 HOH 11 112 20  HOH TIP B . 
D 2 HOH 12 113 21  HOH TIP B . 
D 2 HOH 13 114 27  HOH TIP B . 
D 2 HOH 14 115 31  HOH TIP B . 
D 2 HOH 15 116 33  HOH TIP B . 
D 2 HOH 16 117 35  HOH TIP B . 
D 2 HOH 17 118 37  HOH TIP B . 
D 2 HOH 18 119 38  HOH TIP B . 
D 2 HOH 19 120 41  HOH TIP B . 
D 2 HOH 20 121 42  HOH TIP B . 
D 2 HOH 21 122 44  HOH TIP B . 
D 2 HOH 22 123 45  HOH TIP B . 
D 2 HOH 23 124 47  HOH TIP B . 
D 2 HOH 24 125 48  HOH TIP B . 
D 2 HOH 25 126 49  HOH TIP B . 
D 2 HOH 26 127 51  HOH TIP B . 
D 2 HOH 27 128 53  HOH TIP B . 
D 2 HOH 28 129 54  HOH TIP B . 
D 2 HOH 29 130 55  HOH TIP B . 
D 2 HOH 30 131 57  HOH TIP B . 
D 2 HOH 31 132 59  HOH TIP B . 
D 2 HOH 32 133 60  HOH TIP B . 
D 2 HOH 33 134 64  HOH TIP B . 
D 2 HOH 34 135 66  HOH TIP B . 
D 2 HOH 35 136 67  HOH TIP B . 
D 2 HOH 36 137 69  HOH TIP B . 
D 2 HOH 37 138 71  HOH TIP B . 
D 2 HOH 38 139 72  HOH TIP B . 
D 2 HOH 39 140 74  HOH TIP B . 
D 2 HOH 40 141 76  HOH TIP B . 
D 2 HOH 41 142 77  HOH TIP B . 
D 2 HOH 42 143 81  HOH TIP B . 
D 2 HOH 43 144 82  HOH TIP B . 
D 2 HOH 44 145 83  HOH TIP B . 
D 2 HOH 45 146 85  HOH TIP B . 
D 2 HOH 46 147 86  HOH TIP B . 
D 2 HOH 47 148 87  HOH TIP B . 
D 2 HOH 48 149 88  HOH TIP B . 
D 2 HOH 49 150 90  HOH TIP B . 
D 2 HOH 50 151 91  HOH TIP B . 
D 2 HOH 51 152 96  HOH TIP B . 
D 2 HOH 52 153 97  HOH TIP B . 
D 2 HOH 53 154 101 HOH TIP B . 
D 2 HOH 54 155 103 HOH TIP B . 
D 2 HOH 55 156 104 HOH TIP B . 
D 2 HOH 56 157 105 HOH TIP B . 
D 2 HOH 57 158 106 HOH TIP B . 
D 2 HOH 58 159 107 HOH TIP B . 
D 2 HOH 59 160 110 HOH TIP B . 
D 2 HOH 60 161 111 HOH TIP B . 
D 2 HOH 61 162 112 HOH TIP B . 
D 2 HOH 62 163 113 HOH TIP B . 
D 2 HOH 63 164 114 HOH TIP B . 
D 2 HOH 64 165 116 HOH TIP B . 
D 2 HOH 65 166 119 HOH TIP B . 
D 2 HOH 66 167 120 HOH TIP B . 
D 2 HOH 67 168 127 HOH TIP B . 
D 2 HOH 68 169 128 HOH TIP B . 
D 2 HOH 69 170 129 HOH TIP B . 
D 2 HOH 70 171 130 HOH TIP B . 
D 2 HOH 71 172 131 HOH TIP B . 
D 2 HOH 72 173 132 HOH TIP B . 
D 2 HOH 73 174 133 HOH TIP B . 
D 2 HOH 74 175 134 HOH TIP B . 
D 2 HOH 75 176 135 HOH TIP B . 
D 2 HOH 76 177 137 HOH TIP B . 
D 2 HOH 77 178 139 HOH TIP B . 
D 2 HOH 78 179 142 HOH TIP B . 
D 2 HOH 79 180 145 HOH TIP B . 
D 2 HOH 80 181 148 HOH TIP B . 
D 2 HOH 81 182 149 HOH TIP B . 
D 2 HOH 82 183 150 HOH TIP B . 
D 2 HOH 83 184 151 HOH TIP B . 
D 2 HOH 84 185 152 HOH TIP B . 
D 2 HOH 85 186 153 HOH TIP B . 
# 
loop_
_software.name 
_software.classification 
_software.version 
_software.citation_id 
_software.pdbx_ordinal 
CNS    refinement       .         ? 1 
MOSFLM 'data reduction' .         ? 2 
CCP4   'data scaling'   '(SCALA)' ? 3 
CNS    phasing          .         ? 4 
# 
_cell.entry_id           1CQM 
_cell.length_a           51.081 
_cell.length_b           105.546 
_cell.length_c           80.838 
_cell.angle_alpha        90.00 
_cell.angle_beta         90.00 
_cell.angle_gamma        90.00 
_cell.Z_PDB              16 
_cell.pdbx_unique_axis   ? 
_cell.length_a_esd       ? 
_cell.length_b_esd       ? 
_cell.length_c_esd       ? 
_cell.angle_alpha_esd    ? 
_cell.angle_beta_esd     ? 
_cell.angle_gamma_esd    ? 
# 
_symmetry.entry_id                         1CQM 
_symmetry.space_group_name_H-M             'C 2 2 21' 
_symmetry.pdbx_full_space_group_name_H-M   ? 
_symmetry.cell_setting                     ? 
_symmetry.Int_Tables_number                20 
_symmetry.space_group_name_Hall            ? 
# 
_exptl.entry_id          1CQM 
_exptl.method            'X-RAY DIFFRACTION' 
_exptl.crystals_number   1 
# 
_exptl_crystal.id                    1 
_exptl_crystal.density_meas          ? 
_exptl_crystal.density_percent_sol   46.18 
_exptl_crystal.density_Matthews      2.29 
_exptl_crystal.description           ? 
_exptl_crystal.F_000                 ? 
_exptl_crystal.preparation           ? 
# 
_exptl_crystal_grow.crystal_id      1 
_exptl_crystal_grow.method          'VAPOR DIFFUSION, SITTING DROP' 
_exptl_crystal_grow.temp            293.0 
_exptl_crystal_grow.temp_details    ? 
_exptl_crystal_grow.pH              8.5 
_exptl_crystal_grow.pdbx_details    'PEG 400, SODIUM CITRATE, pH 8.5, VAPOR DIFFUSION, SITTING DROP, temperature 20K' 
_exptl_crystal_grow.pdbx_pH_range   . 
# 
_diffrn.id                     1 
_diffrn.ambient_temp           100 
_diffrn.ambient_temp_details   ? 
_diffrn.crystal_id             1 
# 
_diffrn_detector.diffrn_id              1 
_diffrn_detector.detector               'IMAGE PLATE' 
_diffrn_detector.type                   MARRESEARCH 
_diffrn_detector.pdbx_collection_date   1999-05-06 
_diffrn_detector.details                ? 
# 
_diffrn_radiation.diffrn_id                        1 
_diffrn_radiation.wavelength_id                    1 
_diffrn_radiation.pdbx_monochromatic_or_laue_m_l   M 
_diffrn_radiation.monochromator                    ? 
_diffrn_radiation.pdbx_diffrn_protocol             'SINGLE WAVELENGTH' 
_diffrn_radiation.pdbx_scattering_type             x-ray 
# 
_diffrn_radiation_wavelength.id           1 
_diffrn_radiation_wavelength.wavelength   1.0158 
_diffrn_radiation_wavelength.wt           1.0 
# 
_diffrn_source.diffrn_id                   1 
_diffrn_source.source                      SYNCHROTRON 
_diffrn_source.type                        'MAX II BEAMLINE I711' 
_diffrn_source.pdbx_synchrotron_site       'MAX II' 
_diffrn_source.pdbx_synchrotron_beamline   I711 
_diffrn_source.pdbx_wavelength             1.0158 
_diffrn_source.pdbx_wavelength_list        ? 
# 
_reflns.entry_id                     1CQM 
_reflns.observed_criterion_sigma_I   3.0 
_reflns.observed_criterion_sigma_F   3.0 
_reflns.d_resolution_low             20.0 
_reflns.d_resolution_high            1.65 
_reflns.number_obs                   24926 
_reflns.number_all                   25338 
_reflns.percent_possible_obs         94.6 
_reflns.pdbx_Rmerge_I_obs            0.0560000 
_reflns.pdbx_Rsym_value              ? 
_reflns.pdbx_netI_over_sigmaI        21.6 
_reflns.B_iso_Wilson_estimate        18.7 
_reflns.pdbx_redundancy              3.0 
_reflns.R_free_details               ? 
_reflns.limit_h_max                  ? 
_reflns.limit_h_min                  ? 
_reflns.limit_k_max                  ? 
_reflns.limit_k_min                  ? 
_reflns.limit_l_max                  ? 
_reflns.limit_l_min                  ? 
_reflns.observed_criterion_F_max     ? 
_reflns.observed_criterion_F_min     ? 
_reflns.pdbx_chi_squared             ? 
_reflns.pdbx_scaling_rejects         ? 
_reflns.pdbx_ordinal                 1 
_reflns.pdbx_diffrn_id               1 
# 
_reflns_shell.d_res_high             1.65 
_reflns_shell.d_res_low              1.74 
_reflns_shell.percent_possible_all   94.6 
_reflns_shell.Rmerge_I_obs           0.2430000 
_reflns_shell.pdbx_Rsym_value        ? 
_reflns_shell.meanI_over_sigI_obs    ? 
_reflns_shell.pdbx_redundancy        3.1 
_reflns_shell.percent_possible_obs   ? 
_reflns_shell.number_unique_all      ? 
_reflns_shell.number_measured_all    ? 
_reflns_shell.number_measured_obs    ? 
_reflns_shell.number_unique_obs      ? 
_reflns_shell.pdbx_chi_squared       ? 
_reflns_shell.pdbx_ordinal           1 
_reflns_shell.pdbx_diffrn_id         1 
# 
_refine.entry_id                                 1CQM 
_refine.ls_number_reflns_obs                     24922 
_refine.ls_number_reflns_all                     ? 
_refine.pdbx_ls_sigma_I                          ? 
_refine.pdbx_ls_sigma_F                          0.0 
_refine.pdbx_data_cutoff_high_absF               1633216.03 
_refine.pdbx_data_cutoff_low_absF                0.00 
_refine.pdbx_data_cutoff_high_rms_absF           ? 
_refine.ls_d_res_low                             20.00 
_refine.ls_d_res_high                            1.65 
_refine.ls_percent_reflns_obs                    93.4 
_refine.ls_R_factor_obs                          0.2470000 
_refine.ls_R_factor_all                          ? 
_refine.ls_R_factor_R_work                       0.2470000 
_refine.ls_R_factor_R_free                       0.2530000 
_refine.ls_R_factor_R_free_error                 0.008 
_refine.ls_R_factor_R_free_error_details         ? 
_refine.ls_percent_reflns_R_free                 3.6 
_refine.ls_number_reflns_R_free                  896 
_refine.ls_number_parameters                     ? 
_refine.ls_number_restraints                     ? 
_refine.occupancy_min                            ? 
_refine.occupancy_max                            ? 
_refine.B_iso_mean                               16.6 
_refine.aniso_B[1][1]                            1.10 
_refine.aniso_B[2][2]                            -1.09 
_refine.aniso_B[3][3]                            0.00 
_refine.aniso_B[1][2]                            0.00 
_refine.aniso_B[1][3]                            0.00 
_refine.aniso_B[2][3]                            0.00 
_refine.solvent_model_details                    'FLAT MODEL' 
_refine.solvent_model_param_ksol                 0.482 
_refine.solvent_model_param_bsol                 62.10 
_refine.pdbx_ls_cross_valid_method               THROUGHOUT 
_refine.details                                  ? 
_refine.pdbx_starting_model                      ? 
_refine.pdbx_method_to_determine_struct          ? 
_refine.pdbx_isotropic_thermal_model             RESTRAINED 
_refine.pdbx_stereochemistry_target_values       ? 
_refine.pdbx_stereochem_target_val_spec_case     ? 
_refine.pdbx_R_Free_selection_details            RANDOM 
_refine.pdbx_overall_ESU_R                       ? 
_refine.pdbx_overall_ESU_R_Free                  ? 
_refine.overall_SU_ML                            ? 
_refine.overall_SU_B                             ? 
_refine.ls_redundancy_reflns_obs                 ? 
_refine.B_iso_min                                ? 
_refine.B_iso_max                                ? 
_refine.pdbx_refine_id                           'X-RAY DIFFRACTION' 
_refine.pdbx_overall_phase_error                 ? 
_refine.correlation_coeff_Fo_to_Fc               ? 
_refine.correlation_coeff_Fo_to_Fc_free          ? 
_refine.pdbx_solvent_vdw_probe_radii             ? 
_refine.pdbx_solvent_ion_probe_radii             ? 
_refine.pdbx_solvent_shrinkage_radii             ? 
_refine.overall_SU_R_Cruickshank_DPI             ? 
_refine.overall_SU_R_free                        ? 
_refine.ls_wR_factor_R_free                      ? 
_refine.ls_wR_factor_R_work                      ? 
_refine.overall_FOM_free_R_set                   ? 
_refine.overall_FOM_work_R_set                   ? 
_refine.pdbx_diffrn_id                           1 
_refine.pdbx_TLS_residual_ADP_flag               ? 
_refine.pdbx_overall_SU_R_free_Cruickshank_DPI   ? 
_refine.pdbx_overall_SU_R_Blow_DPI               ? 
_refine.pdbx_overall_SU_R_free_Blow_DPI          ? 
# 
_refine_analyze.entry_id                        1CQM 
_refine_analyze.Luzzati_coordinate_error_obs    0.23 
_refine_analyze.Luzzati_sigma_a_obs             0.16 
_refine_analyze.Luzzati_d_res_low_obs           5.00 
_refine_analyze.Luzzati_coordinate_error_free   0.24 
_refine_analyze.Luzzati_sigma_a_free            0.18 
_refine_analyze.Luzzati_d_res_low_free          ? 
_refine_analyze.number_disordered_residues      ? 
_refine_analyze.occupancy_sum_hydrogen          ? 
_refine_analyze.occupancy_sum_non_hydrogen      ? 
_refine_analyze.pdbx_Luzzati_d_res_high_obs     ? 
_refine_analyze.pdbx_refine_id                  'X-RAY DIFFRACTION' 
# 
_refine_hist.pdbx_refine_id                   'X-RAY DIFFRACTION' 
_refine_hist.cycle_id                         LAST 
_refine_hist.pdbx_number_atoms_protein        1638 
_refine_hist.pdbx_number_atoms_nucleic_acid   0 
_refine_hist.pdbx_number_atoms_ligand         0 
_refine_hist.number_atoms_solvent             156 
_refine_hist.number_atoms_total               1794 
_refine_hist.d_res_high                       1.65 
_refine_hist.d_res_low                        20.00 
# 
loop_
_refine_ls_restr.type 
_refine_ls_restr.dev_ideal 
_refine_ls_restr.dev_ideal_target 
_refine_ls_restr.weight 
_refine_ls_restr.number 
_refine_ls_restr.pdbx_refine_id 
_refine_ls_restr.pdbx_restraint_function 
c_bond_d                0.005 ?    ? ? 'X-RAY DIFFRACTION' ? 
c_bond_d_na             ?     ?    ? ? 'X-RAY DIFFRACTION' ? 
c_bond_d_prot           ?     ?    ? ? 'X-RAY DIFFRACTION' ? 
c_angle_d               ?     ?    ? ? 'X-RAY DIFFRACTION' ? 
c_angle_d_na            ?     ?    ? ? 'X-RAY DIFFRACTION' ? 
c_angle_d_prot          ?     ?    ? ? 'X-RAY DIFFRACTION' ? 
c_angle_deg             1.3   ?    ? ? 'X-RAY DIFFRACTION' ? 
c_angle_deg_na          ?     ?    ? ? 'X-RAY DIFFRACTION' ? 
c_angle_deg_prot        ?     ?    ? ? 'X-RAY DIFFRACTION' ? 
c_dihedral_angle_d      23.3  ?    ? ? 'X-RAY DIFFRACTION' ? 
c_dihedral_angle_d_na   ?     ?    ? ? 'X-RAY DIFFRACTION' ? 
c_dihedral_angle_d_prot ?     ?    ? ? 'X-RAY DIFFRACTION' ? 
c_improper_angle_d      0.75  ?    ? ? 'X-RAY DIFFRACTION' ? 
c_improper_angle_d_na   ?     ?    ? ? 'X-RAY DIFFRACTION' ? 
c_improper_angle_d_prot ?     ?    ? ? 'X-RAY DIFFRACTION' ? 
c_mcbond_it             0.40  1.50 ? ? 'X-RAY DIFFRACTION' ? 
c_mcangle_it            0.72  2.00 ? ? 'X-RAY DIFFRACTION' ? 
c_scbond_it             0.69  2.00 ? ? 'X-RAY DIFFRACTION' ? 
c_scangle_it            1.12  2.50 ? ? 'X-RAY DIFFRACTION' ? 
# 
_refine_ls_shell.pdbx_total_number_of_bins_used   6 
_refine_ls_shell.d_res_high                       1.65 
_refine_ls_shell.d_res_low                        1.75 
_refine_ls_shell.number_reflns_R_work             3859 
_refine_ls_shell.R_factor_R_work                  0.2960000 
_refine_ls_shell.percent_reflns_obs               91.5 
_refine_ls_shell.R_factor_R_free                  0.3040000 
_refine_ls_shell.R_factor_R_free_error            0.025 
_refine_ls_shell.percent_reflns_R_free            3.7 
_refine_ls_shell.number_reflns_R_free             150 
_refine_ls_shell.redundancy_reflns_obs            ? 
_refine_ls_shell.number_reflns_all                ? 
_refine_ls_shell.number_reflns_obs                ? 
_refine_ls_shell.pdbx_refine_id                   'X-RAY DIFFRACTION' 
_refine_ls_shell.R_factor_all                     ? 
# 
loop_
_pdbx_xplor_file.serial_no 
_pdbx_xplor_file.param_file 
_pdbx_xplor_file.topol_file 
_pdbx_xplor_file.pdbx_refine_id 
1 PROTEIN_REP.PA PROTEIN.TOP   'X-RAY DIFFRACTION' 
2 WATER_REP.PARA WATER_REP.TOP 'X-RAY DIFFRACTION' 
# 
_struct.entry_id                  1CQM 
_struct.title                     
;PROTEIN AGGREGATION AND ALZHEIMER'S DISEASE: CRYSTALLOGRAPHIC ANALYSIS OF THE PHENOMENON. ENGINEERED VERSION OF THE RIBOSOMAL PROTEIN S6 USED AS A STABLE SCAFFOLD TO STUDY OLIGOMERIZATION.
;
_struct.pdbx_model_details        ? 
_struct.pdbx_CASP_flag            ? 
_struct.pdbx_model_type_details   ? 
# 
_struct_keywords.entry_id        1CQM 
_struct_keywords.pdbx_keywords   'RIBOSOMAL PROTEIN' 
_struct_keywords.text            'ALZHEIMER DISEASE, RIBOSOMAL PROTEIN S6, OLIGOMERIZATION, RIBOSOMAL PROTEIN' 
# 
loop_
_struct_asym.id 
_struct_asym.pdbx_blank_PDB_chainid_flag 
_struct_asym.pdbx_modified 
_struct_asym.entity_id 
_struct_asym.details 
A N N 1 ? 
B N N 1 ? 
C N N 2 ? 
D N N 2 ? 
# 
_struct_ref.id                         1 
_struct_ref.db_name                    UNP 
_struct_ref.db_code                    RS6_THETH 
_struct_ref.entity_id                  1 
_struct_ref.pdbx_seq_one_letter_code   ? 
_struct_ref.pdbx_align_begin           ? 
_struct_ref.pdbx_db_accession          P23370 
_struct_ref.pdbx_db_isoform            ? 
# 
loop_
_struct_ref_seq.align_id 
_struct_ref_seq.ref_id 
_struct_ref_seq.pdbx_PDB_id_code 
_struct_ref_seq.pdbx_strand_id 
_struct_ref_seq.seq_align_beg 
_struct_ref_seq.pdbx_seq_align_beg_ins_code 
_struct_ref_seq.seq_align_end 
_struct_ref_seq.pdbx_seq_align_end_ins_code 
_struct_ref_seq.pdbx_db_accession 
_struct_ref_seq.db_align_beg 
_struct_ref_seq.pdbx_db_align_beg_ins_code 
_struct_ref_seq.db_align_end 
_struct_ref_seq.pdbx_db_align_end_ins_code 
_struct_ref_seq.pdbx_auth_seq_align_beg 
_struct_ref_seq.pdbx_auth_seq_align_end 
1 1 1CQM A 1 ? 101 ? P23370 1 ? 101 ? 1 101 
2 1 1CQM B 1 ? 101 ? P23370 1 ? 101 ? 1 101 
# 
loop_
_struct_ref_seq_dif.align_id 
_struct_ref_seq_dif.pdbx_pdb_id_code 
_struct_ref_seq_dif.mon_id 
_struct_ref_seq_dif.pdbx_pdb_strand_id 
_struct_ref_seq_dif.seq_num 
_struct_ref_seq_dif.pdbx_pdb_ins_code 
_struct_ref_seq_dif.pdbx_seq_db_name 
_struct_ref_seq_dif.pdbx_seq_db_accession_code 
_struct_ref_seq_dif.db_mon_id 
_struct_ref_seq_dif.pdbx_seq_db_seq_num 
_struct_ref_seq_dif.details 
_struct_ref_seq_dif.pdbx_auth_seq_num 
_struct_ref_seq_dif.pdbx_ordinal 
1 1CQM ALA A 41 ? UNP P23370 GLU 41 'engineered mutation' 41 1 
1 1CQM ILE A 42 ? UNP P23370 GLU 42 'engineered mutation' 42 2 
2 1CQM ALA B 41 ? UNP P23370 GLU 41 'engineered mutation' 41 3 
2 1CQM ILE B 42 ? UNP P23370 GLU 42 'engineered mutation' 42 4 
# 
loop_
_pdbx_struct_assembly.id 
_pdbx_struct_assembly.details 
_pdbx_struct_assembly.method_details 
_pdbx_struct_assembly.oligomeric_details 
_pdbx_struct_assembly.oligomeric_count 
1 author_defined_assembly ? monomeric 1 
2 author_defined_assembly ? monomeric 1 
# 
loop_
_pdbx_struct_assembly_gen.assembly_id 
_pdbx_struct_assembly_gen.oper_expression 
_pdbx_struct_assembly_gen.asym_id_list 
1 1 A,C 
2 1 B,D 
# 
_pdbx_struct_oper_list.id                   1 
_pdbx_struct_oper_list.type                 'identity operation' 
_pdbx_struct_oper_list.name                 1_555 
_pdbx_struct_oper_list.symmetry_operation   x,y,z 
_pdbx_struct_oper_list.matrix[1][1]         1.0000000000 
_pdbx_struct_oper_list.matrix[1][2]         0.0000000000 
_pdbx_struct_oper_list.matrix[1][3]         0.0000000000 
_pdbx_struct_oper_list.vector[1]            0.0000000000 
_pdbx_struct_oper_list.matrix[2][1]         0.0000000000 
_pdbx_struct_oper_list.matrix[2][2]         1.0000000000 
_pdbx_struct_oper_list.matrix[2][3]         0.0000000000 
_pdbx_struct_oper_list.vector[2]            0.0000000000 
_pdbx_struct_oper_list.matrix[3][1]         0.0000000000 
_pdbx_struct_oper_list.matrix[3][2]         0.0000000000 
_pdbx_struct_oper_list.matrix[3][3]         1.0000000000 
_pdbx_struct_oper_list.vector[3]            0.0000000000 
# 
loop_
_struct_biol.id 
_struct_biol.details 
1 ? 
2 ? 
# 
loop_
_struct_conf.conf_type_id 
_struct_conf.id 
_struct_conf.pdbx_PDB_helix_id 
_struct_conf.beg_label_comp_id 
_struct_conf.beg_label_asym_id 
_struct_conf.beg_label_seq_id 
_struct_conf.pdbx_beg_PDB_ins_code 
_struct_conf.end_label_comp_id 
_struct_conf.end_label_asym_id 
_struct_conf.end_label_seq_id 
_struct_conf.pdbx_end_PDB_ins_code 
_struct_conf.beg_auth_comp_id 
_struct_conf.beg_auth_asym_id 
_struct_conf.beg_auth_seq_id 
_struct_conf.end_auth_comp_id 
_struct_conf.end_auth_asym_id 
_struct_conf.end_auth_seq_id 
_struct_conf.pdbx_PDB_helix_class 
_struct_conf.details 
_struct_conf.pdbx_PDB_helix_length 
HELX_P HELX_P1 1 ASP A 15 ? TYR A 33 ? ASP A 15 TYR A 33 1 ? 19 
HELX_P HELX_P2 2 PRO A 68 ? ASP A 70 ? PRO A 68 ASP A 70 5 ? 3  
HELX_P HELX_P3 3 ARG A 71 ? ILE A 81 ? ARG A 71 ILE A 81 1 ? 11 
HELX_P HELX_P4 4 ASP B 15 ? TYR B 33 ? ASP B 15 TYR B 33 1 ? 19 
HELX_P HELX_P5 5 PRO B 68 ? ASP B 70 ? PRO B 68 ASP B 70 5 ? 3  
HELX_P HELX_P6 6 ARG B 71 ? ILE B 81 ? ARG B 71 ILE B 81 1 ? 11 
# 
_struct_conf_type.id          HELX_P 
_struct_conf_type.criteria    ? 
_struct_conf_type.reference   ? 
# 
loop_
_struct_sheet.id 
_struct_sheet.type 
_struct_sheet.number_strands 
_struct_sheet.details 
A ? 4 ? 
B ? 4 ? 
# 
loop_
_struct_sheet_order.sheet_id 
_struct_sheet_order.range_id_1 
_struct_sheet_order.range_id_2 
_struct_sheet_order.offset 
_struct_sheet_order.sense 
A 1 2 ? anti-parallel 
A 2 3 ? anti-parallel 
A 3 4 ? anti-parallel 
B 1 2 ? anti-parallel 
B 2 3 ? anti-parallel 
B 3 4 ? anti-parallel 
# 
loop_
_struct_sheet_range.sheet_id 
_struct_sheet_range.id 
_struct_sheet_range.beg_label_comp_id 
_struct_sheet_range.beg_label_asym_id 
_struct_sheet_range.beg_label_seq_id 
_struct_sheet_range.pdbx_beg_PDB_ins_code 
_struct_sheet_range.end_label_comp_id 
_struct_sheet_range.end_label_asym_id 
_struct_sheet_range.end_label_seq_id 
_struct_sheet_range.pdbx_end_PDB_ins_code 
_struct_sheet_range.beg_auth_comp_id 
_struct_sheet_range.beg_auth_asym_id 
_struct_sheet_range.beg_auth_seq_id 
_struct_sheet_range.end_auth_comp_id 
_struct_sheet_range.end_auth_asym_id 
_struct_sheet_range.end_auth_seq_id 
A 1 ARG A 36 ? ILE A 52 ? ARG A 36 ILE A 52 
A 2 ASP A 55 ? MET A 67 ? ASP A 55 MET A 67 
A 3 ARG A 2  ? LEU A 10 ? ARG A 2  LEU A 10 
A 4 VAL A 85 ? LYS A 92 ? VAL A 85 LYS A 92 
B 1 ARG B 36 ? ILE B 52 ? ARG B 36 ILE B 52 
B 2 ASP B 55 ? MET B 67 ? ASP B 55 MET B 67 
B 3 ARG B 2  ? LEU B 10 ? ARG B 2  LEU B 10 
B 4 VAL B 85 ? LYS B 92 ? VAL B 85 LYS B 92 
# 
loop_
_pdbx_struct_sheet_hbond.sheet_id 
_pdbx_struct_sheet_hbond.range_id_1 
_pdbx_struct_sheet_hbond.range_id_2 
_pdbx_struct_sheet_hbond.range_1_label_atom_id 
_pdbx_struct_sheet_hbond.range_1_label_comp_id 
_pdbx_struct_sheet_hbond.range_1_label_asym_id 
_pdbx_struct_sheet_hbond.range_1_label_seq_id 
_pdbx_struct_sheet_hbond.range_1_PDB_ins_code 
_pdbx_struct_sheet_hbond.range_1_auth_atom_id 
_pdbx_struct_sheet_hbond.range_1_auth_comp_id 
_pdbx_struct_sheet_hbond.range_1_auth_asym_id 
_pdbx_struct_sheet_hbond.range_1_auth_seq_id 
_pdbx_struct_sheet_hbond.range_2_label_atom_id 
_pdbx_struct_sheet_hbond.range_2_label_comp_id 
_pdbx_struct_sheet_hbond.range_2_label_asym_id 
_pdbx_struct_sheet_hbond.range_2_label_seq_id 
_pdbx_struct_sheet_hbond.range_2_PDB_ins_code 
_pdbx_struct_sheet_hbond.range_2_auth_atom_id 
_pdbx_struct_sheet_hbond.range_2_auth_comp_id 
_pdbx_struct_sheet_hbond.range_2_auth_asym_id 
_pdbx_struct_sheet_hbond.range_2_auth_seq_id 
A 1 2 N ILE A 52 ? N ILE A 52 O ASP A 55 ? O ASP A 55 
A 2 3 N MET A 67 ? N MET A 67 O ARG A 2  ? O ARG A 2  
A 3 4 O VAL A 9  ? O VAL A 9  N ARG A 86 ? N ARG A 86 
B 1 2 N ILE B 52 ? N ILE B 52 O ASP B 55 ? O ASP B 55 
B 2 3 O MET B 67 ? O MET B 67 N ARG B 2  ? N ARG B 2  
B 3 4 O VAL B 9  ? O VAL B 9  N ARG B 86 ? N ARG B 86 
# 
_pdbx_validate_symm_contact.id                1 
_pdbx_validate_symm_contact.PDB_model_num     1 
_pdbx_validate_symm_contact.auth_atom_id_1    O 
_pdbx_validate_symm_contact.auth_asym_id_1    A 
_pdbx_validate_symm_contact.auth_comp_id_1    HOH 
_pdbx_validate_symm_contact.auth_seq_id_1     165 
_pdbx_validate_symm_contact.PDB_ins_code_1    ? 
_pdbx_validate_symm_contact.label_alt_id_1    ? 
_pdbx_validate_symm_contact.site_symmetry_1   1_555 
_pdbx_validate_symm_contact.auth_atom_id_2    O 
_pdbx_validate_symm_contact.auth_asym_id_2    A 
_pdbx_validate_symm_contact.auth_comp_id_2    HOH 
_pdbx_validate_symm_contact.auth_seq_id_2     165 
_pdbx_validate_symm_contact.PDB_ins_code_2    ? 
_pdbx_validate_symm_contact.label_alt_id_2    ? 
_pdbx_validate_symm_contact.site_symmetry_2   3_656 
_pdbx_validate_symm_contact.dist              2.00 
# 
loop_
_pdbx_unobs_or_zero_occ_residues.id 
_pdbx_unobs_or_zero_occ_residues.PDB_model_num 
_pdbx_unobs_or_zero_occ_residues.polymer_flag 
_pdbx_unobs_or_zero_occ_residues.occupancy_flag 
_pdbx_unobs_or_zero_occ_residues.auth_asym_id 
_pdbx_unobs_or_zero_occ_residues.auth_comp_id 
_pdbx_unobs_or_zero_occ_residues.auth_seq_id 
_pdbx_unobs_or_zero_occ_residues.PDB_ins_code 
_pdbx_unobs_or_zero_occ_residues.label_asym_id 
_pdbx_unobs_or_zero_occ_residues.label_comp_id 
_pdbx_unobs_or_zero_occ_residues.label_seq_id 
1 1 Y 1 A ALA 99  ? A ALA 99  
2 1 Y 1 A ASN 100 ? A ASN 100 
3 1 Y 1 A ALA 101 ? A ALA 101 
4 1 Y 1 B ALA 99  ? B ALA 99  
5 1 Y 1 B ASN 100 ? B ASN 100 
6 1 Y 1 B ALA 101 ? B ALA 101 
# 
loop_
_chem_comp_atom.comp_id 
_chem_comp_atom.atom_id 
_chem_comp_atom.type_symbol 
_chem_comp_atom.pdbx_aromatic_flag 
_chem_comp_atom.pdbx_stereo_config 
_chem_comp_atom.pdbx_ordinal 
ALA N    N N N 1   
ALA CA   C N S 2   
ALA C    C N N 3   
ALA O    O N N 4   
ALA CB   C N N 5   
ALA OXT  O N N 6   
ALA H    H N N 7   
ALA H2   H N N 8   
ALA HA   H N N 9   
ALA HB1  H N N 10  
ALA HB2  H N N 11  
ALA HB3  H N N 12  
ALA HXT  H N N 13  
ARG N    N N N 14  
ARG CA   C N S 15  
ARG C    C N N 16  
ARG O    O N N 17  
ARG CB   C N N 18  
ARG CG   C N N 19  
ARG CD   C N N 20  
ARG NE   N N N 21  
ARG CZ   C N N 22  
ARG NH1  N N N 23  
ARG NH2  N N N 24  
ARG OXT  O N N 25  
ARG H    H N N 26  
ARG H2   H N N 27  
ARG HA   H N N 28  
ARG HB2  H N N 29  
ARG HB3  H N N 30  
ARG HG2  H N N 31  
ARG HG3  H N N 32  
ARG HD2  H N N 33  
ARG HD3  H N N 34  
ARG HE   H N N 35  
ARG HH11 H N N 36  
ARG HH12 H N N 37  
ARG HH21 H N N 38  
ARG HH22 H N N 39  
ARG HXT  H N N 40  
ASN N    N N N 41  
ASN CA   C N S 42  
ASN C    C N N 43  
ASN O    O N N 44  
ASN CB   C N N 45  
ASN CG   C N N 46  
ASN OD1  O N N 47  
ASN ND2  N N N 48  
ASN OXT  O N N 49  
ASN H    H N N 50  
ASN H2   H N N 51  
ASN HA   H N N 52  
ASN HB2  H N N 53  
ASN HB3  H N N 54  
ASN HD21 H N N 55  
ASN HD22 H N N 56  
ASN HXT  H N N 57  
ASP N    N N N 58  
ASP CA   C N S 59  
ASP C    C N N 60  
ASP O    O N N 61  
ASP CB   C N N 62  
ASP CG   C N N 63  
ASP OD1  O N N 64  
ASP OD2  O N N 65  
ASP OXT  O N N 66  
ASP H    H N N 67  
ASP H2   H N N 68  
ASP HA   H N N 69  
ASP HB2  H N N 70  
ASP HB3  H N N 71  
ASP HD2  H N N 72  
ASP HXT  H N N 73  
GLN N    N N N 74  
GLN CA   C N S 75  
GLN C    C N N 76  
GLN O    O N N 77  
GLN CB   C N N 78  
GLN CG   C N N 79  
GLN CD   C N N 80  
GLN OE1  O N N 81  
GLN NE2  N N N 82  
GLN OXT  O N N 83  
GLN H    H N N 84  
GLN H2   H N N 85  
GLN HA   H N N 86  
GLN HB2  H N N 87  
GLN HB3  H N N 88  
GLN HG2  H N N 89  
GLN HG3  H N N 90  
GLN HE21 H N N 91  
GLN HE22 H N N 92  
GLN HXT  H N N 93  
GLU N    N N N 94  
GLU CA   C N S 95  
GLU C    C N N 96  
GLU O    O N N 97  
GLU CB   C N N 98  
GLU CG   C N N 99  
GLU CD   C N N 100 
GLU OE1  O N N 101 
GLU OE2  O N N 102 
GLU OXT  O N N 103 
GLU H    H N N 104 
GLU H2   H N N 105 
GLU HA   H N N 106 
GLU HB2  H N N 107 
GLU HB3  H N N 108 
GLU HG2  H N N 109 
GLU HG3  H N N 110 
GLU HE2  H N N 111 
GLU HXT  H N N 112 
GLY N    N N N 113 
GLY CA   C N N 114 
GLY C    C N N 115 
GLY O    O N N 116 
GLY OXT  O N N 117 
GLY H    H N N 118 
GLY H2   H N N 119 
GLY HA2  H N N 120 
GLY HA3  H N N 121 
GLY HXT  H N N 122 
HOH O    O N N 123 
HOH H1   H N N 124 
HOH H2   H N N 125 
ILE N    N N N 126 
ILE CA   C N S 127 
ILE C    C N N 128 
ILE O    O N N 129 
ILE CB   C N S 130 
ILE CG1  C N N 131 
ILE CG2  C N N 132 
ILE CD1  C N N 133 
ILE OXT  O N N 134 
ILE H    H N N 135 
ILE H2   H N N 136 
ILE HA   H N N 137 
ILE HB   H N N 138 
ILE HG12 H N N 139 
ILE HG13 H N N 140 
ILE HG21 H N N 141 
ILE HG22 H N N 142 
ILE HG23 H N N 143 
ILE HD11 H N N 144 
ILE HD12 H N N 145 
ILE HD13 H N N 146 
ILE HXT  H N N 147 
LEU N    N N N 148 
LEU CA   C N S 149 
LEU C    C N N 150 
LEU O    O N N 151 
LEU CB   C N N 152 
LEU CG   C N N 153 
LEU CD1  C N N 154 
LEU CD2  C N N 155 
LEU OXT  O N N 156 
LEU H    H N N 157 
LEU H2   H N N 158 
LEU HA   H N N 159 
LEU HB2  H N N 160 
LEU HB3  H N N 161 
LEU HG   H N N 162 
LEU HD11 H N N 163 
LEU HD12 H N N 164 
LEU HD13 H N N 165 
LEU HD21 H N N 166 
LEU HD22 H N N 167 
LEU HD23 H N N 168 
LEU HXT  H N N 169 
LYS N    N N N 170 
LYS CA   C N S 171 
LYS C    C N N 172 
LYS O    O N N 173 
LYS CB   C N N 174 
LYS CG   C N N 175 
LYS CD   C N N 176 
LYS CE   C N N 177 
LYS NZ   N N N 178 
LYS OXT  O N N 179 
LYS H    H N N 180 
LYS H2   H N N 181 
LYS HA   H N N 182 
LYS HB2  H N N 183 
LYS HB3  H N N 184 
LYS HG2  H N N 185 
LYS HG3  H N N 186 
LYS HD2  H N N 187 
LYS HD3  H N N 188 
LYS HE2  H N N 189 
LYS HE3  H N N 190 
LYS HZ1  H N N 191 
LYS HZ2  H N N 192 
LYS HZ3  H N N 193 
LYS HXT  H N N 194 
MET N    N N N 195 
MET CA   C N S 196 
MET C    C N N 197 
MET O    O N N 198 
MET CB   C N N 199 
MET CG   C N N 200 
MET SD   S N N 201 
MET CE   C N N 202 
MET OXT  O N N 203 
MET H    H N N 204 
MET H2   H N N 205 
MET HA   H N N 206 
MET HB2  H N N 207 
MET HB3  H N N 208 
MET HG2  H N N 209 
MET HG3  H N N 210 
MET HE1  H N N 211 
MET HE2  H N N 212 
MET HE3  H N N 213 
MET HXT  H N N 214 
PHE N    N N N 215 
PHE CA   C N S 216 
PHE C    C N N 217 
PHE O    O N N 218 
PHE CB   C N N 219 
PHE CG   C Y N 220 
PHE CD1  C Y N 221 
PHE CD2  C Y N 222 
PHE CE1  C Y N 223 
PHE CE2  C Y N 224 
PHE CZ   C Y N 225 
PHE OXT  O N N 226 
PHE H    H N N 227 
PHE H2   H N N 228 
PHE HA   H N N 229 
PHE HB2  H N N 230 
PHE HB3  H N N 231 
PHE HD1  H N N 232 
PHE HD2  H N N 233 
PHE HE1  H N N 234 
PHE HE2  H N N 235 
PHE HZ   H N N 236 
PHE HXT  H N N 237 
PRO N    N N N 238 
PRO CA   C N S 239 
PRO C    C N N 240 
PRO O    O N N 241 
PRO CB   C N N 242 
PRO CG   C N N 243 
PRO CD   C N N 244 
PRO OXT  O N N 245 
PRO H    H N N 246 
PRO HA   H N N 247 
PRO HB2  H N N 248 
PRO HB3  H N N 249 
PRO HG2  H N N 250 
PRO HG3  H N N 251 
PRO HD2  H N N 252 
PRO HD3  H N N 253 
PRO HXT  H N N 254 
SER N    N N N 255 
SER CA   C N S 256 
SER C    C N N 257 
SER O    O N N 258 
SER CB   C N N 259 
SER OG   O N N 260 
SER OXT  O N N 261 
SER H    H N N 262 
SER H2   H N N 263 
SER HA   H N N 264 
SER HB2  H N N 265 
SER HB3  H N N 266 
SER HG   H N N 267 
SER HXT  H N N 268 
TRP N    N N N 269 
TRP CA   C N S 270 
TRP C    C N N 271 
TRP O    O N N 272 
TRP CB   C N N 273 
TRP CG   C Y N 274 
TRP CD1  C Y N 275 
TRP CD2  C Y N 276 
TRP NE1  N Y N 277 
TRP CE2  C Y N 278 
TRP CE3  C Y N 279 
TRP CZ2  C Y N 280 
TRP CZ3  C Y N 281 
TRP CH2  C Y N 282 
TRP OXT  O N N 283 
TRP H    H N N 284 
TRP H2   H N N 285 
TRP HA   H N N 286 
TRP HB2  H N N 287 
TRP HB3  H N N 288 
TRP HD1  H N N 289 
TRP HE1  H N N 290 
TRP HE3  H N N 291 
TRP HZ2  H N N 292 
TRP HZ3  H N N 293 
TRP HH2  H N N 294 
TRP HXT  H N N 295 
TYR N    N N N 296 
TYR CA   C N S 297 
TYR C    C N N 298 
TYR O    O N N 299 
TYR CB   C N N 300 
TYR CG   C Y N 301 
TYR CD1  C Y N 302 
TYR CD2  C Y N 303 
TYR CE1  C Y N 304 
TYR CE2  C Y N 305 
TYR CZ   C Y N 306 
TYR OH   O N N 307 
TYR OXT  O N N 308 
TYR H    H N N 309 
TYR H2   H N N 310 
TYR HA   H N N 311 
TYR HB2  H N N 312 
TYR HB3  H N N 313 
TYR HD1  H N N 314 
TYR HD2  H N N 315 
TYR HE1  H N N 316 
TYR HE2  H N N 317 
TYR HH   H N N 318 
TYR HXT  H N N 319 
VAL N    N N N 320 
VAL CA   C N S 321 
VAL C    C N N 322 
VAL O    O N N 323 
VAL CB   C N N 324 
VAL CG1  C N N 325 
VAL CG2  C N N 326 
VAL OXT  O N N 327 
VAL H    H N N 328 
VAL H2   H N N 329 
VAL HA   H N N 330 
VAL HB   H N N 331 
VAL HG11 H N N 332 
VAL HG12 H N N 333 
VAL HG13 H N N 334 
VAL HG21 H N N 335 
VAL HG22 H N N 336 
VAL HG23 H N N 337 
VAL HXT  H N N 338 
# 
loop_
_chem_comp_bond.comp_id 
_chem_comp_bond.atom_id_1 
_chem_comp_bond.atom_id_2 
_chem_comp_bond.value_order 
_chem_comp_bond.pdbx_aromatic_flag 
_chem_comp_bond.pdbx_stereo_config 
_chem_comp_bond.pdbx_ordinal 
ALA N   CA   sing N N 1   
ALA N   H    sing N N 2   
ALA N   H2   sing N N 3   
ALA CA  C    sing N N 4   
ALA CA  CB   sing N N 5   
ALA CA  HA   sing N N 6   
ALA C   O    doub N N 7   
ALA C   OXT  sing N N 8   
ALA CB  HB1  sing N N 9   
ALA CB  HB2  sing N N 10  
ALA CB  HB3  sing N N 11  
ALA OXT HXT  sing N N 12  
ARG N   CA   sing N N 13  
ARG N   H    sing N N 14  
ARG N   H2   sing N N 15  
ARG CA  C    sing N N 16  
ARG CA  CB   sing N N 17  
ARG CA  HA   sing N N 18  
ARG C   O    doub N N 19  
ARG C   OXT  sing N N 20  
ARG CB  CG   sing N N 21  
ARG CB  HB2  sing N N 22  
ARG CB  HB3  sing N N 23  
ARG CG  CD   sing N N 24  
ARG CG  HG2  sing N N 25  
ARG CG  HG3  sing N N 26  
ARG CD  NE   sing N N 27  
ARG CD  HD2  sing N N 28  
ARG CD  HD3  sing N N 29  
ARG NE  CZ   sing N N 30  
ARG NE  HE   sing N N 31  
ARG CZ  NH1  sing N N 32  
ARG CZ  NH2  doub N N 33  
ARG NH1 HH11 sing N N 34  
ARG NH1 HH12 sing N N 35  
ARG NH2 HH21 sing N N 36  
ARG NH2 HH22 sing N N 37  
ARG OXT HXT  sing N N 38  
ASN N   CA   sing N N 39  
ASN N   H    sing N N 40  
ASN N   H2   sing N N 41  
ASN CA  C    sing N N 42  
ASN CA  CB   sing N N 43  
ASN CA  HA   sing N N 44  
ASN C   O    doub N N 45  
ASN C   OXT  sing N N 46  
ASN CB  CG   sing N N 47  
ASN CB  HB2  sing N N 48  
ASN CB  HB3  sing N N 49  
ASN CG  OD1  doub N N 50  
ASN CG  ND2  sing N N 51  
ASN ND2 HD21 sing N N 52  
ASN ND2 HD22 sing N N 53  
ASN OXT HXT  sing N N 54  
ASP N   CA   sing N N 55  
ASP N   H    sing N N 56  
ASP N   H2   sing N N 57  
ASP CA  C    sing N N 58  
ASP CA  CB   sing N N 59  
ASP CA  HA   sing N N 60  
ASP C   O    doub N N 61  
ASP C   OXT  sing N N 62  
ASP CB  CG   sing N N 63  
ASP CB  HB2  sing N N 64  
ASP CB  HB3  sing N N 65  
ASP CG  OD1  doub N N 66  
ASP CG  OD2  sing N N 67  
ASP OD2 HD2  sing N N 68  
ASP OXT HXT  sing N N 69  
GLN N   CA   sing N N 70  
GLN N   H    sing N N 71  
GLN N   H2   sing N N 72  
GLN CA  C    sing N N 73  
GLN CA  CB   sing N N 74  
GLN CA  HA   sing N N 75  
GLN C   O    doub N N 76  
GLN C   OXT  sing N N 77  
GLN CB  CG   sing N N 78  
GLN CB  HB2  sing N N 79  
GLN CB  HB3  sing N N 80  
GLN CG  CD   sing N N 81  
GLN CG  HG2  sing N N 82  
GLN CG  HG3  sing N N 83  
GLN CD  OE1  doub N N 84  
GLN CD  NE2  sing N N 85  
GLN NE2 HE21 sing N N 86  
GLN NE2 HE22 sing N N 87  
GLN OXT HXT  sing N N 88  
GLU N   CA   sing N N 89  
GLU N   H    sing N N 90  
GLU N   H2   sing N N 91  
GLU CA  C    sing N N 92  
GLU CA  CB   sing N N 93  
GLU CA  HA   sing N N 94  
GLU C   O    doub N N 95  
GLU C   OXT  sing N N 96  
GLU CB  CG   sing N N 97  
GLU CB  HB2  sing N N 98  
GLU CB  HB3  sing N N 99  
GLU CG  CD   sing N N 100 
GLU CG  HG2  sing N N 101 
GLU CG  HG3  sing N N 102 
GLU CD  OE1  doub N N 103 
GLU CD  OE2  sing N N 104 
GLU OE2 HE2  sing N N 105 
GLU OXT HXT  sing N N 106 
GLY N   CA   sing N N 107 
GLY N   H    sing N N 108 
GLY N   H2   sing N N 109 
GLY CA  C    sing N N 110 
GLY CA  HA2  sing N N 111 
GLY CA  HA3  sing N N 112 
GLY C   O    doub N N 113 
GLY C   OXT  sing N N 114 
GLY OXT HXT  sing N N 115 
HOH O   H1   sing N N 116 
HOH O   H2   sing N N 117 
ILE N   CA   sing N N 118 
ILE N   H    sing N N 119 
ILE N   H2   sing N N 120 
ILE CA  C    sing N N 121 
ILE CA  CB   sing N N 122 
ILE CA  HA   sing N N 123 
ILE C   O    doub N N 124 
ILE C   OXT  sing N N 125 
ILE CB  CG1  sing N N 126 
ILE CB  CG2  sing N N 127 
ILE CB  HB   sing N N 128 
ILE CG1 CD1  sing N N 129 
ILE CG1 HG12 sing N N 130 
ILE CG1 HG13 sing N N 131 
ILE CG2 HG21 sing N N 132 
ILE CG2 HG22 sing N N 133 
ILE CG2 HG23 sing N N 134 
ILE CD1 HD11 sing N N 135 
ILE CD1 HD12 sing N N 136 
ILE CD1 HD13 sing N N 137 
ILE OXT HXT  sing N N 138 
LEU N   CA   sing N N 139 
LEU N   H    sing N N 140 
LEU N   H2   sing N N 141 
LEU CA  C    sing N N 142 
LEU CA  CB   sing N N 143 
LEU CA  HA   sing N N 144 
LEU C   O    doub N N 145 
LEU C   OXT  sing N N 146 
LEU CB  CG   sing N N 147 
LEU CB  HB2  sing N N 148 
LEU CB  HB3  sing N N 149 
LEU CG  CD1  sing N N 150 
LEU CG  CD2  sing N N 151 
LEU CG  HG   sing N N 152 
LEU CD1 HD11 sing N N 153 
LEU CD1 HD12 sing N N 154 
LEU CD1 HD13 sing N N 155 
LEU CD2 HD21 sing N N 156 
LEU CD2 HD22 sing N N 157 
LEU CD2 HD23 sing N N 158 
LEU OXT HXT  sing N N 159 
LYS N   CA   sing N N 160 
LYS N   H    sing N N 161 
LYS N   H2   sing N N 162 
LYS CA  C    sing N N 163 
LYS CA  CB   sing N N 164 
LYS CA  HA   sing N N 165 
LYS C   O    doub N N 166 
LYS C   OXT  sing N N 167 
LYS CB  CG   sing N N 168 
LYS CB  HB2  sing N N 169 
LYS CB  HB3  sing N N 170 
LYS CG  CD   sing N N 171 
LYS CG  HG2  sing N N 172 
LYS CG  HG3  sing N N 173 
LYS CD  CE   sing N N 174 
LYS CD  HD2  sing N N 175 
LYS CD  HD3  sing N N 176 
LYS CE  NZ   sing N N 177 
LYS CE  HE2  sing N N 178 
LYS CE  HE3  sing N N 179 
LYS NZ  HZ1  sing N N 180 
LYS NZ  HZ2  sing N N 181 
LYS NZ  HZ3  sing N N 182 
LYS OXT HXT  sing N N 183 
MET N   CA   sing N N 184 
MET N   H    sing N N 185 
MET N   H2   sing N N 186 
MET CA  C    sing N N 187 
MET CA  CB   sing N N 188 
MET CA  HA   sing N N 189 
MET C   O    doub N N 190 
MET C   OXT  sing N N 191 
MET CB  CG   sing N N 192 
MET CB  HB2  sing N N 193 
MET CB  HB3  sing N N 194 
MET CG  SD   sing N N 195 
MET CG  HG2  sing N N 196 
MET CG  HG3  sing N N 197 
MET SD  CE   sing N N 198 
MET CE  HE1  sing N N 199 
MET CE  HE2  sing N N 200 
MET CE  HE3  sing N N 201 
MET OXT HXT  sing N N 202 
PHE N   CA   sing N N 203 
PHE N   H    sing N N 204 
PHE N   H2   sing N N 205 
PHE CA  C    sing N N 206 
PHE CA  CB   sing N N 207 
PHE CA  HA   sing N N 208 
PHE C   O    doub N N 209 
PHE C   OXT  sing N N 210 
PHE CB  CG   sing N N 211 
PHE CB  HB2  sing N N 212 
PHE CB  HB3  sing N N 213 
PHE CG  CD1  doub Y N 214 
PHE CG  CD2  sing Y N 215 
PHE CD1 CE1  sing Y N 216 
PHE CD1 HD1  sing N N 217 
PHE CD2 CE2  doub Y N 218 
PHE CD2 HD2  sing N N 219 
PHE CE1 CZ   doub Y N 220 
PHE CE1 HE1  sing N N 221 
PHE CE2 CZ   sing Y N 222 
PHE CE2 HE2  sing N N 223 
PHE CZ  HZ   sing N N 224 
PHE OXT HXT  sing N N 225 
PRO N   CA   sing N N 226 
PRO N   CD   sing N N 227 
PRO N   H    sing N N 228 
PRO CA  C    sing N N 229 
PRO CA  CB   sing N N 230 
PRO CA  HA   sing N N 231 
PRO C   O    doub N N 232 
PRO C   OXT  sing N N 233 
PRO CB  CG   sing N N 234 
PRO CB  HB2  sing N N 235 
PRO CB  HB3  sing N N 236 
PRO CG  CD   sing N N 237 
PRO CG  HG2  sing N N 238 
PRO CG  HG3  sing N N 239 
PRO CD  HD2  sing N N 240 
PRO CD  HD3  sing N N 241 
PRO OXT HXT  sing N N 242 
SER N   CA   sing N N 243 
SER N   H    sing N N 244 
SER N   H2   sing N N 245 
SER CA  C    sing N N 246 
SER CA  CB   sing N N 247 
SER CA  HA   sing N N 248 
SER C   O    doub N N 249 
SER C   OXT  sing N N 250 
SER CB  OG   sing N N 251 
SER CB  HB2  sing N N 252 
SER CB  HB3  sing N N 253 
SER OG  HG   sing N N 254 
SER OXT HXT  sing N N 255 
TRP N   CA   sing N N 256 
TRP N   H    sing N N 257 
TRP N   H2   sing N N 258 
TRP CA  C    sing N N 259 
TRP CA  CB   sing N N 260 
TRP CA  HA   sing N N 261 
TRP C   O    doub N N 262 
TRP C   OXT  sing N N 263 
TRP CB  CG   sing N N 264 
TRP CB  HB2  sing N N 265 
TRP CB  HB3  sing N N 266 
TRP CG  CD1  doub Y N 267 
TRP CG  CD2  sing Y N 268 
TRP CD1 NE1  sing Y N 269 
TRP CD1 HD1  sing N N 270 
TRP CD2 CE2  doub Y N 271 
TRP CD2 CE3  sing Y N 272 
TRP NE1 CE2  sing Y N 273 
TRP NE1 HE1  sing N N 274 
TRP CE2 CZ2  sing Y N 275 
TRP CE3 CZ3  doub Y N 276 
TRP CE3 HE3  sing N N 277 
TRP CZ2 CH2  doub Y N 278 
TRP CZ2 HZ2  sing N N 279 
TRP CZ3 CH2  sing Y N 280 
TRP CZ3 HZ3  sing N N 281 
TRP CH2 HH2  sing N N 282 
TRP OXT HXT  sing N N 283 
TYR N   CA   sing N N 284 
TYR N   H    sing N N 285 
TYR N   H2   sing N N 286 
TYR CA  C    sing N N 287 
TYR CA  CB   sing N N 288 
TYR CA  HA   sing N N 289 
TYR C   O    doub N N 290 
TYR C   OXT  sing N N 291 
TYR CB  CG   sing N N 292 
TYR CB  HB2  sing N N 293 
TYR CB  HB3  sing N N 294 
TYR CG  CD1  doub Y N 295 
TYR CG  CD2  sing Y N 296 
TYR CD1 CE1  sing Y N 297 
TYR CD1 HD1  sing N N 298 
TYR CD2 CE2  doub Y N 299 
TYR CD2 HD2  sing N N 300 
TYR CE1 CZ   doub Y N 301 
TYR CE1 HE1  sing N N 302 
TYR CE2 CZ   sing Y N 303 
TYR CE2 HE2  sing N N 304 
TYR CZ  OH   sing N N 305 
TYR OH  HH   sing N N 306 
TYR OXT HXT  sing N N 307 
VAL N   CA   sing N N 308 
VAL N   H    sing N N 309 
VAL N   H2   sing N N 310 
VAL CA  C    sing N N 311 
VAL CA  CB   sing N N 312 
VAL CA  HA   sing N N 313 
VAL C   O    doub N N 314 
VAL C   OXT  sing N N 315 
VAL CB  CG1  sing N N 316 
VAL CB  CG2  sing N N 317 
VAL CB  HB   sing N N 318 
VAL CG1 HG11 sing N N 319 
VAL CG1 HG12 sing N N 320 
VAL CG1 HG13 sing N N 321 
VAL CG2 HG21 sing N N 322 
VAL CG2 HG22 sing N N 323 
VAL CG2 HG23 sing N N 324 
VAL OXT HXT  sing N N 325 
# 
_atom_sites.entry_id                    1CQM 
_atom_sites.fract_transf_matrix[1][1]   0.00364153 
_atom_sites.fract_transf_matrix[1][2]   0.01250521 
_atom_sites.fract_transf_matrix[1][3]   -0.01461568 
_atom_sites.fract_transf_matrix[2][1]   0.00180288 
_atom_sites.fract_transf_matrix[2][2]   -0.00728503 
_atom_sites.fract_transf_matrix[2][3]   -0.00578390 
_atom_sites.fract_transf_matrix[3][1]   -0.01192403 
_atom_sites.fract_transf_matrix[3][2]   -0.00035265 
_atom_sites.fract_transf_matrix[3][3]   -0.00327262 
_atom_sites.fract_transf_vector[1]      0.286429 
_atom_sites.fract_transf_vector[2]      0.620019 
_atom_sites.fract_transf_vector[3]      0.959779 
# 
loop_
_atom_type.symbol 
C 
N 
O 
S 
# 
loop_
_atom_site.group_PDB 
_atom_site.id 
_atom_site.type_symbol 
_atom_site.label_atom_id 
_atom_site.label_alt_id 
_atom_site.label_comp_id 
_atom_site.label_asym_id 
_atom_site.label_entity_id 
_atom_site.label_seq_id 
_atom_site.pdbx_PDB_ins_code 
_atom_site.Cartn_x 
_atom_site.Cartn_y 
_atom_site.Cartn_z 
_atom_site.occupancy 
_atom_site.B_iso_or_equiv 
_atom_site.pdbx_formal_charge 
_atom_site.auth_seq_id 
_atom_site.auth_comp_id 
_atom_site.auth_asym_id 
_atom_site.auth_atom_id 
_atom_site.pdbx_PDB_model_num 
ATOM   1    N N   . MET A 1 1  ? 37.387  7.657   7.338   1.00 15.39 ? 1   MET A N   1 
ATOM   2    C CA  . MET A 1 1  ? 36.103  7.335   8.026   1.00 15.27 ? 1   MET A CA  1 
ATOM   3    C C   . MET A 1 1  ? 35.239  8.581   8.135   1.00 15.17 ? 1   MET A C   1 
ATOM   4    O O   . MET A 1 1  ? 35.718  9.648   8.516   1.00 15.45 ? 1   MET A O   1 
ATOM   5    C CB  . MET A 1 1  ? 36.375  6.791   9.430   1.00 15.51 ? 1   MET A CB  1 
ATOM   6    C CG  . MET A 1 1  ? 37.161  5.488   9.466   1.00 15.99 ? 1   MET A CG  1 
ATOM   7    S SD  . MET A 1 1  ? 36.238  4.073   8.834   1.00 16.23 ? 1   MET A SD  1 
ATOM   8    C CE  . MET A 1 1  ? 35.379  3.532   10.303  1.00 16.07 ? 1   MET A CE  1 
ATOM   9    N N   . ARG A 1 2  ? 33.963  8.439   7.793   1.00 14.79 ? 2   ARG A N   1 
ATOM   10   C CA  . ARG A 1 2  ? 33.012  9.543   7.862   1.00 14.67 ? 2   ARG A CA  1 
ATOM   11   C C   . ARG A 1 2  ? 31.723  8.968   8.437   1.00 13.80 ? 2   ARG A C   1 
ATOM   12   O O   . ARG A 1 2  ? 31.452  7.779   8.282   1.00 13.21 ? 2   ARG A O   1 
ATOM   13   C CB  . ARG A 1 2  ? 32.746  10.112  6.465   1.00 15.97 ? 2   ARG A CB  1 
ATOM   14   C CG  . ARG A 1 2  ? 33.993  10.536  5.699   1.00 18.02 ? 2   ARG A CG  1 
ATOM   15   C CD  . ARG A 1 2  ? 34.564  11.866  6.179   1.00 19.72 ? 2   ARG A CD  1 
ATOM   16   N NE  . ARG A 1 2  ? 34.785  11.895  7.620   1.00 21.30 ? 2   ARG A NE  1 
ATOM   17   C CZ  . ARG A 1 2  ? 35.552  12.785  8.241   1.00 21.95 ? 2   ARG A CZ  1 
ATOM   18   N NH1 . ARG A 1 2  ? 36.181  13.723  7.545   1.00 22.65 ? 2   ARG A NH1 1 
ATOM   19   N NH2 . ARG A 1 2  ? 35.676  12.748  9.564   1.00 22.45 ? 2   ARG A NH2 1 
ATOM   20   N N   . ARG A 1 3  ? 30.928  9.803   9.100   1.00 13.16 ? 3   ARG A N   1 
ATOM   21   C CA  . ARG A 1 3  ? 29.684  9.328   9.694   1.00 12.67 ? 3   ARG A CA  1 
ATOM   22   C C   . ARG A 1 3  ? 28.497  9.508   8.750   1.00 12.15 ? 3   ARG A C   1 
ATOM   23   O O   . ARG A 1 3  ? 28.278  10.592  8.205   1.00 11.58 ? 3   ARG A O   1 
ATOM   24   C CB  . ARG A 1 3  ? 29.441  10.050  11.018  1.00 13.32 ? 3   ARG A CB  1 
ATOM   25   C CG  . ARG A 1 3  ? 28.240  9.544   11.786  1.00 14.61 ? 3   ARG A CG  1 
ATOM   26   C CD  . ARG A 1 3  ? 28.269  10.024  13.235  1.00 15.23 ? 3   ARG A CD  1 
ATOM   27   N NE  . ARG A 1 3  ? 29.286  9.325   14.013  1.00 16.45 ? 3   ARG A NE  1 
ATOM   28   C CZ  . ARG A 1 3  ? 30.453  9.844   14.380  1.00 16.91 ? 3   ARG A CZ  1 
ATOM   29   N NH1 . ARG A 1 3  ? 30.767  11.090  14.047  1.00 17.60 ? 3   ARG A NH1 1 
ATOM   30   N NH2 . ARG A 1 3  ? 31.313  9.112   15.077  1.00 17.63 ? 3   ARG A NH2 1 
ATOM   31   N N   . TYR A 1 4  ? 27.737  8.434   8.554   1.00 11.58 ? 4   TYR A N   1 
ATOM   32   C CA  . TYR A 1 4  ? 26.583  8.453   7.659   1.00 11.22 ? 4   TYR A CA  1 
ATOM   33   C C   . TYR A 1 4  ? 25.365  7.809   8.293   1.00 11.00 ? 4   TYR A C   1 
ATOM   34   O O   . TYR A 1 4  ? 25.465  7.077   9.271   1.00 10.61 ? 4   TYR A O   1 
ATOM   35   C CB  . TYR A 1 4  ? 26.863  7.655   6.383   1.00 11.42 ? 4   TYR A CB  1 
ATOM   36   C CG  . TYR A 1 4  ? 28.026  8.140   5.566   1.00 11.52 ? 4   TYR A CG  1 
ATOM   37   C CD1 . TYR A 1 4  ? 27.856  9.123   4.594   1.00 12.04 ? 4   TYR A CD1 1 
ATOM   38   C CD2 . TYR A 1 4  ? 29.297  7.612   5.767   1.00 12.08 ? 4   TYR A CD2 1 
ATOM   39   C CE1 . TYR A 1 4  ? 28.932  9.572   3.836   1.00 12.30 ? 4   TYR A CE1 1 
ATOM   40   C CE2 . TYR A 1 4  ? 30.383  8.051   5.018   1.00 12.58 ? 4   TYR A CE2 1 
ATOM   41   C CZ  . TYR A 1 4  ? 30.192  9.026   4.058   1.00 12.58 ? 4   TYR A CZ  1 
ATOM   42   O OH  . TYR A 1 4  ? 31.260  9.462   3.318   1.00 13.54 ? 4   TYR A OH  1 
ATOM   43   N N   . GLU A 1 5  ? 24.219  8.080   7.690   1.00 11.17 ? 5   GLU A N   1 
ATOM   44   C CA  . GLU A 1 5  ? 22.962  7.490   8.108   1.00 11.19 ? 5   GLU A CA  1 
ATOM   45   C C   . GLU A 1 5  ? 22.520  6.655   6.916   1.00 11.04 ? 5   GLU A C   1 
ATOM   46   O O   . GLU A 1 5  ? 22.357  7.169   5.814   1.00 10.75 ? 5   GLU A O   1 
ATOM   47   C CB  . GLU A 1 5  ? 21.939  8.575   8.439   1.00 11.82 ? 5   GLU A CB  1 
ATOM   48   C CG  . GLU A 1 5  ? 22.165  9.184   9.820   1.00 12.42 ? 5   GLU A CG  1 
ATOM   49   C CD  . GLU A 1 5  ? 21.086  10.173  10.218  1.00 13.14 ? 5   GLU A CD  1 
ATOM   50   O OE1 . GLU A 1 5  ? 19.931  10.024  9.763   1.00 13.48 ? 5   GLU A OE1 1 
ATOM   51   O OE2 . GLU A 1 5  ? 21.386  11.094  11.008  1.00 13.81 ? 5   GLU A OE2 1 
ATOM   52   N N   . VAL A 1 6  ? 22.361  5.357   7.143   1.00 10.93 ? 6   VAL A N   1 
ATOM   53   C CA  . VAL A 1 6  ? 21.961  4.431   6.091   1.00 10.89 ? 6   VAL A CA  1 
ATOM   54   C C   . VAL A 1 6  ? 20.481  4.128   6.247   1.00 10.96 ? 6   VAL A C   1 
ATOM   55   O O   . VAL A 1 6  ? 20.062  3.529   7.240   1.00 11.05 ? 6   VAL A O   1 
ATOM   56   C CB  . VAL A 1 6  ? 22.767  3.115   6.183   1.00 10.84 ? 6   VAL A CB  1 
ATOM   57   C CG1 . VAL A 1 6  ? 22.386  2.188   5.043   1.00 11.02 ? 6   VAL A CG1 1 
ATOM   58   C CG2 . VAL A 1 6  ? 24.260  3.417   6.147   1.00 10.96 ? 6   VAL A CG2 1 
ATOM   59   N N   . ASN A 1 7  ? 19.698  4.564   5.263   1.00 11.09 ? 7   ASN A N   1 
ATOM   60   C CA  . ASN A 1 7  ? 18.253  4.367   5.252   1.00 11.32 ? 7   ASN A CA  1 
ATOM   61   C C   . ASN A 1 7  ? 17.889  3.251   4.287   1.00 11.05 ? 7   ASN A C   1 
ATOM   62   O O   . ASN A 1 7  ? 18.142  3.342   3.082   1.00 11.08 ? 7   ASN A O   1 
ATOM   63   C CB  . ASN A 1 7  ? 17.561  5.662   4.842   1.00 12.09 ? 7   ASN A CB  1 
ATOM   64   C CG  . ASN A 1 7  ? 17.798  6.780   5.831   1.00 12.75 ? 7   ASN A CG  1 
ATOM   65   O OD1 . ASN A 1 7  ? 17.139  6.860   6.867   1.00 13.94 ? 7   ASN A OD1 1 
ATOM   66   N ND2 . ASN A 1 7  ? 18.760  7.641   5.526   1.00 13.57 ? 7   ASN A ND2 1 
ATOM   67   N N   . ILE A 1 8  ? 17.282  2.198   4.818   1.00 10.86 ? 8   ILE A N   1 
ATOM   68   C CA  . ILE A 1 8  ? 16.912  1.049   4.002   1.00 10.71 ? 8   ILE A CA  1 
ATOM   69   C C   . ILE A 1 8  ? 15.427  0.735   4.076   1.00 10.65 ? 8   ILE A C   1 
ATOM   70   O O   . ILE A 1 8  ? 14.858  0.675   5.161   1.00 10.92 ? 8   ILE A O   1 
ATOM   71   C CB  . ILE A 1 8  ? 17.698  -0.197  4.450   1.00 10.63 ? 8   ILE A CB  1 
ATOM   72   C CG1 . ILE A 1 8  ? 19.199  0.074   4.318   1.00 10.64 ? 8   ILE A CG1 1 
ATOM   73   C CG2 . ILE A 1 8  ? 17.277  -1.414  3.624   1.00 10.57 ? 8   ILE A CG2 1 
ATOM   74   C CD1 . ILE A 1 8  ? 20.055  -1.017  4.858   1.00 10.95 ? 8   ILE A CD1 1 
ATOM   75   N N   . VAL A 1 9  ? 14.812  0.548   2.913   1.00 10.62 ? 9   VAL A N   1 
ATOM   76   C CA  . VAL A 1 9  ? 13.392  0.214   2.827   1.00 10.66 ? 9   VAL A CA  1 
ATOM   77   C C   . VAL A 1 9  ? 13.275  -1.207  2.285   1.00 11.00 ? 9   VAL A C   1 
ATOM   78   O O   . VAL A 1 9  ? 13.829  -1.526  1.232   1.00 10.78 ? 9   VAL A O   1 
ATOM   79   C CB  . VAL A 1 9  ? 12.629  1.165   1.873   1.00 10.80 ? 9   VAL A CB  1 
ATOM   80   C CG1 . VAL A 1 9  ? 11.159  0.760   1.792   1.00 10.92 ? 9   VAL A CG1 1 
ATOM   81   C CG2 . VAL A 1 9  ? 12.742  2.596   2.365   1.00 10.52 ? 9   VAL A CG2 1 
ATOM   82   N N   . LEU A 1 10 ? 12.543  -2.047  3.012   1.00 11.34 ? 10  LEU A N   1 
ATOM   83   C CA  . LEU A 1 10 ? 12.348  -3.436  2.628   1.00 12.11 ? 10  LEU A CA  1 
ATOM   84   C C   . LEU A 1 10 ? 10.918  -3.715  2.203   1.00 12.60 ? 10  LEU A C   1 
ATOM   85   O O   . LEU A 1 10 ? 10.002  -2.956  2.504   1.00 12.33 ? 10  LEU A O   1 
ATOM   86   C CB  . LEU A 1 10 ? 12.695  -4.361  3.800   1.00 11.91 ? 10  LEU A CB  1 
ATOM   87   C CG  . LEU A 1 10 ? 14.109  -4.316  4.385   1.00 12.03 ? 10  LEU A CG  1 
ATOM   88   C CD1 . LEU A 1 10 ? 14.187  -5.232  5.602   1.00 12.34 ? 10  LEU A CD1 1 
ATOM   89   C CD2 . LEU A 1 10 ? 15.111  -4.732  3.323   1.00 11.94 ? 10  LEU A CD2 1 
ATOM   90   N N   . ASN A 1 11 ? 10.754  -4.821  1.485   1.00 13.38 ? 11  ASN A N   1 
ATOM   91   C CA  . ASN A 1 11 ? 9.461   -5.295  1.023   1.00 14.45 ? 11  ASN A CA  1 
ATOM   92   C C   . ASN A 1 11 ? 8.599   -5.356  2.286   1.00 15.28 ? 11  ASN A C   1 
ATOM   93   O O   . ASN A 1 11 ? 8.981   -5.991  3.265   1.00 15.28 ? 11  ASN A O   1 
ATOM   94   C CB  . ASN A 1 11 ? 9.670   -6.679  0.406   1.00 14.72 ? 11  ASN A CB  1 
ATOM   95   C CG  . ASN A 1 11 ? 8.381   -7.405  0.111   1.00 15.10 ? 11  ASN A CG  1 
ATOM   96   O OD1 . ASN A 1 11 ? 7.292   -6.878  0.315   1.00 15.70 ? 11  ASN A OD1 1 
ATOM   97   N ND2 . ASN A 1 11 ? 8.504   -8.632  -0.378  1.00 15.70 ? 11  ASN A ND2 1 
ATOM   98   N N   . PRO A 1 12 ? 7.435   -4.683  2.282   1.00 16.00 ? 12  PRO A N   1 
ATOM   99   C CA  . PRO A 1 12 ? 6.530   -4.658  3.437   1.00 16.96 ? 12  PRO A CA  1 
ATOM   100  C C   . PRO A 1 12 ? 5.778   -5.960  3.706   1.00 17.94 ? 12  PRO A C   1 
ATOM   101  O O   . PRO A 1 12 ? 5.099   -6.085  4.725   1.00 17.77 ? 12  PRO A O   1 
ATOM   102  C CB  . PRO A 1 12 ? 5.582   -3.518  3.092   1.00 16.75 ? 12  PRO A CB  1 
ATOM   103  C CG  . PRO A 1 12 ? 5.429   -3.685  1.614   1.00 16.39 ? 12  PRO A CG  1 
ATOM   104  C CD  . PRO A 1 12 ? 6.871   -3.895  1.169   1.00 16.09 ? 12  PRO A CD  1 
ATOM   105  N N   . ASN A 1 13 ? 5.920   -6.924  2.802   1.00 19.11 ? 13  ASN A N   1 
ATOM   106  C CA  . ASN A 1 13 ? 5.229   -8.211  2.907   1.00 20.55 ? 13  ASN A CA  1 
ATOM   107  C C   . ASN A 1 13 ? 6.074   -9.347  3.489   1.00 21.20 ? 13  ASN A C   1 
ATOM   108  O O   . ASN A 1 13 ? 5.660   -10.506 3.465   1.00 21.53 ? 13  ASN A O   1 
ATOM   109  C CB  . ASN A 1 13 ? 4.720   -8.619  1.523   1.00 20.96 ? 13  ASN A CB  1 
ATOM   110  C CG  . ASN A 1 13 ? 3.956   -7.507  0.836   1.00 21.40 ? 13  ASN A CG  1 
ATOM   111  O OD1 . ASN A 1 13 ? 2.892   -7.096  1.301   1.00 21.93 ? 13  ASN A OD1 1 
ATOM   112  N ND2 . ASN A 1 13 ? 4.502   -7.002  -0.269  1.00 21.98 ? 13  ASN A ND2 1 
ATOM   113  N N   . LEU A 1 14 ? 7.251   -9.023  4.010   1.00 22.09 ? 14  LEU A N   1 
ATOM   114  C CA  . LEU A 1 14 ? 8.134   -10.033 4.579   1.00 22.90 ? 14  LEU A CA  1 
ATOM   115  C C   . LEU A 1 14 ? 7.693   -10.453 5.972   1.00 23.76 ? 14  LEU A C   1 
ATOM   116  O O   . LEU A 1 14 ? 7.159   -9.646  6.733   1.00 23.92 ? 14  LEU A O   1 
ATOM   117  C CB  . LEU A 1 14 ? 9.565   -9.501  4.673   1.00 22.59 ? 14  LEU A CB  1 
ATOM   118  C CG  . LEU A 1 14 ? 10.273  -9.018  3.411   1.00 22.36 ? 14  LEU A CG  1 
ATOM   119  C CD1 . LEU A 1 14 ? 11.648  -8.503  3.806   1.00 22.21 ? 14  LEU A CD1 1 
ATOM   120  C CD2 . LEU A 1 14 ? 10.382  -10.142 2.392   1.00 22.31 ? 14  LEU A CD2 1 
ATOM   121  N N   . ASP A 1 15 ? 7.908   -11.721 6.304   1.00 24.80 ? 15  ASP A N   1 
ATOM   122  C CA  . ASP A 1 15 ? 7.564   -12.198 7.636   1.00 25.88 ? 15  ASP A CA  1 
ATOM   123  C C   . ASP A 1 15 ? 8.797   -11.949 8.502   1.00 26.24 ? 15  ASP A C   1 
ATOM   124  O O   . ASP A 1 15 ? 9.900   -11.794 7.978   1.00 26.24 ? 15  ASP A O   1 
ATOM   125  C CB  . ASP A 1 15 ? 7.188   -13.688 7.614   1.00 26.50 ? 15  ASP A CB  1 
ATOM   126  C CG  . ASP A 1 15 ? 8.302   -14.572 7.095   1.00 27.28 ? 15  ASP A CG  1 
ATOM   127  O OD1 . ASP A 1 15 ? 8.058   -15.787 6.918   1.00 27.89 ? 15  ASP A OD1 1 
ATOM   128  O OD2 . ASP A 1 15 ? 9.418   -14.061 6.866   1.00 27.79 ? 15  ASP A OD2 1 
ATOM   129  N N   . GLN A 1 16 ? 8.614   -11.902 9.818   1.00 26.70 ? 16  GLN A N   1 
ATOM   130  C CA  . GLN A 1 16 ? 9.722   -11.631 10.726  1.00 27.09 ? 16  GLN A CA  1 
ATOM   131  C C   . GLN A 1 16 ? 10.964  -12.479 10.470  1.00 27.07 ? 16  GLN A C   1 
ATOM   132  O O   . GLN A 1 16 ? 12.081  -12.053 10.768  1.00 27.16 ? 16  GLN A O   1 
ATOM   133  C CB  . GLN A 1 16 ? 9.257   -11.778 12.182  1.00 27.50 ? 16  GLN A CB  1 
ATOM   134  C CG  . GLN A 1 16 ? 8.571   -13.090 12.518  1.00 27.95 ? 16  GLN A CG  1 
ATOM   135  C CD  . GLN A 1 16 ? 8.001   -13.103 13.932  1.00 28.21 ? 16  GLN A CD  1 
ATOM   136  O OE1 . GLN A 1 16 ? 7.403   -14.088 14.363  1.00 28.40 ? 16  GLN A OE1 1 
ATOM   137  N NE2 . GLN A 1 16 ? 8.185   -12.005 14.656  1.00 28.24 ? 16  GLN A NE2 1 
ATOM   138  N N   . SER A 1 17 ? 10.776  -13.667 9.904   1.00 27.00 ? 17  SER A N   1 
ATOM   139  C CA  . SER A 1 17 ? 11.895  -14.556 9.607   1.00 26.79 ? 17  SER A CA  1 
ATOM   140  C C   . SER A 1 17 ? 12.702  -14.047 8.406   1.00 26.52 ? 17  SER A C   1 
ATOM   141  O O   . SER A 1 17 ? 13.932  -13.979 8.460   1.00 26.54 ? 17  SER A O   1 
ATOM   142  C CB  . SER A 1 17 ? 11.381  -15.972 9.330   1.00 27.00 ? 17  SER A CB  1 
ATOM   143  O OG  . SER A 1 17 ? 12.446  -16.899 9.205   1.00 27.27 ? 17  SER A OG  1 
ATOM   144  N N   . GLN A 1 18 ? 12.005  -13.702 7.325   1.00 26.09 ? 18  GLN A N   1 
ATOM   145  C CA  . GLN A 1 18 ? 12.650  -13.190 6.114   1.00 25.68 ? 18  GLN A CA  1 
ATOM   146  C C   . GLN A 1 18 ? 13.237  -11.809 6.386   1.00 25.14 ? 18  GLN A C   1 
ATOM   147  O O   . GLN A 1 18 ? 14.263  -11.426 5.820   1.00 24.99 ? 18  GLN A O   1 
ATOM   148  C CB  . GLN A 1 18 ? 11.632  -13.074 4.980   1.00 26.11 ? 18  GLN A CB  1 
ATOM   149  C CG  . GLN A 1 18 ? 11.059  -14.390 4.502   1.00 26.62 ? 18  GLN A CG  1 
ATOM   150  C CD  . GLN A 1 18 ? 9.844   -14.190 3.619   1.00 26.97 ? 18  GLN A CD  1 
ATOM   151  O OE1 . GLN A 1 18 ? 8.854   -13.584 4.041   1.00 27.22 ? 18  GLN A OE1 1 
ATOM   152  N NE2 . GLN A 1 18 ? 9.909   -14.696 2.392   1.00 27.08 ? 18  GLN A NE2 1 
ATOM   153  N N   . LEU A 1 19 ? 12.557  -11.065 7.250   1.00 24.57 ? 19  LEU A N   1 
ATOM   154  C CA  . LEU A 1 19 ? 12.979  -9.727  7.630   1.00 24.07 ? 19  LEU A CA  1 
ATOM   155  C C   . LEU A 1 19 ? 14.340  -9.822  8.310   1.00 23.56 ? 19  LEU A C   1 
ATOM   156  O O   . LEU A 1 19 ? 15.251  -9.049  8.023   1.00 23.39 ? 19  LEU A O   1 
ATOM   157  C CB  . LEU A 1 19 ? 11.970  -9.135  8.610   1.00 24.52 ? 19  LEU A CB  1 
ATOM   158  C CG  . LEU A 1 19 ? 11.610  -7.662  8.493   1.00 25.01 ? 19  LEU A CG  1 
ATOM   159  C CD1 . LEU A 1 19 ? 10.542  -7.481  7.419   1.00 25.21 ? 19  LEU A CD1 1 
ATOM   160  C CD2 . LEU A 1 19 ? 11.093  -7.174  9.836   1.00 25.12 ? 19  LEU A CD2 1 
ATOM   161  N N   . ALA A 1 20 ? 14.458  -10.786 9.220   1.00 22.99 ? 20  ALA A N   1 
ATOM   162  C CA  . ALA A 1 20 ? 15.687  -11.014 9.970   1.00 22.46 ? 20  ALA A CA  1 
ATOM   163  C C   . ALA A 1 20 ? 16.844  -11.373 9.049   1.00 22.02 ? 20  ALA A C   1 
ATOM   164  O O   . ALA A 1 20 ? 17.976  -10.949 9.270   1.00 22.01 ? 20  ALA A O   1 
ATOM   165  C CB  . ALA A 1 20 ? 15.468  -12.126 11.002  1.00 22.46 ? 20  ALA A CB  1 
ATOM   166  N N   . LEU A 1 21 ? 16.562  -12.162 8.020   1.00 21.50 ? 21  LEU A N   1 
ATOM   167  C CA  . LEU A 1 21 ? 17.597  -12.548 7.074   1.00 21.22 ? 21  LEU A CA  1 
ATOM   168  C C   . LEU A 1 21 ? 18.165  -11.301 6.396   1.00 20.67 ? 21  LEU A C   1 
ATOM   169  O O   . LEU A 1 21 ? 19.381  -11.121 6.332   1.00 20.68 ? 21  LEU A O   1 
ATOM   170  C CB  . LEU A 1 21 ? 17.037  -13.496 6.007   1.00 21.60 ? 21  LEU A CB  1 
ATOM   171  C CG  . LEU A 1 21 ? 18.022  -13.884 4.903   1.00 21.95 ? 21  LEU A CG  1 
ATOM   172  C CD1 . LEU A 1 21 ? 19.187  -14.644 5.515   1.00 22.05 ? 21  LEU A CD1 1 
ATOM   173  C CD2 . LEU A 1 21 ? 17.321  -14.735 3.853   1.00 22.18 ? 21  LEU A CD2 1 
ATOM   174  N N   . GLU A 1 22 ? 17.276  -10.444 5.898   1.00 20.04 ? 22  GLU A N   1 
ATOM   175  C CA  . GLU A 1 22 ? 17.693  -9.214  5.225   1.00 19.41 ? 22  GLU A CA  1 
ATOM   176  C C   . GLU A 1 22 ? 18.543  -8.344  6.147   1.00 19.38 ? 22  GLU A C   1 
ATOM   177  O O   . GLU A 1 22 ? 19.543  -7.769  5.720   1.00 18.99 ? 22  GLU A O   1 
ATOM   178  C CB  . GLU A 1 22 ? 16.472  -8.412  4.757   1.00 19.18 ? 22  GLU A CB  1 
ATOM   179  C CG  . GLU A 1 22 ? 15.591  -9.110  3.729   1.00 18.58 ? 22  GLU A CG  1 
ATOM   180  C CD  . GLU A 1 22 ? 16.335  -9.498  2.465   1.00 18.40 ? 22  GLU A CD  1 
ATOM   181  O OE1 . GLU A 1 22 ? 17.285  -8.790  2.072   1.00 18.41 ? 22  GLU A OE1 1 
ATOM   182  O OE2 . GLU A 1 22 ? 15.958  -10.511 1.844   1.00 18.27 ? 22  GLU A OE2 1 
ATOM   183  N N   . LYS A 1 23 ? 18.143  -8.249  7.412   1.00 19.49 ? 23  LYS A N   1 
ATOM   184  C CA  . LYS A 1 23 ? 18.881  -7.446  8.379   1.00 19.80 ? 23  LYS A CA  1 
ATOM   185  C C   . LYS A 1 23 ? 20.265  -8.043  8.624   1.00 19.74 ? 23  LYS A C   1 
ATOM   186  O O   . LYS A 1 23 ? 21.252  -7.323  8.771   1.00 19.64 ? 23  LYS A O   1 
ATOM   187  C CB  . LYS A 1 23 ? 18.102  -7.363  9.698   1.00 20.25 ? 23  LYS A CB  1 
ATOM   188  C CG  . LYS A 1 23 ? 16.727  -6.726  9.561   1.00 20.79 ? 23  LYS A CG  1 
ATOM   189  C CD  . LYS A 1 23 ? 15.970  -6.709  10.890  1.00 21.53 ? 23  LYS A CD  1 
ATOM   190  C CE  . LYS A 1 23 ? 16.452  -5.591  11.806  1.00 21.96 ? 23  LYS A CE  1 
ATOM   191  N NZ  . LYS A 1 23 ? 17.912  -5.651  12.073  1.00 22.67 ? 23  LYS A NZ  1 
ATOM   192  N N   . GLU A 1 24 ? 20.339  -9.366  8.667   1.00 19.80 ? 24  GLU A N   1 
ATOM   193  C CA  . GLU A 1 24 ? 21.610  -10.035 8.891   1.00 19.94 ? 24  GLU A CA  1 
ATOM   194  C C   . GLU A 1 24 ? 22.542  -9.812  7.696   1.00 19.33 ? 24  GLU A C   1 
ATOM   195  O O   . GLU A 1 24 ? 23.748  -9.619  7.856   1.00 19.13 ? 24  GLU A O   1 
ATOM   196  C CB  . GLU A 1 24 ? 21.359  -11.524 9.112   1.00 20.98 ? 24  GLU A CB  1 
ATOM   197  C CG  . GLU A 1 24 ? 22.504  -12.265 9.748   1.00 22.53 ? 24  GLU A CG  1 
ATOM   198  C CD  . GLU A 1 24 ? 22.017  -13.409 10.606  1.00 23.26 ? 24  GLU A CD  1 
ATOM   199  O OE1 . GLU A 1 24 ? 21.550  -13.148 11.739  1.00 24.11 ? 24  GLU A OE1 1 
ATOM   200  O OE2 . GLU A 1 24 ? 22.089  -14.566 10.140  1.00 24.05 ? 24  GLU A OE2 1 
ATOM   201  N N   . ILE A 1 25 ? 21.970  -9.834  6.498   1.00 18.71 ? 25  ILE A N   1 
ATOM   202  C CA  . ILE A 1 25 ? 22.737  -9.616  5.282   1.00 18.09 ? 25  ILE A CA  1 
ATOM   203  C C   . ILE A 1 25 ? 23.227  -8.167  5.244   1.00 17.75 ? 25  ILE A C   1 
ATOM   204  O O   . ILE A 1 25 ? 24.341  -7.886  4.801   1.00 17.18 ? 25  ILE A O   1 
ATOM   205  C CB  . ILE A 1 25 ? 21.869  -9.929  4.050   1.00 18.36 ? 25  ILE A CB  1 
ATOM   206  C CG1 . ILE A 1 25 ? 21.566  -11.429 4.027   1.00 18.41 ? 25  ILE A CG1 1 
ATOM   207  C CG2 . ILE A 1 25 ? 22.571  -9.480  2.782   1.00 18.49 ? 25  ILE A CG2 1 
ATOM   208  C CD1 . ILE A 1 25 ? 20.523  -11.832 3.022   1.00 18.31 ? 25  ILE A CD1 1 
ATOM   209  N N   . ILE A 1 26 ? 22.386  -7.250  5.716   1.00 17.38 ? 26  ILE A N   1 
ATOM   210  C CA  . ILE A 1 26 ? 22.743  -5.837  5.766   1.00 17.35 ? 26  ILE A CA  1 
ATOM   211  C C   . ILE A 1 26 ? 23.893  -5.653  6.754   1.00 17.55 ? 26  ILE A C   1 
ATOM   212  O O   . ILE A 1 26 ? 24.848  -4.919  6.491   1.00 17.55 ? 26  ILE A O   1 
ATOM   213  C CB  . ILE A 1 26 ? 21.538  -4.980  6.215   1.00 16.94 ? 26  ILE A CB  1 
ATOM   214  C CG1 . ILE A 1 26 ? 20.501  -4.933  5.090   1.00 16.78 ? 26  ILE A CG1 1 
ATOM   215  C CG2 . ILE A 1 26 ? 21.997  -3.577  6.610   1.00 16.79 ? 26  ILE A CG2 1 
ATOM   216  C CD1 . ILE A 1 26 ? 19.158  -4.349  5.490   1.00 16.28 ? 26  ILE A CD1 1 
ATOM   217  N N   . GLN A 1 27 ? 23.792  -6.329  7.893   1.00 18.02 ? 27  GLN A N   1 
ATOM   218  C CA  . GLN A 1 27 ? 24.822  -6.256  8.922   1.00 18.42 ? 27  GLN A CA  1 
ATOM   219  C C   . GLN A 1 27 ? 26.156  -6.774  8.396   1.00 18.12 ? 27  GLN A C   1 
ATOM   220  O O   . GLN A 1 27 ? 27.212  -6.199  8.670   1.00 17.95 ? 27  GLN A O   1 
ATOM   221  C CB  . GLN A 1 27 ? 24.398  -7.069  10.148  1.00 19.45 ? 27  GLN A CB  1 
ATOM   222  C CG  . GLN A 1 27 ? 23.382  -6.387  11.051  1.00 21.22 ? 27  GLN A CG  1 
ATOM   223  C CD  . GLN A 1 27 ? 23.945  -5.158  11.743  1.00 22.00 ? 27  GLN A CD  1 
ATOM   224  O OE1 . GLN A 1 27 ? 25.107  -5.139  12.153  1.00 23.05 ? 27  GLN A OE1 1 
ATOM   225  N NE2 . GLN A 1 27 ? 23.119  -4.132  11.892  1.00 22.79 ? 27  GLN A NE2 1 
ATOM   226  N N   . ARG A 1 28 ? 26.115  -7.866  7.635   1.00 17.73 ? 28  ARG A N   1 
ATOM   227  C CA  . ARG A 1 28 ? 27.341  -8.432  7.089   1.00 17.45 ? 28  ARG A CA  1 
ATOM   228  C C   . ARG A 1 28 ? 27.949  -7.472  6.074   1.00 17.06 ? 28  ARG A C   1 
ATOM   229  O O   . ARG A 1 28 ? 29.162  -7.291  6.027   1.00 16.91 ? 28  ARG A O   1 
ATOM   230  C CB  . ARG A 1 28 ? 27.073  -9.780  6.412   1.00 17.93 ? 28  ARG A CB  1 
ATOM   231  C CG  . ARG A 1 28 ? 28.340  -10.439 5.885   1.00 18.60 ? 28  ARG A CG  1 
ATOM   232  C CD  . ARG A 1 28 ? 28.080  -11.800 5.265   1.00 19.08 ? 28  ARG A CD  1 
ATOM   233  N NE  . ARG A 1 28 ? 27.244  -11.710 4.072   1.00 19.53 ? 28  ARG A NE  1 
ATOM   234  C CZ  . ARG A 1 28 ? 26.978  -12.738 3.272   1.00 19.82 ? 28  ARG A CZ  1 
ATOM   235  N NH1 . ARG A 1 28 ? 27.487  -13.934 3.539   1.00 19.77 ? 28  ARG A NH1 1 
ATOM   236  N NH2 . ARG A 1 28 ? 26.206  -12.568 2.204   1.00 19.93 ? 28  ARG A NH2 1 
ATOM   237  N N   . ALA A 1 29 ? 27.095  -6.859  5.262   1.00 16.73 ? 29  ALA A N   1 
ATOM   238  C CA  . ALA A 1 29 ? 27.567  -5.919  4.258   1.00 16.42 ? 29  ALA A CA  1 
ATOM   239  C C   . ALA A 1 29 ? 28.253  -4.735  4.933   1.00 16.24 ? 29  ALA A C   1 
ATOM   240  O O   . ALA A 1 29 ? 29.347  -4.335  4.535   1.00 16.19 ? 29  ALA A O   1 
ATOM   241  C CB  . ALA A 1 29 ? 26.406  -5.441  3.400   1.00 16.29 ? 29  ALA A CB  1 
ATOM   242  N N   . LEU A 1 30 ? 27.615  -4.182  5.957   1.00 16.32 ? 30  LEU A N   1 
ATOM   243  C CA  . LEU A 1 30 ? 28.186  -3.048  6.677   1.00 16.62 ? 30  LEU A CA  1 
ATOM   244  C C   . LEU A 1 30 ? 29.583  -3.391  7.189   1.00 17.00 ? 30  LEU A C   1 
ATOM   245  O O   . LEU A 1 30 ? 30.515  -2.609  7.025   1.00 17.14 ? 30  LEU A O   1 
ATOM   246  C CB  . LEU A 1 30 ? 27.281  -2.649  7.847   1.00 16.30 ? 30  LEU A CB  1 
ATOM   247  C CG  . LEU A 1 30 ? 25.944  -2.006  7.456   1.00 16.37 ? 30  LEU A CG  1 
ATOM   248  C CD1 . LEU A 1 30 ? 25.054  -1.839  8.688   1.00 16.00 ? 30  LEU A CD1 1 
ATOM   249  C CD2 . LEU A 1 30 ? 26.209  -0.657  6.797   1.00 16.37 ? 30  LEU A CD2 1 
ATOM   250  N N   . GLU A 1 31 ? 29.726  -4.562  7.800   1.00 17.55 ? 31  GLU A N   1 
ATOM   251  C CA  . GLU A 1 31 ? 31.023  -4.981  8.324   1.00 18.22 ? 31  GLU A CA  1 
ATOM   252  C C   . GLU A 1 31 ? 32.017  -5.212  7.197   1.00 18.30 ? 31  GLU A C   1 
ATOM   253  O O   . GLU A 1 31 ? 33.185  -4.835  7.305   1.00 18.08 ? 31  GLU A O   1 
ATOM   254  C CB  . GLU A 1 31 ? 30.890  -6.271  9.139   1.00 19.11 ? 31  GLU A CB  1 
ATOM   255  C CG  . GLU A 1 31 ? 32.214  -6.774  9.730   1.00 20.71 ? 31  GLU A CG  1 
ATOM   256  C CD  . GLU A 1 31 ? 32.757  -5.875  10.835  1.00 21.61 ? 31  GLU A CD  1 
ATOM   257  O OE1 . GLU A 1 31 ? 32.053  -5.687  11.852  1.00 22.58 ? 31  GLU A OE1 1 
ATOM   258  O OE2 . GLU A 1 31 ? 33.890  -5.359  10.693  1.00 22.71 ? 31  GLU A OE2 1 
ATOM   259  N N   . ASN A 1 32 ? 31.553  -5.833  6.117   1.00 18.34 ? 32  ASN A N   1 
ATOM   260  C CA  . ASN A 1 32 ? 32.407  -6.129  4.974   1.00 18.55 ? 32  ASN A CA  1 
ATOM   261  C C   . ASN A 1 32 ? 32.925  -4.896  4.257   1.00 18.29 ? 32  ASN A C   1 
ATOM   262  O O   . ASN A 1 32 ? 34.006  -4.924  3.669   1.00 18.39 ? 32  ASN A O   1 
ATOM   263  C CB  . ASN A 1 32 ? 31.669  -7.037  3.986   1.00 19.34 ? 32  ASN A CB  1 
ATOM   264  C CG  . ASN A 1 32 ? 31.578  -8.477  4.473   1.00 19.96 ? 32  ASN A CG  1 
ATOM   265  O OD1 . ASN A 1 32 ? 30.912  -9.317  3.864   1.00 20.50 ? 32  ASN A OD1 1 
ATOM   266  N ND2 . ASN A 1 32 ? 32.258  -8.767  5.576   1.00 20.42 ? 32  ASN A ND2 1 
ATOM   267  N N   . TYR A 1 33 ? 32.152  -3.815  4.302   1.00 17.89 ? 33  TYR A N   1 
ATOM   268  C CA  . TYR A 1 33 ? 32.566  -2.577  3.656   1.00 17.60 ? 33  TYR A CA  1 
ATOM   269  C C   . TYR A 1 33 ? 33.229  -1.587  4.608   1.00 17.30 ? 33  TYR A C   1 
ATOM   270  O O   . TYR A 1 33 ? 33.342  -0.400  4.308   1.00 17.39 ? 33  TYR A O   1 
ATOM   271  C CB  . TYR A 1 33 ? 31.384  -1.943  2.924   1.00 17.59 ? 33  TYR A CB  1 
ATOM   272  C CG  . TYR A 1 33 ? 31.017  -2.727  1.683   1.00 17.80 ? 33  TYR A CG  1 
ATOM   273  C CD1 . TYR A 1 33 ? 30.233  -3.879  1.768   1.00 17.85 ? 33  TYR A CD1 1 
ATOM   274  C CD2 . TYR A 1 33 ? 31.524  -2.367  0.436   1.00 17.81 ? 33  TYR A CD2 1 
ATOM   275  C CE1 . TYR A 1 33 ? 29.968  -4.656  0.642   1.00 18.00 ? 33  TYR A CE1 1 
ATOM   276  C CE2 . TYR A 1 33 ? 31.268  -3.138  -0.696  1.00 17.86 ? 33  TYR A CE2 1 
ATOM   277  C CZ  . TYR A 1 33 ? 30.491  -4.282  -0.584  1.00 17.98 ? 33  TYR A CZ  1 
ATOM   278  O OH  . TYR A 1 33 ? 30.252  -5.059  -1.695  1.00 18.31 ? 33  TYR A OH  1 
ATOM   279  N N   . GLY A 1 34 ? 33.677  -2.099  5.754   1.00 17.15 ? 34  GLY A N   1 
ATOM   280  C CA  . GLY A 1 34 ? 34.384  -1.292  6.733   1.00 16.86 ? 34  GLY A CA  1 
ATOM   281  C C   . GLY A 1 34 ? 33.605  -0.392  7.666   1.00 16.70 ? 34  GLY A C   1 
ATOM   282  O O   . GLY A 1 34 ? 34.191  0.474   8.317   1.00 16.30 ? 34  GLY A O   1 
ATOM   283  N N   . ALA A 1 35 ? 32.297  -0.590  7.761   1.00 16.72 ? 35  ALA A N   1 
ATOM   284  C CA  . ALA A 1 35 ? 31.492  0.257   8.622   1.00 16.93 ? 35  ALA A CA  1 
ATOM   285  C C   . ALA A 1 35 ? 31.474  -0.148  10.088  1.00 17.12 ? 35  ALA A C   1 
ATOM   286  O O   . ALA A 1 35 ? 31.567  -1.323  10.434  1.00 17.27 ? 35  ALA A O   1 
ATOM   287  C CB  . ALA A 1 35 ? 30.067  0.321   8.097   1.00 16.68 ? 35  ALA A CB  1 
ATOM   288  N N   . ARG A 1 36 ? 31.363  0.860   10.942  1.00 17.34 ? 36  ARG A N   1 
ATOM   289  C CA  . ARG A 1 36 ? 31.268  0.675   12.378  1.00 17.61 ? 36  ARG A CA  1 
ATOM   290  C C   . ARG A 1 36 ? 29.837  1.092   12.665  1.00 17.18 ? 36  ARG A C   1 
ATOM   291  O O   . ARG A 1 36 ? 29.480  2.251   12.459  1.00 16.92 ? 36  ARG A O   1 
ATOM   292  C CB  . ARG A 1 36 ? 32.232  1.610   13.109  1.00 18.67 ? 36  ARG A CB  1 
ATOM   293  C CG  . ARG A 1 36 ? 33.670  1.135   13.135  1.00 20.16 ? 36  ARG A CG  1 
ATOM   294  C CD  . ARG A 1 36 ? 34.607  2.264   13.547  1.00 21.72 ? 36  ARG A CD  1 
ATOM   295  N NE  . ARG A 1 36 ? 35.815  1.756   14.191  1.00 23.17 ? 36  ARG A NE  1 
ATOM   296  C CZ  . ARG A 1 36 ? 35.866  1.353   15.455  1.00 23.66 ? 36  ARG A CZ  1 
ATOM   297  N NH1 . ARG A 1 36 ? 34.780  1.406   16.215  1.00 24.24 ? 36  ARG A NH1 1 
ATOM   298  N NH2 . ARG A 1 36 ? 36.998  0.890   15.967  1.00 24.44 ? 36  ARG A NH2 1 
ATOM   299  N N   . VAL A 1 37 ? 29.008  0.156   13.114  1.00 16.90 ? 37  VAL A N   1 
ATOM   300  C CA  . VAL A 1 37 ? 27.619  0.489   13.395  1.00 16.73 ? 37  VAL A CA  1 
ATOM   301  C C   . VAL A 1 37 ? 27.496  1.074   14.798  1.00 16.71 ? 37  VAL A C   1 
ATOM   302  O O   . VAL A 1 37 ? 27.784  0.401   15.788  1.00 16.52 ? 37  VAL A O   1 
ATOM   303  C CB  . VAL A 1 37 ? 26.707  -0.751  13.251  1.00 16.73 ? 37  VAL A CB  1 
ATOM   304  C CG1 . VAL A 1 37 ? 25.265  -0.380  13.563  1.00 16.96 ? 37  VAL A CG1 1 
ATOM   305  C CG2 . VAL A 1 37 ? 26.811  -1.303  11.838  1.00 16.77 ? 37  VAL A CG2 1 
ATOM   306  N N   . GLU A 1 38 ? 27.076  2.337   14.868  1.00 16.50 ? 38  GLU A N   1 
ATOM   307  C CA  . GLU A 1 38 ? 26.925  3.039   16.140  1.00 16.38 ? 38  GLU A CA  1 
ATOM   308  C C   . GLU A 1 38 ? 25.514  2.969   16.715  1.00 16.38 ? 38  GLU A C   1 
ATOM   309  O O   . GLU A 1 38 ? 25.336  2.972   17.930  1.00 16.37 ? 38  GLU A O   1 
ATOM   310  C CB  . GLU A 1 38 ? 27.336  4.503   15.980  1.00 16.67 ? 38  GLU A CB  1 
ATOM   311  C CG  . GLU A 1 38 ? 28.713  4.684   15.355  1.00 16.86 ? 38  GLU A CG  1 
ATOM   312  C CD  . GLU A 1 38 ? 29.141  6.135   15.282  1.00 17.22 ? 38  GLU A CD  1 
ATOM   313  O OE1 . GLU A 1 38 ? 28.345  6.979   14.823  1.00 17.10 ? 38  GLU A OE1 1 
ATOM   314  O OE2 . GLU A 1 38 ? 30.289  6.431   15.676  1.00 17.71 ? 38  GLU A OE2 1 
ATOM   315  N N   . LYS A 1 39 ? 24.512  2.914   15.843  1.00 16.28 ? 39  LYS A N   1 
ATOM   316  C CA  . LYS A 1 39 ? 23.127  2.849   16.296  1.00 16.34 ? 39  LYS A CA  1 
ATOM   317  C C   . LYS A 1 39 ? 22.230  2.265   15.208  1.00 16.19 ? 39  LYS A C   1 
ATOM   318  O O   . LYS A 1 39 ? 22.437  2.508   14.019  1.00 15.82 ? 39  LYS A O   1 
ATOM   319  C CB  . LYS A 1 39 ? 22.639  4.255   16.688  1.00 16.69 ? 39  LYS A CB  1 
ATOM   320  C CG  . LYS A 1 39 ? 21.292  4.295   17.411  1.00 17.26 ? 39  LYS A CG  1 
ATOM   321  C CD  . LYS A 1 39 ? 20.878  5.741   17.674  1.00 17.99 ? 39  LYS A CD  1 
ATOM   322  C CE  . LYS A 1 39 ? 19.579  5.842   18.454  1.00 18.43 ? 39  LYS A CE  1 
ATOM   323  N NZ  . LYS A 1 39 ? 19.753  5.337   19.842  1.00 19.10 ? 39  LYS A NZ  1 
ATOM   324  N N   . VAL A 1 40 ? 21.242  1.478   15.622  1.00 16.21 ? 40  VAL A N   1 
ATOM   325  C CA  . VAL A 1 40 ? 20.298  0.866   14.693  1.00 16.31 ? 40  VAL A CA  1 
ATOM   326  C C   . VAL A 1 40 ? 18.878  1.172   15.156  1.00 16.27 ? 40  VAL A C   1 
ATOM   327  O O   . VAL A 1 40 ? 18.591  1.177   16.356  1.00 16.22 ? 40  VAL A O   1 
ATOM   328  C CB  . VAL A 1 40 ? 20.460  -0.674  14.632  1.00 16.67 ? 40  VAL A CB  1 
ATOM   329  C CG1 . VAL A 1 40 ? 19.522  -1.255  13.573  1.00 16.84 ? 40  VAL A CG1 1 
ATOM   330  C CG2 . VAL A 1 40 ? 21.904  -1.042  14.332  1.00 16.95 ? 40  VAL A CG2 1 
ATOM   331  N N   . ALA A 1 41 ? 17.990  1.435   14.207  1.00 16.03 ? 41  ALA A N   1 
ATOM   332  C CA  . ALA A 1 41 ? 16.605  1.725   14.543  1.00 16.00 ? 41  ALA A CA  1 
ATOM   333  C C   . ALA A 1 41 ? 15.693  0.994   13.581  1.00 16.07 ? 41  ALA A C   1 
ATOM   334  O O   . ALA A 1 41 ? 15.897  1.033   12.372  1.00 15.74 ? 41  ALA A O   1 
ATOM   335  C CB  . ALA A 1 41 ? 16.348  3.225   14.470  1.00 15.91 ? 41  ALA A CB  1 
ATOM   336  N N   . ILE A 1 42 ? 14.701  0.303   14.126  1.00 16.14 ? 42  ILE A N   1 
ATOM   337  C CA  . ILE A 1 42 ? 13.733  -0.407  13.304  1.00 16.36 ? 42  ILE A CA  1 
ATOM   338  C C   . ILE A 1 42 ? 12.509  0.494   13.300  1.00 16.29 ? 42  ILE A C   1 
ATOM   339  O O   . ILE A 1 42 ? 11.739  0.518   14.260  1.00 16.53 ? 42  ILE A O   1 
ATOM   340  C CB  . ILE A 1 42 ? 13.368  -1.773  13.909  1.00 16.68 ? 42  ILE A CB  1 
ATOM   341  C CG1 . ILE A 1 42 ? 14.631  -2.624  14.065  1.00 16.94 ? 42  ILE A CG1 1 
ATOM   342  C CG2 . ILE A 1 42 ? 12.362  -2.487  13.006  1.00 16.76 ? 42  ILE A CG2 1 
ATOM   343  C CD1 . ILE A 1 42 ? 14.369  -4.013  14.634  1.00 17.23 ? 42  ILE A CD1 1 
ATOM   344  N N   . LEU A 1 43 ? 12.348  1.255   12.224  1.00 16.02 ? 43  LEU A N   1 
ATOM   345  C CA  . LEU A 1 43 ? 11.237  2.187   12.108  1.00 15.87 ? 43  LEU A CA  1 
ATOM   346  C C   . LEU A 1 43 ? 9.919   1.513   11.751  1.00 15.64 ? 43  LEU A C   1 
ATOM   347  O O   . LEU A 1 43 ? 8.854   1.941   12.199  1.00 15.88 ? 43  LEU A O   1 
ATOM   348  C CB  . LEU A 1 43 ? 11.583  3.258   11.074  1.00 15.91 ? 43  LEU A CB  1 
ATOM   349  C CG  . LEU A 1 43 ? 12.920  3.960   11.334  1.00 16.05 ? 43  LEU A CG  1 
ATOM   350  C CD1 . LEU A 1 43 ? 13.161  5.029   10.279  1.00 16.22 ? 43  LEU A CD1 1 
ATOM   351  C CD2 . LEU A 1 43 ? 12.910  4.571   12.732  1.00 16.34 ? 43  LEU A CD2 1 
ATOM   352  N N   . GLY A 1 44 ? 9.983   0.460   10.944  1.00 15.47 ? 44  GLY A N   1 
ATOM   353  C CA  . GLY A 1 44 ? 8.768   -0.244  10.579  1.00 15.12 ? 44  GLY A CA  1 
ATOM   354  C C   . GLY A 1 44 ? 8.084   0.259   9.324   1.00 14.81 ? 44  GLY A C   1 
ATOM   355  O O   . GLY A 1 44 ? 8.696   0.900   8.479   1.00 14.47 ? 44  GLY A O   1 
ATOM   356  N N   . LEU A 1 45 ? 6.789   -0.020  9.216   1.00 14.56 ? 45  LEU A N   1 
ATOM   357  C CA  . LEU A 1 45 ? 6.018   0.362   8.040   1.00 14.37 ? 45  LEU A CA  1 
ATOM   358  C C   . LEU A 1 45 ? 5.691   1.843   7.890   1.00 14.01 ? 45  LEU A C   1 
ATOM   359  O O   . LEU A 1 45 ? 5.255   2.503   8.835   1.00 13.98 ? 45  LEU A O   1 
ATOM   360  C CB  . LEU A 1 45 ? 4.719   -0.446  8.000   1.00 14.73 ? 45  LEU A CB  1 
ATOM   361  C CG  . LEU A 1 45 ? 4.881   -1.964  7.872   1.00 15.02 ? 45  LEU A CG  1 
ATOM   362  C CD1 . LEU A 1 45 ? 3.527   -2.645  8.057   1.00 15.35 ? 45  LEU A CD1 1 
ATOM   363  C CD2 . LEU A 1 45 ? 5.454   -2.297  6.510   1.00 15.06 ? 45  LEU A CD2 1 
ATOM   364  N N   . ARG A 1 46 ? 5.907   2.349   6.680   1.00 13.65 ? 46  ARG A N   1 
ATOM   365  C CA  . ARG A 1 46 ? 5.625   3.738   6.345   1.00 13.26 ? 46  ARG A CA  1 
ATOM   366  C C   . ARG A 1 46 ? 5.125   3.751   4.912   1.00 12.94 ? 46  ARG A C   1 
ATOM   367  O O   . ARG A 1 46 ? 5.496   2.894   4.116   1.00 12.58 ? 46  ARG A O   1 
ATOM   368  C CB  . ARG A 1 46 ? 6.888   4.599   6.428   1.00 13.65 ? 46  ARG A CB  1 
ATOM   369  C CG  . ARG A 1 46 ? 7.581   4.588   7.769   1.00 14.13 ? 46  ARG A CG  1 
ATOM   370  C CD  . ARG A 1 46 ? 8.823   5.471   7.742   1.00 14.50 ? 46  ARG A CD  1 
ATOM   371  N NE  . ARG A 1 46 ? 8.491   6.889   7.652   1.00 15.24 ? 46  ARG A NE  1 
ATOM   372  C CZ  . ARG A 1 46 ? 9.387   7.866   7.741   1.00 15.74 ? 46  ARG A CZ  1 
ATOM   373  N NH1 . ARG A 1 46 ? 10.667  7.575   7.919   1.00 16.23 ? 46  ARG A NH1 1 
ATOM   374  N NH2 . ARG A 1 46 ? 9.004   9.133   7.671   1.00 15.97 ? 46  ARG A NH2 1 
ATOM   375  N N   . ARG A 1 47 ? 4.268   4.709   4.594   1.00 12.73 ? 47  ARG A N   1 
ATOM   376  C CA  . ARG A 1 47 ? 3.760   4.842   3.244   1.00 12.77 ? 47  ARG A CA  1 
ATOM   377  C C   . ARG A 1 47 ? 4.844   5.554   2.442   1.00 12.74 ? 47  ARG A C   1 
ATOM   378  O O   . ARG A 1 47 ? 5.339   6.599   2.853   1.00 12.87 ? 47  ARG A O   1 
ATOM   379  C CB  . ARG A 1 47 ? 2.478   5.666   3.244   1.00 13.06 ? 47  ARG A CB  1 
ATOM   380  C CG  . ARG A 1 47 ? 1.958   5.967   1.856   1.00 13.78 ? 47  ARG A CG  1 
ATOM   381  C CD  . ARG A 1 47 ? 0.656   6.726   1.946   1.00 14.52 ? 47  ARG A CD  1 
ATOM   382  N NE  . ARG A 1 47 ? -0.392  5.914   2.555   1.00 15.27 ? 47  ARG A NE  1 
ATOM   383  C CZ  . ARG A 1 47 ? -1.610  6.363   2.841   1.00 15.67 ? 47  ARG A CZ  1 
ATOM   384  N NH1 . ARG A 1 47 ? -1.930  7.624   2.584   1.00 15.94 ? 47  ARG A NH1 1 
ATOM   385  N NH2 . ARG A 1 47 ? -2.511  5.545   3.369   1.00 16.12 ? 47  ARG A NH2 1 
ATOM   386  N N   . LEU A 1 48 ? 5.216   4.992   1.298   1.00 12.68 ? 48  LEU A N   1 
ATOM   387  C CA  . LEU A 1 48 ? 6.267   5.583   0.470   1.00 12.36 ? 48  LEU A CA  1 
ATOM   388  C C   . LEU A 1 48 ? 5.864   6.853   -0.282  1.00 12.22 ? 48  LEU A C   1 
ATOM   389  O O   . LEU A 1 48 ? 4.688   7.080   -0.578  1.00 12.17 ? 48  LEU A O   1 
ATOM   390  C CB  . LEU A 1 48 ? 6.770   4.547   -0.540  1.00 12.41 ? 48  LEU A CB  1 
ATOM   391  C CG  . LEU A 1 48 ? 7.265   3.217   0.031   1.00 12.52 ? 48  LEU A CG  1 
ATOM   392  C CD1 . LEU A 1 48 ? 7.676   2.290   -1.107  1.00 12.50 ? 48  LEU A CD1 1 
ATOM   393  C CD2 . LEU A 1 48 ? 8.422   3.467   0.969   1.00 12.84 ? 48  LEU A CD2 1 
ATOM   394  N N   . ALA A 1 49 ? 6.857   7.680   -0.598  1.00 12.27 ? 49  ALA A N   1 
ATOM   395  C CA  . ALA A 1 49 ? 6.613   8.909   -1.348  1.00 12.13 ? 49  ALA A CA  1 
ATOM   396  C C   . ALA A 1 49 ? 5.947   8.516   -2.663  1.00 12.20 ? 49  ALA A C   1 
ATOM   397  O O   . ALA A 1 49 ? 5.126   9.249   -3.212  1.00 12.40 ? 49  ALA A O   1 
ATOM   398  C CB  . ALA A 1 49 ? 7.938   9.639   -1.611  1.00 12.34 ? 49  ALA A CB  1 
ATOM   399  N N   . TYR A 1 50 ? 6.329   7.352   -3.171  1.00 11.96 ? 50  TYR A N   1 
ATOM   400  C CA  . TYR A 1 50 ? 5.761   6.807   -4.397  1.00 11.88 ? 50  TYR A CA  1 
ATOM   401  C C   . TYR A 1 50 ? 5.974   5.292   -4.335  1.00 11.88 ? 50  TYR A C   1 
ATOM   402  O O   . TYR A 1 50 ? 6.969   4.817   -3.791  1.00 11.86 ? 50  TYR A O   1 
ATOM   403  C CB  . TYR A 1 50 ? 6.421   7.437   -5.632  1.00 12.04 ? 50  TYR A CB  1 
ATOM   404  C CG  . TYR A 1 50 ? 7.918   7.262   -5.710  1.00 12.32 ? 50  TYR A CG  1 
ATOM   405  C CD1 . TYR A 1 50 ? 8.474   6.065   -6.162  1.00 12.56 ? 50  TYR A CD1 1 
ATOM   406  C CD2 . TYR A 1 50 ? 8.782   8.287   -5.307  1.00 12.35 ? 50  TYR A CD2 1 
ATOM   407  C CE1 . TYR A 1 50 ? 9.859   5.885   -6.214  1.00 12.97 ? 50  TYR A CE1 1 
ATOM   408  C CE2 . TYR A 1 50 ? 10.170  8.114   -5.353  1.00 12.80 ? 50  TYR A CE2 1 
ATOM   409  C CZ  . TYR A 1 50 ? 10.699  6.908   -5.807  1.00 13.16 ? 50  TYR A CZ  1 
ATOM   410  O OH  . TYR A 1 50 ? 12.066  6.708   -5.842  1.00 13.67 ? 50  TYR A OH  1 
ATOM   411  N N   . PRO A 1 51 ? 5.020   4.515   -4.863  1.00 11.97 ? 51  PRO A N   1 
ATOM   412  C CA  . PRO A 1 51 ? 5.129   3.051   -4.842  1.00 11.79 ? 51  PRO A CA  1 
ATOM   413  C C   . PRO A 1 51 ? 6.362   2.491   -5.531  1.00 11.91 ? 51  PRO A C   1 
ATOM   414  O O   . PRO A 1 51 ? 6.794   3.000   -6.560  1.00 11.33 ? 51  PRO A O   1 
ATOM   415  C CB  . PRO A 1 51 ? 3.833   2.599   -5.509  1.00 12.05 ? 51  PRO A CB  1 
ATOM   416  C CG  . PRO A 1 51 ? 3.529   3.723   -6.457  1.00 12.23 ? 51  PRO A CG  1 
ATOM   417  C CD  . PRO A 1 51 ? 3.837   4.945   -5.631  1.00 11.82 ? 51  PRO A CD  1 
ATOM   418  N N   . ILE A 1 52 ? 6.925   1.443   -4.943  1.00 12.18 ? 52  ILE A N   1 
ATOM   419  C CA  . ILE A 1 52 ? 8.094   0.778   -5.503  1.00 12.81 ? 52  ILE A CA  1 
ATOM   420  C C   . ILE A 1 52 ? 7.720   -0.691  -5.616  1.00 13.35 ? 52  ILE A C   1 
ATOM   421  O O   . ILE A 1 52 ? 7.233   -1.285  -4.655  1.00 13.13 ? 52  ILE A O   1 
ATOM   422  C CB  . ILE A 1 52 ? 9.328   0.921   -4.587  1.00 12.80 ? 52  ILE A CB  1 
ATOM   423  C CG1 . ILE A 1 52 ? 9.640   2.406   -4.369  1.00 12.97 ? 52  ILE A CG1 1 
ATOM   424  C CG2 . ILE A 1 52 ? 10.519  0.194   -5.205  1.00 12.75 ? 52  ILE A CG2 1 
ATOM   425  C CD1 . ILE A 1 52 ? 10.816  2.672   -3.454  1.00 12.90 ? 52  ILE A CD1 1 
ATOM   426  N N   . ALA A 1 53 ? 7.946   -1.268  -6.792  1.00 14.22 ? 53  ALA A N   1 
ATOM   427  C CA  . ALA A 1 53 ? 7.609   -2.660  -7.047  1.00 15.02 ? 53  ALA A CA  1 
ATOM   428  C C   . ALA A 1 53 ? 6.125   -2.924  -6.776  1.00 15.43 ? 53  ALA A C   1 
ATOM   429  O O   . ALA A 1 53 ? 5.764   -3.974  -6.253  1.00 15.59 ? 53  ALA A O   1 
ATOM   430  C CB  . ALA A 1 53 ? 8.475   -3.581  -6.191  1.00 15.31 ? 53  ALA A CB  1 
ATOM   431  N N   . LYS A 1 54 ? 5.278   -1.963  -7.139  1.00 16.04 ? 54  LYS A N   1 
ATOM   432  C CA  . LYS A 1 54 ? 3.828   -2.055  -6.966  1.00 16.64 ? 54  LYS A CA  1 
ATOM   433  C C   . LYS A 1 54 ? 3.346   -2.003  -5.522  1.00 16.64 ? 54  LYS A C   1 
ATOM   434  O O   . LYS A 1 54 ? 2.167   -2.235  -5.249  1.00 16.65 ? 54  LYS A O   1 
ATOM   435  C CB  . LYS A 1 54 ? 3.277   -3.329  -7.623  1.00 17.59 ? 54  LYS A CB  1 
ATOM   436  C CG  . LYS A 1 54 ? 3.540   -3.431  -9.117  1.00 18.85 ? 54  LYS A CG  1 
ATOM   437  C CD  . LYS A 1 54 ? 2.909   -2.274  -9.873  1.00 19.79 ? 54  LYS A CD  1 
ATOM   438  C CE  . LYS A 1 54 ? 3.021   -2.480  -11.375 1.00 20.34 ? 54  LYS A CE  1 
ATOM   439  N NZ  . LYS A 1 54 ? 2.338   -3.736  -11.799 1.00 21.06 ? 54  LYS A NZ  1 
ATOM   440  N N   . ASP A 1 55 ? 4.249   -1.694  -4.598  1.00 16.46 ? 55  ASP A N   1 
ATOM   441  C CA  . ASP A 1 55 ? 3.877   -1.608  -3.192  1.00 16.46 ? 55  ASP A CA  1 
ATOM   442  C C   . ASP A 1 55 ? 3.922   -0.165  -2.715  1.00 15.83 ? 55  ASP A C   1 
ATOM   443  O O   . ASP A 1 55 ? 4.941   0.507   -2.846  1.00 15.64 ? 55  ASP A O   1 
ATOM   444  C CB  . ASP A 1 55 ? 4.809   -2.460  -2.328  1.00 17.45 ? 55  ASP A CB  1 
ATOM   445  C CG  . ASP A 1 55 ? 4.562   -3.943  -2.496  1.00 18.59 ? 55  ASP A CG  1 
ATOM   446  O OD1 . ASP A 1 55 ? 3.379   -4.347  -2.499  1.00 19.68 ? 55  ASP A OD1 1 
ATOM   447  O OD2 . ASP A 1 55 ? 5.547   -4.701  -2.612  1.00 19.49 ? 55  ASP A OD2 1 
ATOM   448  N N   . PRO A 1 56 ? 2.807   0.334   -2.163  1.00 15.48 ? 56  PRO A N   1 
ATOM   449  C CA  . PRO A 1 56 ? 2.753   1.714   -1.671  1.00 15.27 ? 56  PRO A CA  1 
ATOM   450  C C   . PRO A 1 56 ? 3.417   1.906   -0.312  1.00 15.10 ? 56  PRO A C   1 
ATOM   451  O O   . PRO A 1 56 ? 3.658   3.038   0.112   1.00 15.07 ? 56  PRO A O   1 
ATOM   452  C CB  . PRO A 1 56 ? 1.255   2.005   -1.638  1.00 15.43 ? 56  PRO A CB  1 
ATOM   453  C CG  . PRO A 1 56 ? 0.674   0.668   -1.305  1.00 15.66 ? 56  PRO A CG  1 
ATOM   454  C CD  . PRO A 1 56 ? 1.467   -0.282  -2.162  1.00 15.51 ? 56  PRO A CD  1 
ATOM   455  N N   . GLN A 1 57 ? 3.708   0.801   0.367   1.00 14.72 ? 57  GLN A N   1 
ATOM   456  C CA  . GLN A 1 57 ? 4.354   0.852   1.673   1.00 14.58 ? 57  GLN A CA  1 
ATOM   457  C C   . GLN A 1 57 ? 5.714   0.167   1.661   1.00 13.96 ? 57  GLN A C   1 
ATOM   458  O O   . GLN A 1 57 ? 6.037   -0.596  0.754   1.00 13.60 ? 57  GLN A O   1 
ATOM   459  C CB  . GLN A 1 57 ? 3.480   0.184   2.739   1.00 15.63 ? 57  GLN A CB  1 
ATOM   460  C CG  . GLN A 1 57 ? 2.070   0.725   2.818   1.00 17.16 ? 57  GLN A CG  1 
ATOM   461  C CD  . GLN A 1 57 ? 1.108   0.005   1.882   1.00 18.15 ? 57  GLN A CD  1 
ATOM   462  O OE1 . GLN A 1 57 ? -0.050  0.394   1.747   1.00 19.53 ? 57  GLN A OE1 1 
ATOM   463  N NE2 . GLN A 1 57 ? 1.583   -1.057  1.239   1.00 18.98 ? 57  GLN A NE2 1 
ATOM   464  N N   . GLY A 1 58 ? 6.509   0.450   2.685   1.00 13.46 ? 58  GLY A N   1 
ATOM   465  C CA  . GLY A 1 58 ? 7.822   -0.156  2.797   1.00 12.88 ? 58  GLY A CA  1 
ATOM   466  C C   . GLY A 1 58 ? 8.162   -0.312  4.265   1.00 12.54 ? 58  GLY A C   1 
ATOM   467  O O   . GLY A 1 58 ? 7.613   0.409   5.099   1.00 12.39 ? 58  GLY A O   1 
ATOM   468  N N   . TYR A 1 59 ? 9.054   -1.247  4.583   1.00 12.23 ? 59  TYR A N   1 
ATOM   469  C CA  . TYR A 1 59 ? 9.474   -1.488  5.966   1.00 12.20 ? 59  TYR A CA  1 
ATOM   470  C C   . TYR A 1 59 ? 10.812  -0.776  6.122   1.00 11.80 ? 59  TYR A C   1 
ATOM   471  O O   . TYR A 1 59 ? 11.781  -1.118  5.444   1.00 11.88 ? 59  TYR A O   1 
ATOM   472  C CB  . TYR A 1 59 ? 9.645   -2.988  6.210   1.00 13.01 ? 59  TYR A CB  1 
ATOM   473  C CG  . TYR A 1 59 ? 9.782   -3.366  7.668   1.00 14.02 ? 59  TYR A CG  1 
ATOM   474  C CD1 . TYR A 1 59 ? 8.662   -3.701  8.430   1.00 14.28 ? 59  TYR A CD1 1 
ATOM   475  C CD2 . TYR A 1 59 ? 11.035  -3.393  8.289   1.00 14.30 ? 59  TYR A CD2 1 
ATOM   476  C CE1 . TYR A 1 59 ? 8.784   -4.061  9.775   1.00 15.04 ? 59  TYR A CE1 1 
ATOM   477  C CE2 . TYR A 1 59 ? 11.168  -3.748  9.635   1.00 15.18 ? 59  TYR A CE2 1 
ATOM   478  C CZ  . TYR A 1 59 ? 10.040  -4.083  10.368  1.00 15.02 ? 59  TYR A CZ  1 
ATOM   479  O OH  . TYR A 1 59 ? 10.169  -4.459  11.691  1.00 16.31 ? 59  TYR A OH  1 
ATOM   480  N N   . PHE A 1 60 ? 10.872  0.201   7.024   1.00 11.11 ? 60  PHE A N   1 
ATOM   481  C CA  . PHE A 1 60 ? 12.085  1.000   7.196   1.00 10.74 ? 60  PHE A CA  1 
ATOM   482  C C   . PHE A 1 60 ? 13.075  0.591   8.272   1.00 10.79 ? 60  PHE A C   1 
ATOM   483  O O   . PHE A 1 60 ? 12.699  0.281   9.399   1.00 10.89 ? 60  PHE A O   1 
ATOM   484  C CB  . PHE A 1 60 ? 11.704  2.469   7.441   1.00 10.30 ? 60  PHE A CB  1 
ATOM   485  C CG  . PHE A 1 60 ? 11.167  3.173   6.221   1.00 10.15 ? 60  PHE A CG  1 
ATOM   486  C CD1 . PHE A 1 60 ? 10.033  2.698   5.561   1.00 9.95  ? 60  PHE A CD1 1 
ATOM   487  C CD2 . PHE A 1 60 ? 11.790  4.323   5.735   1.00 10.08 ? 60  PHE A CD2 1 
ATOM   488  C CE1 . PHE A 1 60 ? 9.532   3.350   4.428   1.00 10.01 ? 60  PHE A CE1 1 
ATOM   489  C CE2 . PHE A 1 60 ? 11.297  4.985   4.602   1.00 10.28 ? 60  PHE A CE2 1 
ATOM   490  C CZ  . PHE A 1 60 ? 10.162  4.497   3.949   1.00 9.93  ? 60  PHE A CZ  1 
ATOM   491  N N   . LEU A 1 61 ? 14.353  0.627   7.896   1.00 10.97 ? 61  LEU A N   1 
ATOM   492  C CA  . LEU A 1 61 ? 15.463  0.327   8.789   1.00 11.12 ? 61  LEU A CA  1 
ATOM   493  C C   . LEU A 1 61 ? 16.402  1.529   8.705   1.00 11.09 ? 61  LEU A C   1 
ATOM   494  O O   . LEU A 1 61 ? 16.546  2.130   7.640   1.00 10.95 ? 61  LEU A O   1 
ATOM   495  C CB  . LEU A 1 61 ? 16.197  -0.935  8.342   1.00 11.65 ? 61  LEU A CB  1 
ATOM   496  C CG  . LEU A 1 61 ? 15.397  -2.237  8.389   1.00 12.10 ? 61  LEU A CG  1 
ATOM   497  C CD1 . LEU A 1 61 ? 16.306  -3.387  7.978   1.00 12.46 ? 61  LEU A CD1 1 
ATOM   498  C CD2 . LEU A 1 61 ? 14.844  -2.462  9.795   1.00 12.33 ? 61  LEU A CD2 1 
ATOM   499  N N   . TRP A 1 62 ? 17.036  1.872   9.822   1.00 11.06 ? 62  TRP A N   1 
ATOM   500  C CA  . TRP A 1 62 ? 17.935  3.019   9.886   1.00 11.02 ? 62  TRP A CA  1 
ATOM   501  C C   . TRP A 1 62 ? 19.198  2.654   10.646  1.00 10.98 ? 62  TRP A C   1 
ATOM   502  O O   . TRP A 1 62 ? 19.130  1.958   11.654  1.00 10.78 ? 62  TRP A O   1 
ATOM   503  C CB  . TRP A 1 62 ? 17.233  4.166   10.620  1.00 11.55 ? 62  TRP A CB  1 
ATOM   504  C CG  . TRP A 1 62 ? 18.067  5.394   10.827  1.00 12.01 ? 62  TRP A CG  1 
ATOM   505  C CD1 . TRP A 1 62 ? 18.185  6.455   9.977   1.00 12.14 ? 62  TRP A CD1 1 
ATOM   506  C CD2 . TRP A 1 62 ? 18.878  5.691   11.962  1.00 12.24 ? 62  TRP A CD2 1 
ATOM   507  N NE1 . TRP A 1 62 ? 19.019  7.404   10.523  1.00 12.36 ? 62  TRP A NE1 1 
ATOM   508  C CE2 . TRP A 1 62 ? 19.461  6.960   11.745  1.00 12.43 ? 62  TRP A CE2 1 
ATOM   509  C CE3 . TRP A 1 62 ? 19.175  5.016   13.154  1.00 12.58 ? 62  TRP A CE3 1 
ATOM   510  C CZ2 . TRP A 1 62 ? 20.322  7.566   12.667  1.00 12.42 ? 62  TRP A CZ2 1 
ATOM   511  C CZ3 . TRP A 1 62 ? 20.028  5.617   14.076  1.00 12.71 ? 62  TRP A CZ3 1 
ATOM   512  C CH2 . TRP A 1 62 ? 20.590  6.880   13.824  1.00 12.64 ? 62  TRP A CH2 1 
ATOM   513  N N   . TYR A 1 63 ? 20.346  3.120   10.163  1.00 10.67 ? 63  TYR A N   1 
ATOM   514  C CA  . TYR A 1 63 ? 21.608  2.858   10.840  1.00 10.86 ? 63  TYR A CA  1 
ATOM   515  C C   . TYR A 1 63 ? 22.480  4.099   10.845  1.00 10.53 ? 63  TYR A C   1 
ATOM   516  O O   . TYR A 1 63 ? 22.508  4.854   9.869   1.00 10.80 ? 63  TYR A O   1 
ATOM   517  C CB  . TYR A 1 63 ? 22.427  1.762   10.144  1.00 11.34 ? 63  TYR A CB  1 
ATOM   518  C CG  . TYR A 1 63 ? 21.755  0.420   9.983   1.00 12.22 ? 63  TYR A CG  1 
ATOM   519  C CD1 . TYR A 1 63 ? 20.770  0.224   9.011   1.00 12.80 ? 63  TYR A CD1 1 
ATOM   520  C CD2 . TYR A 1 63 ? 22.119  -0.660  10.787  1.00 12.91 ? 63  TYR A CD2 1 
ATOM   521  C CE1 . TYR A 1 63 ? 20.164  -1.023  8.843   1.00 13.31 ? 63  TYR A CE1 1 
ATOM   522  C CE2 . TYR A 1 63 ? 21.520  -1.907  10.628  1.00 13.45 ? 63  TYR A CE2 1 
ATOM   523  C CZ  . TYR A 1 63 ? 20.547  -2.079  9.658   1.00 13.76 ? 63  TYR A CZ  1 
ATOM   524  O OH  . TYR A 1 63 ? 19.948  -3.306  9.506   1.00 14.86 ? 63  TYR A OH  1 
ATOM   525  N N   . GLN A 1 64 ? 23.172  4.327   11.952  1.00 10.16 ? 64  GLN A N   1 
ATOM   526  C CA  . GLN A 1 64 ? 24.119  5.430   12.007  1.00 10.14 ? 64  GLN A CA  1 
ATOM   527  C C   . GLN A 1 64 ? 25.432  4.682   12.018  1.00 9.77  ? 64  GLN A C   1 
ATOM   528  O O   . GLN A 1 64 ? 25.667  3.846   12.889  1.00 9.83  ? 64  GLN A O   1 
ATOM   529  C CB  . GLN A 1 64 ? 24.000  6.240   13.286  1.00 10.11 ? 64  GLN A CB  1 
ATOM   530  C CG  . GLN A 1 64 ? 25.074  7.313   13.392  1.00 10.56 ? 64  GLN A CG  1 
ATOM   531  C CD  . GLN A 1 64 ? 24.854  8.198   14.593  1.00 10.45 ? 64  GLN A CD  1 
ATOM   532  O OE1 . GLN A 1 64 ? 23.846  8.898   14.674  1.00 11.41 ? 64  GLN A OE1 1 
ATOM   533  N NE2 . GLN A 1 64 ? 25.783  8.161   15.544  1.00 10.94 ? 64  GLN A NE2 1 
ATOM   534  N N   . VAL A 1 65 ? 26.281  4.960   11.044  1.00 9.83  ? 65  VAL A N   1 
ATOM   535  C CA  . VAL A 1 65 ? 27.551  4.263   10.970  1.00 9.89  ? 65  VAL A CA  1 
ATOM   536  C C   . VAL A 1 65 ? 28.689  5.213   10.648  1.00 10.09 ? 65  VAL A C   1 
ATOM   537  O O   . VAL A 1 65 ? 28.475  6.360   10.251  1.00 10.01 ? 65  VAL A O   1 
ATOM   538  C CB  . VAL A 1 65 ? 27.536  3.179   9.852   1.00 9.73  ? 65  VAL A CB  1 
ATOM   539  C CG1 . VAL A 1 65 ? 26.289  2.318   9.961   1.00 9.45  ? 65  VAL A CG1 1 
ATOM   540  C CG2 . VAL A 1 65 ? 27.586  3.836   8.474   1.00 9.40  ? 65  VAL A CG2 1 
ATOM   541  N N   . GLU A 1 66 ? 29.902  4.721   10.842  1.00 10.65 ? 66  GLU A N   1 
ATOM   542  C CA  . GLU A 1 66 ? 31.094  5.465   10.489  1.00 11.18 ? 66  GLU A CA  1 
ATOM   543  C C   . GLU A 1 66 ? 31.795  4.490   9.555   1.00 10.93 ? 66  GLU A C   1 
ATOM   544  O O   . GLU A 1 66 ? 32.006  3.330   9.911   1.00 10.88 ? 66  GLU A O   1 
ATOM   545  C CB  . GLU A 1 66 ? 31.965  5.760   11.707  1.00 12.61 ? 66  GLU A CB  1 
ATOM   546  C CG  . GLU A 1 66 ? 32.962  6.867   11.427  1.00 14.50 ? 66  GLU A CG  1 
ATOM   547  C CD  . GLU A 1 66 ? 33.789  7.236   12.635  1.00 15.75 ? 66  GLU A CD  1 
ATOM   548  O OE1 . GLU A 1 66 ? 34.510  8.253   12.560  1.00 16.94 ? 66  GLU A OE1 1 
ATOM   549  O OE2 . GLU A 1 66 ? 33.726  6.507   13.653  1.00 16.87 ? 66  GLU A OE2 1 
ATOM   550  N N   . MET A 1 67 ? 32.125  4.939   8.349   1.00 10.50 ? 67  MET A N   1 
ATOM   551  C CA  . MET A 1 67 ? 32.769  4.055   7.384   1.00 10.42 ? 67  MET A CA  1 
ATOM   552  C C   . MET A 1 67 ? 33.574  4.856   6.379   1.00 10.33 ? 67  MET A C   1 
ATOM   553  O O   . MET A 1 67 ? 33.425  6.076   6.280   1.00 9.80  ? 67  MET A O   1 
ATOM   554  C CB  . MET A 1 67 ? 31.715  3.215   6.645   1.00 10.60 ? 67  MET A CB  1 
ATOM   555  C CG  . MET A 1 67 ? 30.828  4.005   5.683   1.00 10.63 ? 67  MET A CG  1 
ATOM   556  S SD  . MET A 1 67 ? 29.593  2.986   4.850   1.00 10.90 ? 67  MET A SD  1 
ATOM   557  C CE  . MET A 1 67 ? 30.610  2.206   3.594   1.00 11.38 ? 67  MET A CE  1 
ATOM   558  N N   . PRO A 1 68 ? 34.450  4.178   5.622   1.00 10.32 ? 68  PRO A N   1 
ATOM   559  C CA  . PRO A 1 68 ? 35.264  4.883   4.624   1.00 11.00 ? 68  PRO A CA  1 
ATOM   560  C C   . PRO A 1 68 ? 34.361  5.455   3.532   1.00 11.54 ? 68  PRO A C   1 
ATOM   561  O O   . PRO A 1 68 ? 33.516  4.743   2.992   1.00 11.59 ? 68  PRO A O   1 
ATOM   562  C CB  . PRO A 1 68 ? 36.179  3.784   4.092   1.00 10.72 ? 68  PRO A CB  1 
ATOM   563  C CG  . PRO A 1 68 ? 36.278  2.827   5.225   1.00 10.68 ? 68  PRO A CG  1 
ATOM   564  C CD  . PRO A 1 68 ? 34.865  2.772   5.739   1.00 10.43 ? 68  PRO A CD  1 
ATOM   565  N N   . GLU A 1 69 ? 34.529  6.730   3.198   1.00 12.31 ? 69  GLU A N   1 
ATOM   566  C CA  . GLU A 1 69 ? 33.680  7.312   2.162   1.00 13.13 ? 69  GLU A CA  1 
ATOM   567  C C   . GLU A 1 69 ? 33.863  6.639   0.810   1.00 13.32 ? 69  GLU A C   1 
ATOM   568  O O   . GLU A 1 69 ? 32.937  6.618   0.003   1.00 13.05 ? 69  GLU A O   1 
ATOM   569  C CB  . GLU A 1 69 ? 33.927  8.817   2.018   1.00 14.07 ? 69  GLU A CB  1 
ATOM   570  C CG  . GLU A 1 69 ? 35.317  9.200   1.584   1.00 15.53 ? 69  GLU A CG  1 
ATOM   571  C CD  . GLU A 1 69 ? 35.379  10.613  1.045   1.00 16.17 ? 69  GLU A CD  1 
ATOM   572  O OE1 . GLU A 1 69 ? 34.496  11.428  1.402   1.00 17.07 ? 69  GLU A OE1 1 
ATOM   573  O OE2 . GLU A 1 69 ? 36.308  10.910  0.267   1.00 17.01 ? 69  GLU A OE2 1 
ATOM   574  N N   . ASP A 1 70 ? 35.044  6.077   0.559   1.00 13.52 ? 70  ASP A N   1 
ATOM   575  C CA  . ASP A 1 70 ? 35.301  5.421   -0.720  1.00 14.02 ? 70  ASP A CA  1 
ATOM   576  C C   . ASP A 1 70 ? 34.627  4.055   -0.846  1.00 13.96 ? 70  ASP A C   1 
ATOM   577  O O   . ASP A 1 70 ? 34.753  3.395   -1.873  1.00 14.26 ? 70  ASP A O   1 
ATOM   578  C CB  . ASP A 1 70 ? 36.817  5.293   -0.966  1.00 14.92 ? 70  ASP A CB  1 
ATOM   579  C CG  . ASP A 1 70 ? 37.450  4.139   -0.201  1.00 15.61 ? 70  ASP A CG  1 
ATOM   580  O OD1 . ASP A 1 70 ? 37.080  3.920   0.966   1.00 16.47 ? 70  ASP A OD1 1 
ATOM   581  O OD2 . ASP A 1 70 ? 38.338  3.456   -0.764  1.00 16.75 ? 70  ASP A OD2 1 
ATOM   582  N N   . ARG A 1 71 ? 33.893  3.634   0.182   1.00 13.82 ? 71  ARG A N   1 
ATOM   583  C CA  . ARG A 1 71 ? 33.210  2.342   0.154   1.00 13.78 ? 71  ARG A CA  1 
ATOM   584  C C   . ARG A 1 71 ? 31.686  2.482   0.220   1.00 13.01 ? 71  ARG A C   1 
ATOM   585  O O   . ARG A 1 71 ? 30.957  1.504   0.050   1.00 12.83 ? 71  ARG A O   1 
ATOM   586  C CB  . ARG A 1 71 ? 33.679  1.459   1.320   1.00 14.96 ? 71  ARG A CB  1 
ATOM   587  C CG  . ARG A 1 71 ? 35.178  1.119   1.337   1.00 16.55 ? 71  ARG A CG  1 
ATOM   588  C CD  . ARG A 1 71 ? 35.626  0.392   0.077   1.00 18.16 ? 71  ARG A CD  1 
ATOM   589  N NE  . ARG A 1 71 ? 34.979  -0.908  -0.100  1.00 19.70 ? 71  ARG A NE  1 
ATOM   590  C CZ  . ARG A 1 71 ? 35.164  -1.961  0.693   1.00 20.11 ? 71  ARG A CZ  1 
ATOM   591  N NH1 . ARG A 1 71 ? 35.980  -1.885  1.736   1.00 20.69 ? 71  ARG A NH1 1 
ATOM   592  N NH2 . ARG A 1 71 ? 34.540  -3.105  0.429   1.00 20.91 ? 71  ARG A NH2 1 
ATOM   593  N N   . VAL A 1 72 ? 31.203  3.695   0.465   1.00 12.38 ? 72  VAL A N   1 
ATOM   594  C CA  . VAL A 1 72 ? 29.763  3.923   0.571   1.00 11.73 ? 72  VAL A CA  1 
ATOM   595  C C   . VAL A 1 72 ? 28.977  3.525   -0.673  1.00 11.81 ? 72  VAL A C   1 
ATOM   596  O O   . VAL A 1 72 ? 27.967  2.826   -0.578  1.00 11.34 ? 72  VAL A O   1 
ATOM   597  C CB  . VAL A 1 72 ? 29.447  5.394   0.876   1.00 11.37 ? 72  VAL A CB  1 
ATOM   598  C CG1 . VAL A 1 72 ? 27.940  5.582   0.987   1.00 11.21 ? 72  VAL A CG1 1 
ATOM   599  C CG2 . VAL A 1 72 ? 30.132  5.816   2.162   1.00 11.15 ? 72  VAL A CG2 1 
ATOM   600  N N   . ASN A 1 73 ? 29.427  3.974   -1.839  1.00 11.80 ? 73  ASN A N   1 
ATOM   601  C CA  . ASN A 1 73 ? 28.727  3.649   -3.075  1.00 12.44 ? 73  ASN A CA  1 
ATOM   602  C C   . ASN A 1 73 ? 28.660  2.136   -3.259  1.00 12.55 ? 73  ASN A C   1 
ATOM   603  O O   . ASN A 1 73 ? 27.594  1.584   -3.549  1.00 12.77 ? 73  ASN A O   1 
ATOM   604  C CB  . ASN A 1 73 ? 29.442  4.283   -4.270  1.00 12.55 ? 73  ASN A CB  1 
ATOM   605  C CG  . ASN A 1 73 ? 28.687  4.100   -5.572  1.00 12.69 ? 73  ASN A CG  1 
ATOM   606  O OD1 . ASN A 1 73 ? 29.294  3.848   -6.614  1.00 13.78 ? 73  ASN A OD1 1 
ATOM   607  N ND2 . ASN A 1 73 ? 27.361  4.241   -5.529  1.00 12.84 ? 73  ASN A ND2 1 
ATOM   608  N N   . ASP A 1 74 ? 29.798  1.470   -3.078  1.00 13.00 ? 74  ASP A N   1 
ATOM   609  C CA  . ASP A 1 74 ? 29.868  0.017   -3.222  1.00 13.30 ? 74  ASP A CA  1 
ATOM   610  C C   . ASP A 1 74 ? 28.902  -0.661  -2.245  1.00 12.98 ? 74  ASP A C   1 
ATOM   611  O O   . ASP A 1 74 ? 28.222  -1.625  -2.600  1.00 13.10 ? 74  ASP A O   1 
ATOM   612  C CB  . ASP A 1 74 ? 31.299  -0.481  -2.973  1.00 14.62 ? 74  ASP A CB  1 
ATOM   613  C CG  . ASP A 1 74 ? 32.309  0.110   -3.950  1.00 16.00 ? 74  ASP A CG  1 
ATOM   614  O OD1 . ASP A 1 74 ? 31.977  0.260   -5.150  1.00 16.80 ? 74  ASP A OD1 1 
ATOM   615  O OD2 . ASP A 1 74 ? 33.445  0.408   -3.522  1.00 17.43 ? 74  ASP A OD2 1 
ATOM   616  N N   . LEU A 1 75 ? 28.843  -0.152  -1.017  1.00 12.56 ? 75  LEU A N   1 
ATOM   617  C CA  . LEU A 1 75 ? 27.946  -0.699  0.000   1.00 12.35 ? 75  LEU A CA  1 
ATOM   618  C C   . LEU A 1 75 ? 26.499  -0.571  -0.453  1.00 12.37 ? 75  LEU A C   1 
ATOM   619  O O   . LEU A 1 75 ? 25.733  -1.536  -0.407  1.00 12.21 ? 75  LEU A O   1 
ATOM   620  C CB  . LEU A 1 75 ? 28.115  0.046   1.330   1.00 12.40 ? 75  LEU A CB  1 
ATOM   621  C CG  . LEU A 1 75 ? 27.040  -0.255  2.385   1.00 12.28 ? 75  LEU A CG  1 
ATOM   622  C CD1 . LEU A 1 75 ? 27.129  -1.715  2.806   1.00 12.62 ? 75  LEU A CD1 1 
ATOM   623  C CD2 . LEU A 1 75 ? 27.215  0.662   3.589   1.00 12.65 ? 75  LEU A CD2 1 
ATOM   624  N N   . ALA A 1 76 ? 26.131  0.629   -0.890  1.00 12.48 ? 76  ALA A N   1 
ATOM   625  C CA  . ALA A 1 76 ? 24.772  0.898   -1.341  1.00 12.75 ? 76  ALA A CA  1 
ATOM   626  C C   . ALA A 1 76 ? 24.397  -0.040  -2.480  1.00 13.18 ? 76  ALA A C   1 
ATOM   627  O O   . ALA A 1 76 ? 23.298  -0.590  -2.504  1.00 13.18 ? 76  ALA A O   1 
ATOM   628  C CB  . ALA A 1 76 ? 24.649  2.354   -1.793  1.00 12.49 ? 76  ALA A CB  1 
ATOM   629  N N   . ARG A 1 77 ? 25.313  -0.210  -3.427  1.00 13.99 ? 77  ARG A N   1 
ATOM   630  C CA  . ARG A 1 77 ? 25.084  -1.097  -4.561  1.00 14.64 ? 77  ARG A CA  1 
ATOM   631  C C   . ARG A 1 77 ? 24.876  -2.529  -4.059  1.00 15.01 ? 77  ARG A C   1 
ATOM   632  O O   . ARG A 1 77 ? 23.989  -3.237  -4.531  1.00 14.96 ? 77  ARG A O   1 
ATOM   633  C CB  . ARG A 1 77 ? 26.276  -1.038  -5.525  1.00 15.59 ? 77  ARG A CB  1 
ATOM   634  C CG  . ARG A 1 77 ? 26.509  0.339   -6.139  1.00 16.87 ? 77  ARG A CG  1 
ATOM   635  C CD  . ARG A 1 77 ? 27.819  0.390   -6.924  1.00 18.17 ? 77  ARG A CD  1 
ATOM   636  N NE  . ARG A 1 77 ? 27.774  -0.458  -8.111  1.00 19.62 ? 77  ARG A NE  1 
ATOM   637  C CZ  . ARG A 1 77 ? 27.064  -0.174  -9.200  1.00 20.09 ? 77  ARG A CZ  1 
ATOM   638  N NH1 . ARG A 1 77 ? 27.073  -1.003  -10.236 1.00 20.51 ? 77  ARG A NH1 1 
ATOM   639  N NH2 . ARG A 1 77 ? 26.354  0.948   -9.255  1.00 20.89 ? 77  ARG A NH2 1 
ATOM   640  N N   . GLU A 1 78 ? 25.687  -2.944  -3.092  1.00 15.20 ? 78  GLU A N   1 
ATOM   641  C CA  . GLU A 1 78 ? 25.584  -4.288  -2.527  1.00 15.87 ? 78  GLU A CA  1 
ATOM   642  C C   . GLU A 1 78 ? 24.223  -4.526  -1.882  1.00 15.89 ? 78  GLU A C   1 
ATOM   643  O O   . GLU A 1 78 ? 23.650  -5.605  -2.008  1.00 16.09 ? 78  GLU A O   1 
ATOM   644  C CB  . GLU A 1 78 ? 26.675  -4.511  -1.477  1.00 16.27 ? 78  GLU A CB  1 
ATOM   645  C CG  . GLU A 1 78 ? 26.644  -5.895  -0.828  1.00 17.25 ? 78  GLU A CG  1 
ATOM   646  C CD  . GLU A 1 78 ? 27.152  -6.976  -1.753  1.00 17.95 ? 78  GLU A CD  1 
ATOM   647  O OE1 . GLU A 1 78 ? 28.270  -6.806  -2.279  1.00 18.45 ? 78  GLU A OE1 1 
ATOM   648  O OE2 . GLU A 1 78 ? 26.446  -7.995  -1.954  1.00 18.38 ? 78  GLU A OE2 1 
ATOM   649  N N   . LEU A 1 79 ? 23.708  -3.515  -1.191  1.00 16.07 ? 79  LEU A N   1 
ATOM   650  C CA  . LEU A 1 79 ? 22.418  -3.627  -0.518  1.00 16.48 ? 79  LEU A CA  1 
ATOM   651  C C   . LEU A 1 79 ? 21.242  -3.635  -1.491  1.00 16.64 ? 79  LEU A C   1 
ATOM   652  O O   . LEU A 1 79 ? 20.261  -4.353  -1.291  1.00 16.75 ? 79  LEU A O   1 
ATOM   653  C CB  . LEU A 1 79 ? 22.251  -2.472  0.475   1.00 16.67 ? 79  LEU A CB  1 
ATOM   654  C CG  . LEU A 1 79 ? 23.283  -2.378  1.604   1.00 16.92 ? 79  LEU A CG  1 
ATOM   655  C CD1 . LEU A 1 79 ? 23.007  -1.142  2.459   1.00 16.94 ? 79  LEU A CD1 1 
ATOM   656  C CD2 . LEU A 1 79 ? 23.227  -3.648  2.452   1.00 17.27 ? 79  LEU A CD2 1 
ATOM   657  N N   . ARG A 1 80 ? 21.350  -2.835  -2.543  1.00 16.85 ? 80  ARG A N   1 
ATOM   658  C CA  . ARG A 1 80 ? 20.294  -2.719  -3.541  1.00 17.25 ? 80  ARG A CA  1 
ATOM   659  C C   . ARG A 1 80 ? 20.124  -3.971  -4.383  1.00 17.79 ? 80  ARG A C   1 
ATOM   660  O O   . ARG A 1 80 ? 19.081  -4.170  -5.005  1.00 18.03 ? 80  ARG A O   1 
ATOM   661  C CB  . ARG A 1 80 ? 20.582  -1.532  -4.460  1.00 16.71 ? 80  ARG A CB  1 
ATOM   662  C CG  . ARG A 1 80 ? 20.485  -0.196  -3.757  1.00 15.92 ? 80  ARG A CG  1 
ATOM   663  C CD  . ARG A 1 80 ? 20.970  0.944   -4.632  1.00 15.35 ? 80  ARG A CD  1 
ATOM   664  N NE  . ARG A 1 80 ? 20.872  2.208   -3.915  1.00 14.87 ? 80  ARG A NE  1 
ATOM   665  C CZ  . ARG A 1 80 ? 21.786  3.171   -3.960  1.00 14.73 ? 80  ARG A CZ  1 
ATOM   666  N NH1 . ARG A 1 80 ? 21.603  4.282   -3.267  1.00 14.21 ? 80  ARG A NH1 1 
ATOM   667  N NH2 . ARG A 1 80 ? 22.887  3.014   -4.685  1.00 14.43 ? 80  ARG A NH2 1 
ATOM   668  N N   . ILE A 1 81 ? 21.155  -4.806  -4.393  1.00 18.42 ? 81  ILE A N   1 
ATOM   669  C CA  . ILE A 1 81 ? 21.149  -6.037  -5.172  1.00 19.28 ? 81  ILE A CA  1 
ATOM   670  C C   . ILE A 1 81 ? 20.136  -7.050  -4.653  1.00 19.21 ? 81  ILE A C   1 
ATOM   671  O O   . ILE A 1 81 ? 19.723  -7.961  -5.380  1.00 19.23 ? 81  ILE A O   1 
ATOM   672  C CB  . ILE A 1 81 ? 22.575  -6.657  -5.192  1.00 19.59 ? 81  ILE A CB  1 
ATOM   673  C CG1 . ILE A 1 81 ? 23.067  -6.745  -6.636  1.00 20.29 ? 81  ILE A CG1 1 
ATOM   674  C CG2 . ILE A 1 81 ? 22.592  -8.005  -4.491  1.00 20.17 ? 81  ILE A CG2 1 
ATOM   675  C CD1 . ILE A 1 81 ? 23.055  -5.402  -7.363  1.00 20.44 ? 81  ILE A CD1 1 
ATOM   676  N N   . ARG A 1 82 ? 19.745  -6.886  -3.395  1.00 19.25 ? 82  ARG A N   1 
ATOM   677  C CA  . ARG A 1 82 ? 18.780  -7.773  -2.759  1.00 19.26 ? 82  ARG A CA  1 
ATOM   678  C C   . ARG A 1 82 ? 17.411  -7.542  -3.376  1.00 19.11 ? 82  ARG A C   1 
ATOM   679  O O   . ARG A 1 82 ? 16.979  -6.401  -3.555  1.00 19.05 ? 82  ARG A O   1 
ATOM   680  C CB  . ARG A 1 82 ? 18.726  -7.495  -1.256  1.00 19.62 ? 82  ARG A CB  1 
ATOM   681  C CG  . ARG A 1 82 ? 20.041  -7.745  -0.527  1.00 20.20 ? 82  ARG A CG  1 
ATOM   682  C CD  . ARG A 1 82 ? 20.384  -9.226  -0.538  1.00 20.62 ? 82  ARG A CD  1 
ATOM   683  N NE  . ARG A 1 82 ? 19.314  -10.027 0.044   1.00 21.21 ? 82  ARG A NE  1 
ATOM   684  C CZ  . ARG A 1 82 ? 19.355  -11.349 0.179   1.00 21.54 ? 82  ARG A CZ  1 
ATOM   685  N NH1 . ARG A 1 82 ? 20.422  -12.022 -0.230  1.00 21.71 ? 82  ARG A NH1 1 
ATOM   686  N NH2 . ARG A 1 82 ? 18.336  -11.999 0.726   1.00 21.61 ? 82  ARG A NH2 1 
ATOM   687  N N   . ASP A 1 83 ? 16.720  -8.629  -3.698  1.00 19.01 ? 83  ASP A N   1 
ATOM   688  C CA  . ASP A 1 83 ? 15.408  -8.519  -4.313  1.00 18.80 ? 83  ASP A CA  1 
ATOM   689  C C   . ASP A 1 83 ? 14.394  -7.867  -3.367  1.00 18.28 ? 83  ASP A C   1 
ATOM   690  O O   . ASP A 1 83 ? 13.496  -7.151  -3.811  1.00 18.41 ? 83  ASP A O   1 
ATOM   691  C CB  . ASP A 1 83 ? 14.921  -9.906  -4.750  1.00 19.65 ? 83  ASP A CB  1 
ATOM   692  C CG  . ASP A 1 83 ? 13.746  -9.840  -5.708  1.00 20.44 ? 83  ASP A CG  1 
ATOM   693  O OD1 . ASP A 1 83 ? 12.598  -9.679  -5.238  1.00 21.17 ? 83  ASP A OD1 1 
ATOM   694  O OD2 . ASP A 1 83 ? 13.973  -9.942  -6.935  1.00 21.23 ? 83  ASP A OD2 1 
ATOM   695  N N   . ASN A 1 84 ? 14.551  -8.102  -2.069  1.00 17.42 ? 84  ASN A N   1 
ATOM   696  C CA  . ASN A 1 84 ? 13.632  -7.542  -1.084  1.00 16.74 ? 84  ASN A CA  1 
ATOM   697  C C   . ASN A 1 84 ? 13.973  -6.143  -0.591  1.00 15.93 ? 84  ASN A C   1 
ATOM   698  O O   . ASN A 1 84 ? 13.250  -5.573  0.223   1.00 15.78 ? 84  ASN A O   1 
ATOM   699  C CB  . ASN A 1 84 ? 13.496  -8.486  0.112   1.00 17.14 ? 84  ASN A CB  1 
ATOM   700  C CG  . ASN A 1 84 ? 12.656  -9.696  -0.208  1.00 17.73 ? 84  ASN A CG  1 
ATOM   701  O OD1 . ASN A 1 84 ? 11.595  -9.576  -0.822  1.00 17.95 ? 84  ASN A OD1 1 
ATOM   702  N ND2 . ASN A 1 84 ? 13.115  -10.871 0.211   1.00 18.18 ? 84  ASN A ND2 1 
ATOM   703  N N   . VAL A 1 85 ? 15.080  -5.591  -1.068  1.00 15.02 ? 85  VAL A N   1 
ATOM   704  C CA  . VAL A 1 85 ? 15.454  -4.239  -0.678  1.00 14.33 ? 85  VAL A CA  1 
ATOM   705  C C   . VAL A 1 85 ? 14.847  -3.328  -1.740  1.00 13.91 ? 85  VAL A C   1 
ATOM   706  O O   . VAL A 1 85 ? 15.163  -3.441  -2.925  1.00 13.75 ? 85  VAL A O   1 
ATOM   707  C CB  . VAL A 1 85 ? 16.988  -4.083  -0.615  1.00 14.31 ? 85  VAL A CB  1 
ATOM   708  C CG1 . VAL A 1 85 ? 17.375  -2.618  -0.495  1.00 14.54 ? 85  VAL A CG1 1 
ATOM   709  C CG2 . VAL A 1 85 ? 17.517  -4.848  0.593   1.00 14.42 ? 85  VAL A CG2 1 
ATOM   710  N N   . ARG A 1 86 ? 13.949  -2.447  -1.309  1.00 13.25 ? 86  ARG A N   1 
ATOM   711  C CA  . ARG A 1 86 ? 13.250  -1.543  -2.212  1.00 13.14 ? 86  ARG A CA  1 
ATOM   712  C C   . ARG A 1 86 ? 13.963  -0.220  -2.443  1.00 12.58 ? 86  ARG A C   1 
ATOM   713  O O   . ARG A 1 86 ? 13.841  0.378   -3.513  1.00 12.20 ? 86  ARG A O   1 
ATOM   714  C CB  . ARG A 1 86 ? 11.837  -1.279  -1.680  1.00 13.83 ? 86  ARG A CB  1 
ATOM   715  C CG  . ARG A 1 86 ? 10.937  -2.518  -1.668  1.00 14.99 ? 86  ARG A CG  1 
ATOM   716  C CD  . ARG A 1 86 ? 10.609  -2.954  -3.087  1.00 15.90 ? 86  ARG A CD  1 
ATOM   717  N NE  . ARG A 1 86 ? 10.134  -4.335  -3.183  1.00 16.81 ? 86  ARG A NE  1 
ATOM   718  C CZ  . ARG A 1 86 ? 8.964   -4.777  -2.733  1.00 17.19 ? 86  ARG A CZ  1 
ATOM   719  N NH1 . ARG A 1 86 ? 8.112   -3.952  -2.135  1.00 17.68 ? 86  ARG A NH1 1 
ATOM   720  N NH2 . ARG A 1 86 ? 8.643   -6.055  -2.889  1.00 17.20 ? 86  ARG A NH2 1 
ATOM   721  N N   . ARG A 1 87 ? 14.711  0.234   -1.445  1.00 12.25 ? 87  ARG A N   1 
ATOM   722  C CA  . ARG A 1 87 ? 15.425  1.497   -1.568  1.00 12.19 ? 87  ARG A CA  1 
ATOM   723  C C   . ARG A 1 87 ? 16.551  1.595   -0.551  1.00 12.02 ? 87  ARG A C   1 
ATOM   724  O O   . ARG A 1 87 ? 16.437  1.115   0.576   1.00 11.58 ? 87  ARG A O   1 
ATOM   725  C CB  . ARG A 1 87 ? 14.447  2.666   -1.366  1.00 12.50 ? 87  ARG A CB  1 
ATOM   726  C CG  . ARG A 1 87 ? 15.000  4.048   -1.700  1.00 13.08 ? 87  ARG A CG  1 
ATOM   727  C CD  . ARG A 1 87 ? 13.896  5.093   -1.554  1.00 13.30 ? 87  ARG A CD  1 
ATOM   728  N NE  . ARG A 1 87 ? 13.656  5.413   -0.152  1.00 13.49 ? 87  ARG A NE  1 
ATOM   729  C CZ  . ARG A 1 87 ? 12.530  5.933   0.325   1.00 13.36 ? 87  ARG A CZ  1 
ATOM   730  N NH1 . ARG A 1 87 ? 11.513  6.191   -0.485  1.00 13.80 ? 87  ARG A NH1 1 
ATOM   731  N NH2 . ARG A 1 87 ? 12.431  6.215   1.618   1.00 13.33 ? 87  ARG A NH2 1 
ATOM   732  N N   . VAL A 1 88 ? 17.649  2.214   -0.969  1.00 11.94 ? 88  VAL A N   1 
ATOM   733  C CA  . VAL A 1 88 ? 18.796  2.423   -0.102  1.00 12.25 ? 88  VAL A CA  1 
ATOM   734  C C   . VAL A 1 88 ? 19.221  3.863   -0.304  1.00 12.68 ? 88  VAL A C   1 
ATOM   735  O O   . VAL A 1 88 ? 19.476  4.289   -1.430  1.00 12.61 ? 88  VAL A O   1 
ATOM   736  C CB  . VAL A 1 88 ? 19.984  1.511   -0.464  1.00 12.03 ? 88  VAL A CB  1 
ATOM   737  C CG1 . VAL A 1 88 ? 21.188  1.869   0.407   1.00 12.05 ? 88  VAL A CG1 1 
ATOM   738  C CG2 . VAL A 1 88 ? 19.608  0.043   -0.257  1.00 11.67 ? 88  VAL A CG2 1 
ATOM   739  N N   . MET A 1 89 ? 19.273  4.616   0.785   1.00 13.44 ? 89  MET A N   1 
ATOM   740  C CA  . MET A 1 89 ? 19.670  6.012   0.724   1.00 14.32 ? 89  MET A CA  1 
ATOM   741  C C   . MET A 1 89 ? 20.660  6.283   1.844   1.00 13.94 ? 89  MET A C   1 
ATOM   742  O O   . MET A 1 89 ? 20.331  6.140   3.020   1.00 13.65 ? 89  MET A O   1 
ATOM   743  C CB  . MET A 1 89 ? 18.446  6.910   0.881   1.00 16.17 ? 89  MET A CB  1 
ATOM   744  C CG  . MET A 1 89 ? 18.666  8.366   0.536   1.00 18.77 ? 89  MET A CG  1 
ATOM   745  S SD  . MET A 1 89 ? 17.086  9.223   0.551   1.00 22.58 ? 89  MET A SD  1 
ATOM   746  C CE  . MET A 1 89 ? 16.157  8.221   -0.645  1.00 21.41 ? 89  MET A CE  1 
ATOM   747  N N   . VAL A 1 90 ? 21.879  6.657   1.469   1.00 13.49 ? 90  VAL A N   1 
ATOM   748  C CA  . VAL A 1 90 ? 22.917  6.953   2.446   1.00 13.33 ? 90  VAL A CA  1 
ATOM   749  C C   . VAL A 1 90 ? 23.153  8.457   2.436   1.00 13.45 ? 90  VAL A C   1 
ATOM   750  O O   . VAL A 1 90 ? 23.361  9.057   1.376   1.00 13.42 ? 90  VAL A O   1 
ATOM   751  C CB  . VAL A 1 90 ? 24.235  6.218   2.107   1.00 13.16 ? 90  VAL A CB  1 
ATOM   752  C CG1 . VAL A 1 90 ? 25.268  6.465   3.195   1.00 13.24 ? 90  VAL A CG1 1 
ATOM   753  C CG2 . VAL A 1 90 ? 23.976  4.729   1.951   1.00 13.15 ? 90  VAL A CG2 1 
ATOM   754  N N   . VAL A 1 91 ? 23.107  9.064   3.617   1.00 13.49 ? 91  VAL A N   1 
ATOM   755  C CA  . VAL A 1 91 ? 23.297  10.502  3.737   1.00 13.89 ? 91  VAL A CA  1 
ATOM   756  C C   . VAL A 1 91 ? 24.336  10.815  4.806   1.00 13.89 ? 91  VAL A C   1 
ATOM   757  O O   . VAL A 1 91 ? 24.524  10.046  5.746   1.00 13.87 ? 91  VAL A O   1 
ATOM   758  C CB  . VAL A 1 91 ? 21.962  11.203  4.100   1.00 13.95 ? 91  VAL A CB  1 
ATOM   759  C CG1 . VAL A 1 91 ? 20.888  10.815  3.088   1.00 14.61 ? 91  VAL A CG1 1 
ATOM   760  C CG2 . VAL A 1 91 ? 21.525  10.823  5.499   1.00 14.17 ? 91  VAL A CG2 1 
ATOM   761  N N   . LYS A 1 92 ? 25.032  11.936  4.662   1.00 14.41 ? 92  LYS A N   1 
ATOM   762  C CA  . LYS A 1 92 ? 26.015  12.283  5.672   1.00 14.87 ? 92  LYS A CA  1 
ATOM   763  C C   . LYS A 1 92 ? 25.292  12.679  6.947   1.00 15.01 ? 92  LYS A C   1 
ATOM   764  O O   . LYS A 1 92 ? 24.274  13.373  6.908   1.00 15.08 ? 92  LYS A O   1 
ATOM   765  C CB  . LYS A 1 92 ? 26.917  13.423  5.187   1.00 15.70 ? 92  LYS A CB  1 
ATOM   766  C CG  . LYS A 1 92 ? 27.916  12.966  4.144   1.00 16.76 ? 92  LYS A CG  1 
ATOM   767  C CD  . LYS A 1 92 ? 29.038  13.965  3.943   1.00 17.89 ? 92  LYS A CD  1 
ATOM   768  C CE  . LYS A 1 92 ? 28.543  15.254  3.342   1.00 18.48 ? 92  LYS A CE  1 
ATOM   769  N NZ  . LYS A 1 92 ? 29.689  16.133  2.995   1.00 18.98 ? 92  LYS A NZ  1 
ATOM   770  N N   . SER A 1 93 ? 25.812  12.215  8.076   1.00 15.10 ? 93  SER A N   1 
ATOM   771  C CA  . SER A 1 93 ? 25.215  12.523  9.365   1.00 15.39 ? 93  SER A CA  1 
ATOM   772  C C   . SER A 1 93 ? 25.300  14.016  9.629   1.00 15.60 ? 93  SER A C   1 
ATOM   773  O O   . SER A 1 93 ? 26.351  14.625  9.436   1.00 15.73 ? 93  SER A O   1 
ATOM   774  C CB  . SER A 1 93 ? 25.939  11.769  10.475  1.00 15.55 ? 93  SER A CB  1 
ATOM   775  O OG  . SER A 1 93 ? 25.619  12.323  11.744  1.00 16.12 ? 93  SER A OG  1 
ATOM   776  N N   . GLN A 1 94 ? 24.195  14.612  10.058  1.00 15.79 ? 94  GLN A N   1 
ATOM   777  C CA  . GLN A 1 94 ? 24.196  16.040  10.348  1.00 16.24 ? 94  GLN A CA  1 
ATOM   778  C C   . GLN A 1 94 ? 24.065  16.292  11.838  1.00 15.91 ? 94  GLN A C   1 
ATOM   779  O O   . GLN A 1 94 ? 24.655  17.230  12.373  1.00 15.93 ? 94  GLN A O   1 
ATOM   780  C CB  . GLN A 1 94 ? 23.068  16.737  9.598   1.00 17.19 ? 94  GLN A CB  1 
ATOM   781  C CG  . GLN A 1 94 ? 23.277  16.722  8.100   1.00 18.82 ? 94  GLN A CG  1 
ATOM   782  C CD  . GLN A 1 94 ? 22.487  17.795  7.400   1.00 19.69 ? 94  GLN A CD  1 
ATOM   783  O OE1 . GLN A 1 94 ? 21.265  17.867  7.527   1.00 20.65 ? 94  GLN A OE1 1 
ATOM   784  N NE2 . GLN A 1 94 ? 23.184  18.646  6.652   1.00 20.30 ? 94  GLN A NE2 1 
ATOM   785  N N   . GLU A 1 95 ? 23.289  15.445  12.500  1.00 15.66 ? 95  GLU A N   1 
ATOM   786  C CA  . GLU A 1 95 ? 23.089  15.559  13.933  1.00 15.56 ? 95  GLU A CA  1 
ATOM   787  C C   . GLU A 1 95 ? 23.156  14.139  14.493  1.00 15.56 ? 95  GLU A C   1 
ATOM   788  O O   . GLU A 1 95 ? 22.137  13.515  14.775  1.00 15.11 ? 95  GLU A O   1 
ATOM   789  C CB  . GLU A 1 95 ? 21.736  16.225  14.215  1.00 15.58 ? 95  GLU A CB  1 
ATOM   790  C CG  . GLU A 1 95 ? 21.571  17.542  13.462  1.00 15.74 ? 95  GLU A CG  1 
ATOM   791  C CD  . GLU A 1 95 ? 20.482  18.436  14.024  1.00 15.98 ? 95  GLU A CD  1 
ATOM   792  O OE1 . GLU A 1 95 ? 19.317  17.988  14.099  1.00 15.96 ? 95  GLU A OE1 1 
ATOM   793  O OE2 . GLU A 1 95 ? 20.799  19.592  14.389  1.00 16.36 ? 95  GLU A OE2 1 
ATOM   794  N N   . PRO A 1 96 ? 24.380  13.614  14.647  1.00 15.90 ? 96  PRO A N   1 
ATOM   795  C CA  . PRO A 1 96 ? 24.619  12.262  15.158  1.00 16.55 ? 96  PRO A CA  1 
ATOM   796  C C   . PRO A 1 96 ? 24.160  11.992  16.579  1.00 17.40 ? 96  PRO A C   1 
ATOM   797  O O   . PRO A 1 96 ? 24.203  12.868  17.446  1.00 17.14 ? 96  PRO A O   1 
ATOM   798  C CB  . PRO A 1 96 ? 26.127  12.100  15.003  1.00 16.27 ? 96  PRO A CB  1 
ATOM   799  C CG  . PRO A 1 96 ? 26.632  13.482  15.209  1.00 16.13 ? 96  PRO A CG  1 
ATOM   800  C CD  . PRO A 1 96 ? 25.658  14.307  14.396  1.00 15.83 ? 96  PRO A CD  1 
ATOM   801  N N   . PHE A 1 97 ? 23.718  10.764  16.818  1.00 18.50 ? 97  PHE A N   1 
ATOM   802  C CA  . PHE A 1 97 ? 23.282  10.363  18.151  1.00 19.86 ? 97  PHE A CA  1 
ATOM   803  C C   . PHE A 1 97 ? 24.522  10.003  18.949  1.00 20.74 ? 97  PHE A C   1 
ATOM   804  O O   . PHE A 1 97 ? 25.476  9.432   18.418  1.00 20.89 ? 97  PHE A O   1 
ATOM   805  C CB  . PHE A 1 97 ? 22.360  9.147   18.086  1.00 19.77 ? 97  PHE A CB  1 
ATOM   806  C CG  . PHE A 1 97 ? 20.996  9.442   17.536  1.00 19.91 ? 97  PHE A CG  1 
ATOM   807  C CD1 . PHE A 1 97 ? 20.789  9.564   16.167  1.00 19.78 ? 97  PHE A CD1 1 
ATOM   808  C CD2 . PHE A 1 97 ? 19.910  9.601   18.396  1.00 19.83 ? 97  PHE A CD2 1 
ATOM   809  C CE1 . PHE A 1 97 ? 19.518  9.837   15.656  1.00 19.90 ? 97  PHE A CE1 1 
ATOM   810  C CE2 . PHE A 1 97 ? 18.638  9.873   17.903  1.00 19.90 ? 97  PHE A CE2 1 
ATOM   811  C CZ  . PHE A 1 97 ? 18.438  9.995   16.526  1.00 19.78 ? 97  PHE A CZ  1 
ATOM   812  N N   . LEU A 1 98 ? 24.518  10.374  20.226  1.00 22.08 ? 98  LEU A N   1 
ATOM   813  C CA  . LEU A 1 98 ? 25.638  10.081  21.122  1.00 23.18 ? 98  LEU A CA  1 
ATOM   814  C C   . LEU A 1 98 ? 25.476  8.677   21.679  1.00 23.71 ? 98  LEU A C   1 
ATOM   815  O O   . LEU A 1 98 ? 26.514  8.010   21.920  1.00 24.25 ? 98  LEU A O   1 
ATOM   816  C CB  . LEU A 1 98 ? 25.689  11.089  22.269  1.00 23.48 ? 98  LEU A CB  1 
ATOM   817  C CG  . LEU A 1 98 ? 25.971  12.559  21.936  1.00 23.71 ? 98  LEU A CG  1 
ATOM   818  C CD1 . LEU A 1 98 ? 27.189  12.650  21.021  1.00 24.08 ? 98  LEU A CD1 1 
ATOM   819  C CD2 . LEU A 1 98 ? 24.762  13.175  21.267  1.00 23.92 ? 98  LEU A CD2 1 
ATOM   820  N N   . MET B 1 1  ? -1.664  7.276   -2.864  1.00 17.75 ? 1   MET B N   1 
ATOM   821  C CA  . MET B 1 1  ? -2.914  6.963   -2.108  1.00 17.62 ? 1   MET B CA  1 
ATOM   822  C C   . MET B 1 1  ? -3.775  8.217   -1.903  1.00 17.25 ? 1   MET B C   1 
ATOM   823  O O   . MET B 1 1  ? -3.283  9.272   -1.494  1.00 17.67 ? 1   MET B O   1 
ATOM   824  C CB  . MET B 1 1  ? -2.567  6.353   -0.741  1.00 18.07 ? 1   MET B CB  1 
ATOM   825  C CG  . MET B 1 1  ? -1.814  5.021   -0.785  1.00 18.82 ? 1   MET B CG  1 
ATOM   826  S SD  . MET B 1 1  ? -2.784  3.583   -1.291  1.00 19.76 ? 1   MET B SD  1 
ATOM   827  C CE  . MET B 1 1  ? -3.660  3.178   0.224   1.00 19.36 ? 1   MET B CE  1 
ATOM   828  N N   . ARG B 1 2  ? -5.064  8.094   -2.203  1.00 16.60 ? 2   ARG B N   1 
ATOM   829  C CA  . ARG B 1 2  ? -6.005  9.195   -2.042  1.00 15.92 ? 2   ARG B CA  1 
ATOM   830  C C   . ARG B 1 2  ? -7.334  8.627   -1.551  1.00 14.90 ? 2   ARG B C   1 
ATOM   831  O O   . ARG B 1 2  ? -7.619  7.455   -1.759  1.00 14.35 ? 2   ARG B O   1 
ATOM   832  C CB  . ARG B 1 2  ? -6.185  9.944   -3.366  1.00 17.34 ? 2   ARG B CB  1 
ATOM   833  C CG  . ARG B 1 2  ? -4.875  10.532  -3.892  1.00 18.98 ? 2   ARG B CG  1 
ATOM   834  C CD  . ARG B 1 2  ? -5.078  11.500  -5.053  1.00 20.90 ? 2   ARG B CD  1 
ATOM   835  N NE  . ARG B 1 2  ? -5.822  12.690  -4.647  1.00 22.59 ? 2   ARG B NE  1 
ATOM   836  C CZ  . ARG B 1 2  ? -5.911  13.806  -5.365  1.00 23.15 ? 2   ARG B CZ  1 
ATOM   837  N NH1 . ARG B 1 2  ? -5.295  13.895  -6.538  1.00 23.98 ? 2   ARG B NH1 1 
ATOM   838  N NH2 . ARG B 1 2  ? -6.618  14.833  -4.912  1.00 23.88 ? 2   ARG B NH2 1 
ATOM   839  N N   . ARG B 1 3  ? -8.141  9.454   -0.898  1.00 13.82 ? 3   ARG B N   1 
ATOM   840  C CA  . ARG B 1 3  ? -9.415  8.988   -0.359  1.00 13.01 ? 3   ARG B CA  1 
ATOM   841  C C   . ARG B 1 3  ? -10.586 9.155   -1.327  1.00 12.17 ? 3   ARG B C   1 
ATOM   842  O O   . ARG B 1 3  ? -10.795 10.225  -1.893  1.00 11.82 ? 3   ARG B O   1 
ATOM   843  C CB  . ARG B 1 3  ? -9.692  9.705   0.964   1.00 13.67 ? 3   ARG B CB  1 
ATOM   844  C CG  . ARG B 1 3  ? -10.859 9.138   1.736   1.00 14.61 ? 3   ARG B CG  1 
ATOM   845  C CD  . ARG B 1 3  ? -10.866 9.626   3.179   1.00 15.53 ? 3   ARG B CD  1 
ATOM   846  N NE  . ARG B 1 3  ? -9.862  8.948   3.999   1.00 16.70 ? 3   ARG B NE  1 
ATOM   847  C CZ  . ARG B 1 3  ? -8.704  9.478   4.375   1.00 17.21 ? 3   ARG B CZ  1 
ATOM   848  N NH1 . ARG B 1 3  ? -8.382  10.717  4.013   1.00 17.71 ? 3   ARG B NH1 1 
ATOM   849  N NH2 . ARG B 1 3  ? -7.856  8.766   5.109   1.00 17.90 ? 3   ARG B NH2 1 
ATOM   850  N N   . TYR B 1 4  ? -11.345 8.076   -1.503  1.00 11.46 ? 4   TYR B N   1 
ATOM   851  C CA  . TYR B 1 4  ? -12.491 8.058   -2.408  1.00 10.92 ? 4   TYR B CA  1 
ATOM   852  C C   . TYR B 1 4  ? -13.710 7.422   -1.769  1.00 10.66 ? 4   TYR B C   1 
ATOM   853  O O   . TYR B 1 4  ? -13.606 6.701   -0.783  1.00 10.19 ? 4   TYR B O   1 
ATOM   854  C CB  . TYR B 1 4  ? -12.180 7.228   -3.656  1.00 11.12 ? 4   TYR B CB  1 
ATOM   855  C CG  . TYR B 1 4  ? -10.998 7.698   -4.453  1.00 11.12 ? 4   TYR B CG  1 
ATOM   856  C CD1 . TYR B 1 4  ? -11.136 8.682   -5.430  1.00 11.65 ? 4   TYR B CD1 1 
ATOM   857  C CD2 . TYR B 1 4  ? -9.734  7.166   -4.221  1.00 11.54 ? 4   TYR B CD2 1 
ATOM   858  C CE1 . TYR B 1 4  ? -10.036 9.124   -6.159  1.00 11.89 ? 4   TYR B CE1 1 
ATOM   859  C CE2 . TYR B 1 4  ? -8.631  7.597   -4.939  1.00 12.11 ? 4   TYR B CE2 1 
ATOM   860  C CZ  . TYR B 1 4  ? -8.789  8.574   -5.901  1.00 12.10 ? 4   TYR B CZ  1 
ATOM   861  O OH  . TYR B 1 4  ? -7.683  9.001   -6.590  1.00 13.26 ? 4   TYR B OH  1 
ATOM   862  N N   . GLU B 1 5  ? -14.862 7.691   -2.364  1.00 10.42 ? 5   GLU B N   1 
ATOM   863  C CA  . GLU B 1 5  ? -16.114 7.096   -1.932  1.00 10.49 ? 5   GLU B CA  1 
ATOM   864  C C   . GLU B 1 5  ? -16.551 6.258   -3.121  1.00 10.21 ? 5   GLU B C   1 
ATOM   865  O O   . GLU B 1 5  ? -16.696 6.763   -4.235  1.00 9.86  ? 5   GLU B O   1 
ATOM   866  C CB  . GLU B 1 5  ? -17.148 8.169   -1.606  1.00 11.07 ? 5   GLU B CB  1 
ATOM   867  C CG  . GLU B 1 5  ? -16.976 8.722   -0.201  1.00 12.08 ? 5   GLU B CG  1 
ATOM   868  C CD  . GLU B 1 5  ? -18.002 9.774   0.152   1.00 12.87 ? 5   GLU B CD  1 
ATOM   869  O OE1 . GLU B 1 5  ? -19.164 9.666   -0.302  1.00 13.38 ? 5   GLU B OE1 1 
ATOM   870  O OE2 . GLU B 1 5  ? -17.645 10.704  0.904   1.00 13.61 ? 5   GLU B OE2 1 
ATOM   871  N N   . VAL B 1 6  ? -16.722 4.965   -2.888  1.00 9.98  ? 6   VAL B N   1 
ATOM   872  C CA  . VAL B 1 6  ? -17.124 4.060   -3.950  1.00 9.85  ? 6   VAL B CA  1 
ATOM   873  C C   . VAL B 1 6  ? -18.596 3.735   -3.771  1.00 9.75  ? 6   VAL B C   1 
ATOM   874  O O   . VAL B 1 6  ? -18.994 3.140   -2.765  1.00 9.56  ? 6   VAL B O   1 
ATOM   875  C CB  . VAL B 1 6  ? -16.290 2.761   -3.914  1.00 9.92  ? 6   VAL B CB  1 
ATOM   876  C CG1 . VAL B 1 6  ? -16.667 1.863   -5.089  1.00 9.97  ? 6   VAL B CG1 1 
ATOM   877  C CG2 . VAL B 1 6  ? -14.805 3.102   -3.954  1.00 10.09 ? 6   VAL B CG2 1 
ATOM   878  N N   . ASN B 1 7  ? -19.389 4.146   -4.758  1.00 9.78  ? 7   ASN B N   1 
ATOM   879  C CA  . ASN B 1 7  ? -20.832 3.937   -4.768  1.00 10.06 ? 7   ASN B CA  1 
ATOM   880  C C   . ASN B 1 7  ? -21.188 2.805   -5.722  1.00 9.85  ? 7   ASN B C   1 
ATOM   881  O O   . ASN B 1 7  ? -20.912 2.873   -6.919  1.00 9.66  ? 7   ASN B O   1 
ATOM   882  C CB  . ASN B 1 7  ? -21.515 5.229   -5.201  1.00 10.86 ? 7   ASN B CB  1 
ATOM   883  C CG  . ASN B 1 7  ? -21.266 6.363   -4.230  1.00 11.81 ? 7   ASN B CG  1 
ATOM   884  O OD1 . ASN B 1 7  ? -21.942 6.475   -3.204  1.00 13.08 ? 7   ASN B OD1 1 
ATOM   885  N ND2 . ASN B 1 7  ? -20.269 7.192   -4.529  1.00 12.35 ? 7   ASN B ND2 1 
ATOM   886  N N   . ILE B 1 8  ? -21.817 1.763   -5.196  1.00 9.81  ? 8   ILE B N   1 
ATOM   887  C CA  . ILE B 1 8  ? -22.175 0.615   -6.015  1.00 9.80  ? 8   ILE B CA  1 
ATOM   888  C C   . ILE B 1 8  ? -23.664 0.303   -5.929  1.00 9.74  ? 8   ILE B C   1 
ATOM   889  O O   . ILE B 1 8  ? -24.228 0.257   -4.839  1.00 9.88  ? 8   ILE B O   1 
ATOM   890  C CB  . ILE B 1 8  ? -21.372 -0.625  -5.572  1.00 10.08 ? 8   ILE B CB  1 
ATOM   891  C CG1 . ILE B 1 8  ? -19.877 -0.344  -5.747  1.00 10.23 ? 8   ILE B CG1 1 
ATOM   892  C CG2 . ILE B 1 8  ? -21.805 -1.851  -6.373  1.00 9.90  ? 8   ILE B CG2 1 
ATOM   893  C CD1 . ILE B 1 8  ? -18.988 -1.401  -5.189  1.00 11.10 ? 8   ILE B CD1 1 
ATOM   894  N N   . VAL B 1 9  ? -24.287 0.116   -7.090  1.00 9.76  ? 9   VAL B N   1 
ATOM   895  C CA  . VAL B 1 9  ? -25.705 -0.214  -7.177  1.00 9.87  ? 9   VAL B CA  1 
ATOM   896  C C   . VAL B 1 9  ? -25.802 -1.638  -7.703  1.00 10.13 ? 9   VAL B C   1 
ATOM   897  O O   . VAL B 1 9  ? -25.226 -1.962  -8.742  1.00 9.93  ? 9   VAL B O   1 
ATOM   898  C CB  . VAL B 1 9  ? -26.451 0.722   -8.148  1.00 9.80  ? 9   VAL B CB  1 
ATOM   899  C CG1 . VAL B 1 9  ? -27.925 0.326   -8.220  1.00 9.99  ? 9   VAL B CG1 1 
ATOM   900  C CG2 . VAL B 1 9  ? -26.321 2.165   -7.679  1.00 9.46  ? 9   VAL B CG2 1 
ATOM   901  N N   . LEU B 1 10 ? -26.524 -2.483  -6.978  1.00 10.73 ? 10  LEU B N   1 
ATOM   902  C CA  . LEU B 1 10 ? -26.689 -3.876  -7.361  1.00 11.31 ? 10  LEU B CA  1 
ATOM   903  C C   . LEU B 1 10 ? -28.117 -4.169  -7.789  1.00 11.93 ? 10  LEU B C   1 
ATOM   904  O O   . LEU B 1 10 ? -29.041 -3.418  -7.474  1.00 11.90 ? 10  LEU B O   1 
ATOM   905  C CB  . LEU B 1 10 ? -26.338 -4.789  -6.184  1.00 11.23 ? 10  LEU B CB  1 
ATOM   906  C CG  . LEU B 1 10 ? -24.917 -4.716  -5.622  1.00 11.13 ? 10  LEU B CG  1 
ATOM   907  C CD1 . LEU B 1 10 ? -24.800 -5.601  -4.392  1.00 11.43 ? 10  LEU B CD1 1 
ATOM   908  C CD2 . LEU B 1 10 ? -23.931 -5.141  -6.689  1.00 11.11 ? 10  LEU B CD2 1 
ATOM   909  N N   . ASN B 1 11 ? -28.266 -5.268  -8.524  1.00 12.50 ? 11  ASN B N   1 
ATOM   910  C CA  . ASN B 1 11 ? -29.558 -5.760  -8.981  1.00 13.52 ? 11  ASN B CA  1 
ATOM   911  C C   . ASN B 1 11 ? -30.409 -5.860  -7.712  1.00 14.30 ? 11  ASN B C   1 
ATOM   912  O O   . ASN B 1 11 ? -30.049 -6.572  -6.779  1.00 14.55 ? 11  ASN B O   1 
ATOM   913  C CB  . ASN B 1 11 ? -29.342 -7.140  -9.611  1.00 13.66 ? 11  ASN B CB  1 
ATOM   914  C CG  . ASN B 1 11 ? -30.636 -7.848  -9.958  1.00 13.81 ? 11  ASN B CG  1 
ATOM   915  O OD1 . ASN B 1 11 ? -31.720 -7.391  -9.621  1.00 14.18 ? 11  ASN B OD1 1 
ATOM   916  N ND2 . ASN B 1 11 ? -30.519 -8.984  -10.633 1.00 14.25 ? 11  ASN B ND2 1 
ATOM   917  N N   . PRO B 1 12 ? -31.543 -5.139  -7.657  1.00 15.05 ? 12  PRO B N   1 
ATOM   918  C CA  . PRO B 1 12 ? -32.444 -5.138  -6.496  1.00 15.86 ? 12  PRO B CA  1 
ATOM   919  C C   . PRO B 1 12 ? -33.226 -6.435  -6.256  1.00 16.71 ? 12  PRO B C   1 
ATOM   920  O O   . PRO B 1 12 ? -33.926 -6.566  -5.248  1.00 16.81 ? 12  PRO B O   1 
ATOM   921  C CB  . PRO B 1 12 ? -33.379 -3.975  -6.801  1.00 15.61 ? 12  PRO B CB  1 
ATOM   922  C CG  . PRO B 1 12 ? -33.526 -4.076  -8.274  1.00 15.49 ? 12  PRO B CG  1 
ATOM   923  C CD  . PRO B 1 12 ? -32.089 -4.287  -8.730  1.00 15.09 ? 12  PRO B CD  1 
ATOM   924  N N   . ASN B 1 13 ? -33.100 -7.382  -7.176  1.00 17.60 ? 13  ASN B N   1 
ATOM   925  C CA  . ASN B 1 13 ? -33.824 -8.650  -7.091  1.00 18.74 ? 13  ASN B CA  1 
ATOM   926  C C   . ASN B 1 13 ? -33.045 -9.823  -6.497  1.00 19.24 ? 13  ASN B C   1 
ATOM   927  O O   . ASN B 1 13 ? -33.571 -10.931 -6.404  1.00 19.35 ? 13  ASN B O   1 
ATOM   928  C CB  . ASN B 1 13 ? -34.326 -9.033  -8.485  1.00 19.16 ? 13  ASN B CB  1 
ATOM   929  C CG  . ASN B 1 13 ? -35.155 -7.938  -9.117  1.00 19.64 ? 13  ASN B CG  1 
ATOM   930  O OD1 . ASN B 1 13 ? -36.168 -7.512  -8.561  1.00 20.14 ? 13  ASN B OD1 1 
ATOM   931  N ND2 . ASN B 1 13 ? -34.730 -7.471  -10.287 1.00 20.11 ? 13  ASN B ND2 1 
ATOM   932  N N   . LEU B 1 14 ? -31.803 -9.583  -6.091  1.00 19.78 ? 14  LEU B N   1 
ATOM   933  C CA  . LEU B 1 14 ? -30.970 -10.638 -5.515  1.00 20.42 ? 14  LEU B CA  1 
ATOM   934  C C   . LEU B 1 14 ? -31.381 -10.963 -4.085  1.00 20.92 ? 14  LEU B C   1 
ATOM   935  O O   . LEU B 1 14 ? -31.809 -10.078 -3.346  1.00 21.07 ? 14  LEU B O   1 
ATOM   936  C CB  . LEU B 1 14 ? -29.505 -10.198 -5.506  1.00 20.43 ? 14  LEU B CB  1 
ATOM   937  C CG  . LEU B 1 14 ? -28.882 -9.728  -6.818  1.00 20.43 ? 14  LEU B CG  1 
ATOM   938  C CD1 . LEU B 1 14 ? -27.504 -9.163  -6.528  1.00 20.56 ? 14  LEU B CD1 1 
ATOM   939  C CD2 . LEU B 1 14 ? -28.800 -10.874 -7.812  1.00 20.49 ? 14  LEU B CD2 1 
ATOM   940  N N   . ASP B 1 15 ? -31.266 -12.230 -3.693  1.00 21.58 ? 15  ASP B N   1 
ATOM   941  C CA  . ASP B 1 15 ? -31.589 -12.596 -2.321  1.00 22.24 ? 15  ASP B CA  1 
ATOM   942  C C   . ASP B 1 15 ? -30.341 -12.307 -1.488  1.00 22.38 ? 15  ASP B C   1 
ATOM   943  O O   . ASP B 1 15 ? -29.248 -12.160 -2.039  1.00 22.41 ? 15  ASP B O   1 
ATOM   944  C CB  . ASP B 1 15 ? -32.007 -14.069 -2.206  1.00 22.74 ? 15  ASP B CB  1 
ATOM   945  C CG  . ASP B 1 15 ? -31.007 -15.023 -2.824  1.00 23.48 ? 15  ASP B CG  1 
ATOM   946  O OD1 . ASP B 1 15 ? -29.800 -14.895 -2.538  1.00 23.82 ? 15  ASP B OD1 1 
ATOM   947  O OD2 . ASP B 1 15 ? -31.439 -15.919 -3.586  1.00 24.15 ? 15  ASP B OD2 1 
ATOM   948  N N   . GLN B 1 16 ? -30.496 -12.216 -0.170  1.00 22.65 ? 16  GLN B N   1 
ATOM   949  C CA  . GLN B 1 16 ? -29.363 -11.891 0.691   1.00 22.71 ? 16  GLN B CA  1 
ATOM   950  C C   . GLN B 1 16 ? -28.128 -12.740 0.423   1.00 22.44 ? 16  GLN B C   1 
ATOM   951  O O   . GLN B 1 16 ? -27.006 -12.268 0.595   1.00 22.44 ? 16  GLN B O   1 
ATOM   952  C CB  . GLN B 1 16 ? -29.766 -11.989 2.170   1.00 23.34 ? 16  GLN B CB  1 
ATOM   953  C CG  . GLN B 1 16 ? -30.135 -13.380 2.646   1.00 23.99 ? 16  GLN B CG  1 
ATOM   954  C CD  . GLN B 1 16 ? -30.704 -13.379 4.057   1.00 24.40 ? 16  GLN B CD  1 
ATOM   955  O OE1 . GLN B 1 16 ? -30.060 -12.916 4.999   1.00 24.96 ? 16  GLN B OE1 1 
ATOM   956  N NE2 . GLN B 1 16 ? -31.916 -13.897 4.207   1.00 24.73 ? 16  GLN B NE2 1 
ATOM   957  N N   . SER B 1 17 ? -28.329 -13.980 -0.009  1.00 22.15 ? 17  SER B N   1 
ATOM   958  C CA  . SER B 1 17 ? -27.221 -14.879 -0.303  1.00 21.78 ? 17  SER B CA  1 
ATOM   959  C C   . SER B 1 17 ? -26.414 -14.384 -1.507  1.00 21.26 ? 17  SER B C   1 
ATOM   960  O O   . SER B 1 17 ? -25.179 -14.375 -1.487  1.00 21.12 ? 17  SER B O   1 
ATOM   961  C CB  . SER B 1 17 ? -27.759 -16.283 -0.577  1.00 22.04 ? 17  SER B CB  1 
ATOM   962  O OG  . SER B 1 17 ? -26.705 -17.218 -0.726  1.00 22.82 ? 17  SER B OG  1 
ATOM   963  N N   . GLN B 1 18 ? -27.122 -13.975 -2.556  1.00 20.63 ? 18  GLN B N   1 
ATOM   964  C CA  . GLN B 1 18 ? -26.499 -13.465 -3.774  1.00 20.05 ? 18  GLN B CA  1 
ATOM   965  C C   . GLN B 1 18 ? -25.875 -12.092 -3.538  1.00 19.44 ? 18  GLN B C   1 
ATOM   966  O O   . GLN B 1 18 ? -24.818 -11.780 -4.086  1.00 18.96 ? 18  GLN B O   1 
ATOM   967  C CB  . GLN B 1 18 ? -27.540 -13.372 -4.884  1.00 20.48 ? 18  GLN B CB  1 
ATOM   968  C CG  . GLN B 1 18 ? -28.181 -14.701 -5.240  1.00 21.15 ? 18  GLN B CG  1 
ATOM   969  C CD  . GLN B 1 18 ? -29.374 -14.539 -6.166  1.00 21.62 ? 18  GLN B CD  1 
ATOM   970  O OE1 . GLN B 1 18 ? -30.354 -13.871 -5.825  1.00 21.65 ? 18  GLN B OE1 1 
ATOM   971  N NE2 . GLN B 1 18 ? -29.297 -15.152 -7.346  1.00 21.89 ? 18  GLN B NE2 1 
ATOM   972  N N   . LEU B 1 19 ? -26.543 -11.269 -2.734  1.00 18.81 ? 19  LEU B N   1 
ATOM   973  C CA  . LEU B 1 19 ? -26.043 -9.940  -2.408  1.00 18.48 ? 19  LEU B CA  1 
ATOM   974  C C   . LEU B 1 19 ? -24.706 -10.058 -1.683  1.00 18.03 ? 19  LEU B C   1 
ATOM   975  O O   . LEU B 1 19 ? -23.756 -9.338  -1.990  1.00 17.74 ? 19  LEU B O   1 
ATOM   976  C CB  . LEU B 1 19 ? -27.051 -9.195  -1.523  1.00 19.04 ? 19  LEU B CB  1 
ATOM   977  C CG  . LEU B 1 19 ? -28.348 -8.749  -2.213  1.00 19.47 ? 19  LEU B CG  1 
ATOM   978  C CD1 . LEU B 1 19 ? -29.326 -8.175  -1.192  1.00 19.91 ? 19  LEU B CD1 1 
ATOM   979  C CD2 . LEU B 1 19 ? -28.013 -7.711  -3.276  1.00 19.93 ? 19  LEU B CD2 1 
ATOM   980  N N   . ALA B 1 20 ? -24.639 -10.981 -0.728  1.00 17.59 ? 20  ALA B N   1 
ATOM   981  C CA  . ALA B 1 20 ? -23.423 -11.202 0.053   1.00 17.22 ? 20  ALA B CA  1 
ATOM   982  C C   . ALA B 1 20 ? -22.259 -11.613 -0.843  1.00 17.02 ? 20  ALA B C   1 
ATOM   983  O O   . ALA B 1 20 ? -21.121 -11.191 -0.636  1.00 16.99 ? 20  ALA B O   1 
ATOM   984  C CB  . ALA B 1 20 ? -23.671 -12.274 1.115   1.00 17.23 ? 20  ALA B CB  1 
ATOM   985  N N   . LEU B 1 21 ? -22.544 -12.445 -1.836  1.00 16.61 ? 21  LEU B N   1 
ATOM   986  C CA  . LEU B 1 21 ? -21.516 -12.889 -2.763  1.00 16.61 ? 21  LEU B CA  1 
ATOM   987  C C   . LEU B 1 21 ? -20.951 -11.697 -3.545  1.00 16.16 ? 21  LEU B C   1 
ATOM   988  O O   . LEU B 1 21 ? -19.736 -11.576 -3.716  1.00 15.99 ? 21  LEU B O   1 
ATOM   989  C CB  . LEU B 1 21 ? -22.092 -13.933 -3.727  1.00 17.17 ? 21  LEU B CB  1 
ATOM   990  C CG  . LEU B 1 21 ? -21.178 -14.429 -4.848  1.00 17.65 ? 21  LEU B CG  1 
ATOM   991  C CD1 . LEU B 1 21 ? -19.918 -15.048 -4.260  1.00 18.01 ? 21  LEU B CD1 1 
ATOM   992  C CD2 . LEU B 1 21 ? -21.929 -15.443 -5.692  1.00 17.93 ? 21  LEU B CD2 1 
ATOM   993  N N   . GLU B 1 22 ? -21.832 -10.818 -4.014  1.00 15.84 ? 22  GLU B N   1 
ATOM   994  C CA  . GLU B 1 22 ? -21.398 -9.642  -4.765  1.00 15.51 ? 22  GLU B CA  1 
ATOM   995  C C   . GLU B 1 22 ? -20.530 -8.750  -3.875  1.00 15.64 ? 22  GLU B C   1 
ATOM   996  O O   . GLU B 1 22 ? -19.555 -8.157  -4.336  1.00 15.11 ? 22  GLU B O   1 
ATOM   997  C CB  . GLU B 1 22 ? -22.613 -8.850  -5.266  1.00 15.33 ? 22  GLU B CB  1 
ATOM   998  C CG  . GLU B 1 22 ? -23.503 -9.577  -6.278  1.00 15.07 ? 22  GLU B CG  1 
ATOM   999  C CD  . GLU B 1 22 ? -22.765 -9.992  -7.542  1.00 15.45 ? 22  GLU B CD  1 
ATOM   1000 O OE1 . GLU B 1 22 ? -21.748 -9.358  -7.887  1.00 15.55 ? 22  GLU B OE1 1 
ATOM   1001 O OE2 . GLU B 1 22 ? -23.211 -10.951 -8.203  1.00 15.14 ? 22  GLU B OE2 1 
ATOM   1002 N N   . LYS B 1 23 ? -20.889 -8.660  -2.596  1.00 15.99 ? 23  LYS B N   1 
ATOM   1003 C CA  . LYS B 1 23 ? -20.134 -7.846  -1.649  1.00 16.71 ? 23  LYS B CA  1 
ATOM   1004 C C   . LYS B 1 23 ? -18.744 -8.436  -1.439  1.00 16.71 ? 23  LYS B C   1 
ATOM   1005 O O   . LYS B 1 23 ? -17.762 -7.708  -1.345  1.00 16.61 ? 23  LYS B O   1 
ATOM   1006 C CB  . LYS B 1 23 ? -20.868 -7.761  -0.308  1.00 17.34 ? 23  LYS B CB  1 
ATOM   1007 C CG  . LYS B 1 23 ? -22.229 -7.100  -0.392  1.00 18.24 ? 23  LYS B CG  1 
ATOM   1008 C CD  . LYS B 1 23 ? -22.924 -7.094  0.965   1.00 19.28 ? 23  LYS B CD  1 
ATOM   1009 C CE  . LYS B 1 23 ? -22.414 -5.967  1.862   1.00 19.86 ? 23  LYS B CE  1 
ATOM   1010 N NZ  . LYS B 1 23 ? -20.947 -6.013  2.096   1.00 20.75 ? 23  LYS B NZ  1 
ATOM   1011 N N   . GLU B 1 24 ? -18.669 -9.760  -1.356  1.00 17.05 ? 24  GLU B N   1 
ATOM   1012 C CA  . GLU B 1 24 ? -17.387 -10.441 -1.188  1.00 17.32 ? 24  GLU B CA  1 
ATOM   1013 C C   . GLU B 1 24 ? -16.503 -10.155 -2.393  1.00 16.78 ? 24  GLU B C   1 
ATOM   1014 O O   . GLU B 1 24 ? -15.311 -9.885  -2.260  1.00 16.70 ? 24  GLU B O   1 
ATOM   1015 C CB  . GLU B 1 24 ? -17.597 -11.953 -1.077  1.00 18.63 ? 24  GLU B CB  1 
ATOM   1016 C CG  . GLU B 1 24 ? -18.278 -12.383 0.196   1.00 20.48 ? 24  GLU B CG  1 
ATOM   1017 C CD  . GLU B 1 24 ? -17.349 -12.345 1.389   1.00 21.58 ? 24  GLU B CD  1 
ATOM   1018 O OE1 . GLU B 1 24 ? -16.778 -11.271 1.674   1.00 22.54 ? 24  GLU B OE1 1 
ATOM   1019 O OE2 . GLU B 1 24 ? -17.195 -13.395 2.048   1.00 22.51 ? 24  GLU B OE2 1 
ATOM   1020 N N   . ILE B 1 25 ? -17.096 -10.234 -3.577  1.00 16.06 ? 25  ILE B N   1 
ATOM   1021 C CA  . ILE B 1 25 ? -16.365 -9.980  -4.805  1.00 15.53 ? 25  ILE B CA  1 
ATOM   1022 C C   . ILE B 1 25 ? -15.851 -8.542  -4.827  1.00 15.18 ? 25  ILE B C   1 
ATOM   1023 O O   . ILE B 1 25 ? -14.724 -8.285  -5.248  1.00 14.74 ? 25  ILE B O   1 
ATOM   1024 C CB  . ILE B 1 25 ? -17.262 -10.239 -6.027  1.00 15.73 ? 25  ILE B CB  1 
ATOM   1025 C CG1 . ILE B 1 25 ? -17.618 -11.727 -6.073  1.00 15.86 ? 25  ILE B CG1 1 
ATOM   1026 C CG2 . ILE B 1 25 ? -16.561 -9.798  -7.296  1.00 15.77 ? 25  ILE B CG2 1 
ATOM   1027 C CD1 . ILE B 1 25 ? -18.606 -12.105 -7.141  1.00 16.07 ? 25  ILE B CD1 1 
ATOM   1028 N N   . ILE B 1 26 ? -16.676 -7.612  -4.359  1.00 14.75 ? 26  ILE B N   1 
ATOM   1029 C CA  . ILE B 1 26 ? -16.292 -6.207  -4.319  1.00 14.66 ? 26  ILE B CA  1 
ATOM   1030 C C   . ILE B 1 26 ? -15.146 -6.000  -3.342  1.00 14.83 ? 26  ILE B C   1 
ATOM   1031 O O   . ILE B 1 26 ? -14.185 -5.282  -3.633  1.00 14.66 ? 26  ILE B O   1 
ATOM   1032 C CB  . ILE B 1 26 ? -17.472 -5.319  -3.890  1.00 14.25 ? 26  ILE B CB  1 
ATOM   1033 C CG1 . ILE B 1 26 ? -18.515 -5.275  -5.006  1.00 14.23 ? 26  ILE B CG1 1 
ATOM   1034 C CG2 . ILE B 1 26 ? -16.971 -3.916  -3.543  1.00 14.23 ? 26  ILE B CG2 1 
ATOM   1035 C CD1 . ILE B 1 26 ? -19.848 -4.692  -4.584  1.00 13.67 ? 26  ILE B CD1 1 
ATOM   1036 N N   . GLN B 1 27 ? -15.239 -6.629  -2.177  1.00 15.38 ? 27  GLN B N   1 
ATOM   1037 C CA  . GLN B 1 27 ? -14.181 -6.482  -1.194  1.00 15.77 ? 27  GLN B CA  1 
ATOM   1038 C C   . GLN B 1 27 ? -12.871 -7.079  -1.695  1.00 15.57 ? 27  GLN B C   1 
ATOM   1039 O O   . GLN B 1 27 ? -11.794 -6.532  -1.438  1.00 15.14 ? 27  GLN B O   1 
ATOM   1040 C CB  . GLN B 1 27 ? -14.605 -7.095  0.141   1.00 16.92 ? 27  GLN B CB  1 
ATOM   1041 C CG  . GLN B 1 27 ? -15.224 -6.058  1.077   1.00 18.72 ? 27  GLN B CG  1 
ATOM   1042 C CD  . GLN B 1 27 ? -16.621 -6.417  1.533   1.00 19.62 ? 27  GLN B CD  1 
ATOM   1043 O OE1 . GLN B 1 27 ? -17.274 -5.649  2.240   1.00 20.46 ? 27  GLN B OE1 1 
ATOM   1044 N NE2 . GLN B 1 27 ? -17.087 -7.591  1.133   1.00 20.59 ? 27  GLN B NE2 1 
ATOM   1045 N N   . ARG B 1 28 ? -12.953 -8.188  -2.428  1.00 15.27 ? 28  ARG B N   1 
ATOM   1046 C CA  . ARG B 1 28 ? -11.740 -8.802  -2.960  1.00 15.27 ? 28  ARG B CA  1 
ATOM   1047 C C   . ARG B 1 28 ? -11.092 -7.859  -3.968  1.00 14.99 ? 28  ARG B C   1 
ATOM   1048 O O   . ARG B 1 28 ? -9.871  -7.698  -3.992  1.00 15.06 ? 28  ARG B O   1 
ATOM   1049 C CB  . ARG B 1 28 ? -12.050 -10.133 -3.648  1.00 15.69 ? 28  ARG B CB  1 
ATOM   1050 C CG  . ARG B 1 28 ? -10.815 -10.780 -4.248  1.00 16.39 ? 28  ARG B CG  1 
ATOM   1051 C CD  . ARG B 1 28 ? -11.118 -12.142 -4.841  1.00 16.94 ? 28  ARG B CD  1 
ATOM   1052 N NE  . ARG B 1 28 ? -11.982 -12.061 -6.014  1.00 17.41 ? 28  ARG B NE  1 
ATOM   1053 C CZ  . ARG B 1 28 ? -12.299 -13.107 -6.769  1.00 17.68 ? 28  ARG B CZ  1 
ATOM   1054 N NH1 . ARG B 1 28 ? -11.816 -14.306 -6.466  1.00 17.86 ? 28  ARG B NH1 1 
ATOM   1055 N NH2 . ARG B 1 28 ? -13.088 -12.958 -7.826  1.00 17.86 ? 28  ARG B NH2 1 
ATOM   1056 N N   . ALA B 1 29 ? -11.922 -7.235  -4.798  1.00 14.64 ? 29  ALA B N   1 
ATOM   1057 C CA  . ALA B 1 29 ? -11.439 -6.300  -5.806  1.00 14.46 ? 29  ALA B CA  1 
ATOM   1058 C C   . ALA B 1 29 ? -10.763 -5.112  -5.121  1.00 14.53 ? 29  ALA B C   1 
ATOM   1059 O O   . ALA B 1 29 ? -9.683  -4.692  -5.520  1.00 14.42 ? 29  ALA B O   1 
ATOM   1060 C CB  . ALA B 1 29 ? -12.595 -5.826  -6.675  1.00 14.22 ? 29  ALA B CB  1 
ATOM   1061 N N   . LEU B 1 30 ? -11.398 -4.581  -4.081  1.00 14.86 ? 30  LEU B N   1 
ATOM   1062 C CA  . LEU B 1 30 ? -10.826 -3.450  -3.359  1.00 15.38 ? 30  LEU B CA  1 
ATOM   1063 C C   . LEU B 1 30 ? -9.445  -3.812  -2.827  1.00 16.06 ? 30  LEU B C   1 
ATOM   1064 O O   . LEU B 1 30 ? -8.494  -3.044  -2.961  1.00 16.11 ? 30  LEU B O   1 
ATOM   1065 C CB  . LEU B 1 30 ? -11.742 -3.032  -2.202  1.00 15.05 ? 30  LEU B CB  1 
ATOM   1066 C CG  . LEU B 1 30 ? -13.073 -2.390  -2.610  1.00 15.19 ? 30  LEU B CG  1 
ATOM   1067 C CD1 . LEU B 1 30 ? -13.976 -2.256  -1.397  1.00 14.85 ? 30  LEU B CD1 1 
ATOM   1068 C CD2 . LEU B 1 30 ? -12.811 -1.025  -3.240  1.00 15.18 ? 30  LEU B CD2 1 
ATOM   1069 N N   . GLU B 1 31 ? -9.334  -4.998  -2.239  1.00 16.70 ? 31  GLU B N   1 
ATOM   1070 C CA  . GLU B 1 31 ? -8.064  -5.449  -1.685  1.00 17.66 ? 31  GLU B CA  1 
ATOM   1071 C C   . GLU B 1 31 ? -6.996  -5.643  -2.755  1.00 17.90 ? 31  GLU B C   1 
ATOM   1072 O O   . GLU B 1 31 ? -5.846  -5.249  -2.571  1.00 17.62 ? 31  GLU B O   1 
ATOM   1073 C CB  . GLU B 1 31 ? -8.254  -6.762  -0.923  1.00 18.51 ? 31  GLU B CB  1 
ATOM   1074 C CG  . GLU B 1 31 ? -6.946  -7.380  -0.432  1.00 20.13 ? 31  GLU B CG  1 
ATOM   1075 C CD  . GLU B 1 31 ? -6.367  -6.673  0.784   1.00 21.17 ? 31  GLU B CD  1 
ATOM   1076 O OE1 . GLU B 1 31 ? -6.225  -5.435  0.755   1.00 22.08 ? 31  GLU B OE1 1 
ATOM   1077 O OE2 . GLU B 1 31 ? -6.045  -7.363  1.775   1.00 22.34 ? 31  GLU B OE2 1 
ATOM   1078 N N   . ASN B 1 32 ? -7.372  -6.254  -3.875  1.00 18.18 ? 32  ASN B N   1 
ATOM   1079 C CA  . ASN B 1 32 ? -6.411  -6.500  -4.939  1.00 18.58 ? 32  ASN B CA  1 
ATOM   1080 C C   . ASN B 1 32 ? -5.899  -5.246  -5.651  1.00 18.63 ? 32  ASN B C   1 
ATOM   1081 O O   . ASN B 1 32 ? -4.782  -5.245  -6.174  1.00 18.63 ? 32  ASN B O   1 
ATOM   1082 C CB  . ASN B 1 32 ? -6.981  -7.501  -5.947  1.00 19.16 ? 32  ASN B CB  1 
ATOM   1083 C CG  . ASN B 1 32 ? -7.078  -8.910  -5.374  1.00 19.73 ? 32  ASN B CG  1 
ATOM   1084 O OD1 . ASN B 1 32 ? -6.336  -9.264  -4.454  1.00 20.23 ? 32  ASN B OD1 1 
ATOM   1085 N ND2 . ASN B 1 32 ? -7.974  -9.720  -5.924  1.00 20.16 ? 32  ASN B ND2 1 
ATOM   1086 N N   . TYR B 1 33 ? -6.696  -4.182  -5.671  1.00 18.54 ? 33  TYR B N   1 
ATOM   1087 C CA  . TYR B 1 33 ? -6.255  -2.948  -6.317  1.00 18.59 ? 33  TYR B CA  1 
ATOM   1088 C C   . TYR B 1 33 ? -5.634  -1.969  -5.324  1.00 18.41 ? 33  TYR B C   1 
ATOM   1089 O O   . TYR B 1 33 ? -5.513  -0.772  -5.605  1.00 18.69 ? 33  TYR B O   1 
ATOM   1090 C CB  . TYR B 1 33 ? -7.404  -2.286  -7.082  1.00 18.97 ? 33  TYR B CB  1 
ATOM   1091 C CG  . TYR B 1 33 ? -7.700  -2.982  -8.388  1.00 19.31 ? 33  TYR B CG  1 
ATOM   1092 C CD1 . TYR B 1 33 ? -8.598  -4.044  -8.441  1.00 19.67 ? 33  TYR B CD1 1 
ATOM   1093 C CD2 . TYR B 1 33 ? -7.024  -2.628  -9.558  1.00 19.60 ? 33  TYR B CD2 1 
ATOM   1094 C CE1 . TYR B 1 33 ? -8.818  -4.741  -9.623  1.00 20.02 ? 33  TYR B CE1 1 
ATOM   1095 C CE2 . TYR B 1 33 ? -7.237  -3.327  -10.750 1.00 19.88 ? 33  TYR B CE2 1 
ATOM   1096 C CZ  . TYR B 1 33 ? -8.134  -4.381  -10.770 1.00 20.05 ? 33  TYR B CZ  1 
ATOM   1097 O OH  . TYR B 1 33 ? -8.353  -5.095  -11.930 1.00 20.84 ? 33  TYR B OH  1 
ATOM   1098 N N   . GLY B 1 34 ? -5.248  -2.498  -4.165  1.00 18.06 ? 34  GLY B N   1 
ATOM   1099 C CA  . GLY B 1 34 ? -4.597  -1.704  -3.138  1.00 17.57 ? 34  GLY B CA  1 
ATOM   1100 C C   . GLY B 1 34 ? -5.429  -0.757  -2.298  1.00 17.41 ? 34  GLY B C   1 
ATOM   1101 O O   . GLY B 1 34 ? -4.886  0.182   -1.713  1.00 17.41 ? 34  GLY B O   1 
ATOM   1102 N N   . ALA B 1 35 ? -6.733  -0.993  -2.213  1.00 17.07 ? 35  ALA B N   1 
ATOM   1103 C CA  . ALA B 1 35 ? -7.587  -0.114  -1.427  1.00 16.91 ? 35  ALA B CA  1 
ATOM   1104 C C   . ALA B 1 35 ? -7.646  -0.490  0.048   1.00 16.87 ? 35  ALA B C   1 
ATOM   1105 O O   . ALA B 1 35 ? -7.682  -1.669  0.406   1.00 17.00 ? 35  ALA B O   1 
ATOM   1106 C CB  . ALA B 1 35 ? -8.994  -0.096  -2.011  1.00 16.71 ? 35  ALA B CB  1 
ATOM   1107 N N   . ARG B 1 36 ? -7.646  0.533   0.895   1.00 16.71 ? 36  ARG B N   1 
ATOM   1108 C CA  . ARG B 1 36 ? -7.741  0.368   2.336   1.00 16.71 ? 36  ARG B CA  1 
ATOM   1109 C C   . ARG B 1 36 ? -9.171  0.799   2.644   1.00 16.09 ? 36  ARG B C   1 
ATOM   1110 O O   . ARG B 1 36 ? -9.526  1.956   2.431   1.00 15.88 ? 36  ARG B O   1 
ATOM   1111 C CB  . ARG B 1 36 ? -6.745  1.293   3.041   1.00 17.68 ? 36  ARG B CB  1 
ATOM   1112 C CG  . ARG B 1 36 ? -5.291  0.961   2.745   1.00 19.13 ? 36  ARG B CG  1 
ATOM   1113 C CD  . ARG B 1 36 ? -4.359  2.082   3.177   1.00 20.36 ? 36  ARG B CD  1 
ATOM   1114 N NE  . ARG B 1 36 ? -4.353  2.282   4.622   1.00 21.64 ? 36  ARG B NE  1 
ATOM   1115 C CZ  . ARG B 1 36 ? -3.833  1.426   5.496   1.00 22.07 ? 36  ARG B CZ  1 
ATOM   1116 N NH1 . ARG B 1 36 ? -3.269  0.300   5.076   1.00 22.83 ? 36  ARG B NH1 1 
ATOM   1117 N NH2 . ARG B 1 36 ? -3.867  1.701   6.791   1.00 22.79 ? 36  ARG B NH2 1 
ATOM   1118 N N   . VAL B 1 37 ? -9.998  -0.130  3.111   1.00 15.70 ? 37  VAL B N   1 
ATOM   1119 C CA  . VAL B 1 37 ? -11.391 0.190   3.412   1.00 15.30 ? 37  VAL B CA  1 
ATOM   1120 C C   . VAL B 1 37 ? -11.536 0.770   4.812   1.00 15.25 ? 37  VAL B C   1 
ATOM   1121 O O   . VAL B 1 37 ? -11.252 0.101   5.806   1.00 15.07 ? 37  VAL B O   1 
ATOM   1122 C CB  . VAL B 1 37 ? -12.292 -1.056  3.270   1.00 15.29 ? 37  VAL B CB  1 
ATOM   1123 C CG1 . VAL B 1 37 ? -13.739 -0.690  3.562   1.00 15.35 ? 37  VAL B CG1 1 
ATOM   1124 C CG2 . VAL B 1 37 ? -12.160 -1.631  1.865   1.00 15.20 ? 37  VAL B CG2 1 
ATOM   1125 N N   . GLU B 1 38 ? -11.987 2.018   4.876   1.00 15.09 ? 38  GLU B N   1 
ATOM   1126 C CA  . GLU B 1 38 ? -12.145 2.721   6.142   1.00 15.27 ? 38  GLU B CA  1 
ATOM   1127 C C   . GLU B 1 38 ? -13.555 2.660   6.713   1.00 15.27 ? 38  GLU B C   1 
ATOM   1128 O O   . GLU B 1 38 ? -13.737 2.697   7.926   1.00 15.36 ? 38  GLU B O   1 
ATOM   1129 C CB  . GLU B 1 38 ? -11.733 4.183   5.972   1.00 15.51 ? 38  GLU B CB  1 
ATOM   1130 C CG  . GLU B 1 38 ? -10.361 4.364   5.349   1.00 15.97 ? 38  GLU B CG  1 
ATOM   1131 C CD  . GLU B 1 38 ? -9.949  5.814   5.278   1.00 16.17 ? 38  GLU B CD  1 
ATOM   1132 O OE1 . GLU B 1 38 ? -10.769 6.648   4.839   1.00 16.18 ? 38  GLU B OE1 1 
ATOM   1133 O OE2 . GLU B 1 38 ? -8.795  6.123   5.649   1.00 16.75 ? 38  GLU B OE2 1 
ATOM   1134 N N   . LYS B 1 39 ? -14.549 2.574   5.837   1.00 15.32 ? 39  LYS B N   1 
ATOM   1135 C CA  . LYS B 1 39 ? -15.937 2.513   6.276   1.00 15.34 ? 39  LYS B CA  1 
ATOM   1136 C C   . LYS B 1 39 ? -16.811 1.909   5.186   1.00 15.19 ? 39  LYS B C   1 
ATOM   1137 O O   . LYS B 1 39 ? -16.590 2.133   3.997   1.00 14.94 ? 39  LYS B O   1 
ATOM   1138 C CB  . LYS B 1 39 ? -16.443 3.915   6.632   1.00 15.86 ? 39  LYS B CB  1 
ATOM   1139 C CG  . LYS B 1 39 ? -17.813 3.945   7.304   1.00 16.29 ? 39  LYS B CG  1 
ATOM   1140 C CD  . LYS B 1 39 ? -18.239 5.376   7.582   1.00 17.18 ? 39  LYS B CD  1 
ATOM   1141 C CE  . LYS B 1 39 ? -19.598 5.442   8.266   1.00 17.55 ? 39  LYS B CE  1 
ATOM   1142 N NZ  . LYS B 1 39 ? -19.560 4.833   9.619   1.00 18.32 ? 39  LYS B NZ  1 
ATOM   1143 N N   . VAL B 1 40 ? -17.798 1.127   5.603   1.00 15.11 ? 40  VAL B N   1 
ATOM   1144 C CA  . VAL B 1 40 ? -18.713 0.494   4.666   1.00 15.20 ? 40  VAL B CA  1 
ATOM   1145 C C   . VAL B 1 40 ? -20.132 0.785   5.126   1.00 15.17 ? 40  VAL B C   1 
ATOM   1146 O O   . VAL B 1 40 ? -20.418 0.779   6.321   1.00 15.28 ? 40  VAL B O   1 
ATOM   1147 C CB  . VAL B 1 40 ? -18.508 -1.031  4.624   1.00 15.49 ? 40  VAL B CB  1 
ATOM   1148 C CG1 . VAL B 1 40 ? -19.437 -1.654  3.584   1.00 15.78 ? 40  VAL B CG1 1 
ATOM   1149 C CG2 . VAL B 1 40 ? -17.057 -1.344  4.309   1.00 15.83 ? 40  VAL B CG2 1 
ATOM   1150 N N   . ALA B 1 41 ? -21.020 1.052   4.177   1.00 14.86 ? 41  ALA B N   1 
ATOM   1151 C CA  . ALA B 1 41 ? -22.405 1.332   4.512   1.00 14.95 ? 41  ALA B CA  1 
ATOM   1152 C C   . ALA B 1 41 ? -23.320 0.606   3.547   1.00 14.96 ? 41  ALA B C   1 
ATOM   1153 O O   . ALA B 1 41 ? -23.106 0.638   2.338   1.00 14.64 ? 41  ALA B O   1 
ATOM   1154 C CB  . ALA B 1 41 ? -22.665 2.832   4.455   1.00 14.83 ? 41  ALA B CB  1 
ATOM   1155 N N   . ILE B 1 42 ? -24.323 -0.077  4.087   1.00 15.21 ? 42  ILE B N   1 
ATOM   1156 C CA  . ILE B 1 42 ? -25.296 -0.782  3.262   1.00 15.68 ? 42  ILE B CA  1 
ATOM   1157 C C   . ILE B 1 42 ? -26.523 0.124   3.262   1.00 15.68 ? 42  ILE B C   1 
ATOM   1158 O O   . ILE B 1 42 ? -27.273 0.163   4.238   1.00 15.72 ? 42  ILE B O   1 
ATOM   1159 C CB  . ILE B 1 42 ? -25.667 -2.157  3.858   1.00 16.18 ? 42  ILE B CB  1 
ATOM   1160 C CG1 . ILE B 1 42 ? -24.426 -3.057  3.906   1.00 16.69 ? 42  ILE B CG1 1 
ATOM   1161 C CG2 . ILE B 1 42 ? -26.754 -2.816  3.014   1.00 16.30 ? 42  ILE B CG2 1 
ATOM   1162 C CD1 . ILE B 1 42 ? -24.695 -4.458  4.454   1.00 17.37 ? 42  ILE B CD1 1 
ATOM   1163 N N   . LEU B 1 43 ? -26.711 0.864   2.173   1.00 15.46 ? 43  LEU B N   1 
ATOM   1164 C CA  . LEU B 1 43 ? -27.822 1.797   2.072   1.00 15.62 ? 43  LEU B CA  1 
ATOM   1165 C C   . LEU B 1 43 ? -29.144 1.135   1.712   1.00 15.49 ? 43  LEU B C   1 
ATOM   1166 O O   . LEU B 1 43 ? -30.203 1.601   2.121   1.00 15.79 ? 43  LEU B O   1 
ATOM   1167 C CB  . LEU B 1 43 ? -27.483 2.897   1.060   1.00 15.85 ? 43  LEU B CB  1 
ATOM   1168 C CG  . LEU B 1 43 ? -26.137 3.603   1.274   1.00 16.35 ? 43  LEU B CG  1 
ATOM   1169 C CD1 . LEU B 1 43 ? -25.952 4.682   0.207   1.00 16.55 ? 43  LEU B CD1 1 
ATOM   1170 C CD2 . LEU B 1 43 ? -26.075 4.210   2.676   1.00 16.55 ? 43  LEU B CD2 1 
ATOM   1171 N N   . GLY B 1 44 ? -29.092 0.053   0.947   1.00 15.26 ? 44  GLY B N   1 
ATOM   1172 C CA  . GLY B 1 44 ? -30.323 -0.625  0.594   1.00 15.04 ? 44  GLY B CA  1 
ATOM   1173 C C   . GLY B 1 44 ? -30.988 -0.156  -0.685  1.00 14.84 ? 44  GLY B C   1 
ATOM   1174 O O   . GLY B 1 44 ? -30.357 0.462   -1.541  1.00 14.59 ? 44  GLY B O   1 
ATOM   1175 N N   . LEU B 1 45 ? -32.283 -0.439  -0.799  1.00 14.67 ? 45  LEU B N   1 
ATOM   1176 C CA  . LEU B 1 45 ? -33.059 -0.102  -1.991  1.00 14.28 ? 45  LEU B CA  1 
ATOM   1177 C C   . LEU B 1 45 ? -33.421 1.376   -2.159  1.00 14.08 ? 45  LEU B C   1 
ATOM   1178 O O   . LEU B 1 45 ? -33.897 2.028   -1.230  1.00 13.98 ? 45  LEU B O   1 
ATOM   1179 C CB  . LEU B 1 45 ? -34.338 -0.955  -2.019  1.00 14.64 ? 45  LEU B CB  1 
ATOM   1180 C CG  . LEU B 1 45 ? -34.158 -2.479  -2.122  1.00 14.73 ? 45  LEU B CG  1 
ATOM   1181 C CD1 . LEU B 1 45 ? -35.488 -3.187  -1.856  1.00 15.13 ? 45  LEU B CD1 1 
ATOM   1182 C CD2 . LEU B 1 45 ? -33.643 -2.832  -3.502  1.00 15.01 ? 45  LEU B CD2 1 
ATOM   1183 N N   . ARG B 1 46 ? -33.184 1.893   -3.361  1.00 13.87 ? 46  ARG B N   1 
ATOM   1184 C CA  . ARG B 1 46 ? -33.501 3.273   -3.693  1.00 13.77 ? 46  ARG B CA  1 
ATOM   1185 C C   . ARG B 1 46 ? -34.007 3.293   -5.126  1.00 13.61 ? 46  ARG B C   1 
ATOM   1186 O O   . ARG B 1 46 ? -33.652 2.430   -5.931  1.00 13.43 ? 46  ARG B O   1 
ATOM   1187 C CB  . ARG B 1 46 ? -32.261 4.167   -3.609  1.00 14.22 ? 46  ARG B CB  1 
ATOM   1188 C CG  . ARG B 1 46 ? -31.544 4.156   -2.273  1.00 14.67 ? 46  ARG B CG  1 
ATOM   1189 C CD  . ARG B 1 46 ? -30.320 5.061   -2.299  1.00 15.28 ? 46  ARG B CD  1 
ATOM   1190 N NE  . ARG B 1 46 ? -30.686 6.475   -2.376  1.00 16.09 ? 46  ARG B NE  1 
ATOM   1191 C CZ  . ARG B 1 46 ? -29.835 7.474   -2.167  1.00 16.65 ? 46  ARG B CZ  1 
ATOM   1192 N NH1 . ARG B 1 46 ? -28.568 7.220   -1.866  1.00 17.29 ? 46  ARG B NH1 1 
ATOM   1193 N NH2 . ARG B 1 46 ? -30.256 8.730   -2.236  1.00 17.06 ? 46  ARG B NH2 1 
ATOM   1194 N N   . ARG B 1 47 ? -34.853 4.267   -5.436  1.00 13.47 ? 47  ARG B N   1 
ATOM   1195 C CA  . ARG B 1 47 ? -35.370 4.422   -6.790  1.00 13.42 ? 47  ARG B CA  1 
ATOM   1196 C C   . ARG B 1 47 ? -34.247 5.114   -7.560  1.00 13.03 ? 47  ARG B C   1 
ATOM   1197 O O   . ARG B 1 47 ? -33.742 6.145   -7.126  1.00 13.13 ? 47  ARG B O   1 
ATOM   1198 C CB  . ARG B 1 47 ? -36.628 5.302   -6.775  1.00 14.28 ? 47  ARG B CB  1 
ATOM   1199 C CG  . ARG B 1 47 ? -37.218 5.626   -8.153  1.00 15.61 ? 47  ARG B CG  1 
ATOM   1200 C CD  . ARG B 1 47 ? -37.803 4.400   -8.841  1.00 16.61 ? 47  ARG B CD  1 
ATOM   1201 N NE  . ARG B 1 47 ? -39.013 3.892   -8.193  1.00 17.37 ? 47  ARG B NE  1 
ATOM   1202 C CZ  . ARG B 1 47 ? -40.210 4.475   -8.236  1.00 17.50 ? 47  ARG B CZ  1 
ATOM   1203 N NH1 . ARG B 1 47 ? -40.387 5.608   -8.898  1.00 18.00 ? 47  ARG B NH1 1 
ATOM   1204 N NH2 . ARG B 1 47 ? -41.243 3.912   -7.622  1.00 18.09 ? 47  ARG B NH2 1 
ATOM   1205 N N   . LEU B 1 48 ? -33.849 4.552   -8.696  1.00 12.36 ? 48  LEU B N   1 
ATOM   1206 C CA  . LEU B 1 48 ? -32.768 5.142   -9.487  1.00 11.81 ? 48  LEU B CA  1 
ATOM   1207 C C   . LEU B 1 48 ? -33.171 6.410   -10.243 1.00 11.65 ? 48  LEU B C   1 
ATOM   1208 O O   . LEU B 1 48 ? -34.348 6.625   -10.539 1.00 11.31 ? 48  LEU B O   1 
ATOM   1209 C CB  . LEU B 1 48 ? -32.240 4.117   -10.492 1.00 11.77 ? 48  LEU B CB  1 
ATOM   1210 C CG  . LEU B 1 48 ? -31.746 2.796   -9.908  1.00 11.75 ? 48  LEU B CG  1 
ATOM   1211 C CD1 . LEU B 1 48 ? -31.429 1.837   -11.045 1.00 11.85 ? 48  LEU B CD1 1 
ATOM   1212 C CD2 . LEU B 1 48 ? -30.534 3.036   -9.034  1.00 12.31 ? 48  LEU B CD2 1 
ATOM   1213 N N   . ALA B 1 49 ? -32.178 7.241   -10.558 1.00 11.64 ? 49  ALA B N   1 
ATOM   1214 C CA  . ALA B 1 49 ? -32.410 8.478   -11.304 1.00 11.43 ? 49  ALA B CA  1 
ATOM   1215 C C   . ALA B 1 49 ? -33.116 8.119   -12.607 1.00 11.50 ? 49  ALA B C   1 
ATOM   1216 O O   . ALA B 1 49 ? -33.967 8.854   -13.101 1.00 11.62 ? 49  ALA B O   1 
ATOM   1217 C CB  . ALA B 1 49 ? -31.079 9.177   -11.596 1.00 11.72 ? 49  ALA B CB  1 
ATOM   1218 N N   . TYR B 1 50 ? -32.728 6.979   -13.168 1.00 11.37 ? 50  TYR B N   1 
ATOM   1219 C CA  . TYR B 1 50 ? -33.330 6.459   -14.389 1.00 11.24 ? 50  TYR B CA  1 
ATOM   1220 C C   . TYR B 1 50 ? -33.123 4.946   -14.345 1.00 10.98 ? 50  TYR B C   1 
ATOM   1221 O O   . TYR B 1 50 ? -32.115 4.459   -13.821 1.00 10.62 ? 50  TYR B O   1 
ATOM   1222 C CB  . TYR B 1 50 ? -32.694 7.091   -15.637 1.00 12.08 ? 50  TYR B CB  1 
ATOM   1223 C CG  . TYR B 1 50 ? -31.202 6.909   -15.759 1.00 12.90 ? 50  TYR B CG  1 
ATOM   1224 C CD1 . TYR B 1 50 ? -30.662 5.722   -16.258 1.00 13.28 ? 50  TYR B CD1 1 
ATOM   1225 C CD2 . TYR B 1 50 ? -30.322 7.919   -15.361 1.00 13.23 ? 50  TYR B CD2 1 
ATOM   1226 C CE1 . TYR B 1 50 ? -29.282 5.540   -16.353 1.00 13.85 ? 50  TYR B CE1 1 
ATOM   1227 C CE2 . TYR B 1 50 ? -28.942 7.744   -15.451 1.00 13.74 ? 50  TYR B CE2 1 
ATOM   1228 C CZ  . TYR B 1 50 ? -28.432 6.553   -15.946 1.00 13.96 ? 50  TYR B CZ  1 
ATOM   1229 O OH  . TYR B 1 50 ? -27.068 6.364   -16.012 1.00 15.02 ? 50  TYR B OH  1 
ATOM   1230 N N   . PRO B 1 51 ? -34.097 4.177   -14.854 1.00 10.69 ? 51  PRO B N   1 
ATOM   1231 C CA  . PRO B 1 51 ? -33.968 2.718   -14.836 1.00 10.85 ? 51  PRO B CA  1 
ATOM   1232 C C   . PRO B 1 51 ? -32.741 2.163   -15.554 1.00 10.87 ? 51  PRO B C   1 
ATOM   1233 O O   . PRO B 1 51 ? -32.334 2.661   -16.602 1.00 10.45 ? 51  PRO B O   1 
ATOM   1234 C CB  . PRO B 1 51 ? -35.290 2.241   -15.453 1.00 10.81 ? 51  PRO B CB  1 
ATOM   1235 C CG  . PRO B 1 51 ? -35.719 3.393   -16.321 1.00 11.26 ? 51  PRO B CG  1 
ATOM   1236 C CD  . PRO B 1 51 ? -35.358 4.601   -15.490 1.00 10.90 ? 51  PRO B CD  1 
ATOM   1237 N N   . ILE B 1 52 ? -32.159 1.123   -14.968 1.00 11.18 ? 52  ILE B N   1 
ATOM   1238 C CA  . ILE B 1 52 ? -30.990 0.451   -15.523 1.00 11.69 ? 52  ILE B CA  1 
ATOM   1239 C C   . ILE B 1 52 ? -31.359 -1.018  -15.633 1.00 12.21 ? 52  ILE B C   1 
ATOM   1240 O O   . ILE B 1 52 ? -31.902 -1.589  -14.690 1.00 12.06 ? 52  ILE B O   1 
ATOM   1241 C CB  . ILE B 1 52 ? -29.764 0.597   -14.599 1.00 11.83 ? 52  ILE B CB  1 
ATOM   1242 C CG1 . ILE B 1 52 ? -29.437 2.081   -14.413 1.00 11.88 ? 52  ILE B CG1 1 
ATOM   1243 C CG2 . ILE B 1 52 ? -28.568 -0.139  -15.195 1.00 12.05 ? 52  ILE B CG2 1 
ATOM   1244 C CD1 . ILE B 1 52 ? -28.283 2.349   -13.476 1.00 12.03 ? 52  ILE B CD1 1 
ATOM   1245 N N   . ALA B 1 53 ? -31.067 -1.624  -16.780 1.00 12.90 ? 53  ALA B N   1 
ATOM   1246 C CA  . ALA B 1 53 ? -31.394 -3.029  -17.017 1.00 13.68 ? 53  ALA B CA  1 
ATOM   1247 C C   . ALA B 1 53 ? -32.892 -3.271  -16.836 1.00 14.20 ? 53  ALA B C   1 
ATOM   1248 O O   . ALA B 1 53 ? -33.304 -4.336  -16.384 1.00 14.27 ? 53  ALA B O   1 
ATOM   1249 C CB  . ALA B 1 53 ? -30.608 -3.928  -16.071 1.00 13.68 ? 53  ALA B CB  1 
ATOM   1250 N N   . LYS B 1 54 ? -33.694 -2.268  -17.186 1.00 14.91 ? 54  LYS B N   1 
ATOM   1251 C CA  . LYS B 1 54 ? -35.151 -2.344  -17.090 1.00 15.78 ? 54  LYS B CA  1 
ATOM   1252 C C   . LYS B 1 54 ? -35.666 -2.440  -15.659 1.00 15.83 ? 54  LYS B C   1 
ATOM   1253 O O   . LYS B 1 54 ? -36.808 -2.840  -15.421 1.00 15.92 ? 54  LYS B O   1 
ATOM   1254 C CB  . LYS B 1 54 ? -35.668 -3.532  -17.911 1.00 16.70 ? 54  LYS B CB  1 
ATOM   1255 C CG  . LYS B 1 54 ? -35.211 -3.507  -19.363 1.00 17.87 ? 54  LYS B CG  1 
ATOM   1256 C CD  . LYS B 1 54 ? -35.668 -2.244  -20.065 1.00 18.77 ? 54  LYS B CD  1 
ATOM   1257 C CE  . LYS B 1 54 ? -35.271 -2.271  -21.533 1.00 19.70 ? 54  LYS B CE  1 
ATOM   1258 N NZ  . LYS B 1 54 ? -35.838 -3.465  -22.218 1.00 20.44 ? 54  LYS B NZ  1 
ATOM   1259 N N   . ASP B 1 55 ? -34.815 -2.065  -14.711 1.00 15.87 ? 55  ASP B N   1 
ATOM   1260 C CA  . ASP B 1 55 ? -35.144 -2.077  -13.290 1.00 16.01 ? 55  ASP B CA  1 
ATOM   1261 C C   . ASP B 1 55 ? -35.124 -0.639  -12.790 1.00 15.24 ? 55  ASP B C   1 
ATOM   1262 O O   . ASP B 1 55 ? -34.115 0.044   -12.919 1.00 14.96 ? 55  ASP B O   1 
ATOM   1263 C CB  . ASP B 1 55 ? -34.099 -2.878  -12.511 1.00 17.37 ? 55  ASP B CB  1 
ATOM   1264 C CG  . ASP B 1 55 ? -34.541 -4.290  -12.211 1.00 18.89 ? 55  ASP B CG  1 
ATOM   1265 O OD1 . ASP B 1 55 ? -35.424 -4.465  -11.341 1.00 20.50 ? 55  ASP B OD1 1 
ATOM   1266 O OD2 . ASP B 1 55 ? -34.005 -5.222  -12.843 1.00 20.02 ? 55  ASP B OD2 1 
ATOM   1267 N N   . PRO B 1 56 ? -36.237 -0.160  -12.215 1.00 14.73 ? 56  PRO B N   1 
ATOM   1268 C CA  . PRO B 1 56 ? -36.272 1.220   -11.717 1.00 14.38 ? 56  PRO B CA  1 
ATOM   1269 C C   . PRO B 1 56 ? -35.614 1.406   -10.351 1.00 14.20 ? 56  PRO B C   1 
ATOM   1270 O O   . PRO B 1 56 ? -35.430 2.534   -9.893  1.00 13.80 ? 56  PRO B O   1 
ATOM   1271 C CB  . PRO B 1 56 ? -37.765 1.532   -11.691 1.00 14.55 ? 56  PRO B CB  1 
ATOM   1272 C CG  . PRO B 1 56 ? -38.355 0.209   -11.310 1.00 14.59 ? 56  PRO B CG  1 
ATOM   1273 C CD  . PRO B 1 56 ? -37.580 -0.768  -12.174 1.00 14.74 ? 56  PRO B CD  1 
ATOM   1274 N N   . GLN B 1 57 ? -35.266 0.302   -9.702  1.00 14.07 ? 57  GLN B N   1 
ATOM   1275 C CA  . GLN B 1 57 ? -34.635 0.360   -8.387  1.00 14.18 ? 57  GLN B CA  1 
ATOM   1276 C C   . GLN B 1 57 ? -33.278 -0.324  -8.385  1.00 13.51 ? 57  GLN B C   1 
ATOM   1277 O O   . GLN B 1 57 ? -32.921 -1.042  -9.314  1.00 12.95 ? 57  GLN B O   1 
ATOM   1278 C CB  . GLN B 1 57 ? -35.515 -0.318  -7.333  1.00 15.60 ? 57  GLN B CB  1 
ATOM   1279 C CG  . GLN B 1 57 ? -36.943 0.184   -7.305  1.00 17.59 ? 57  GLN B CG  1 
ATOM   1280 C CD  . GLN B 1 57 ? -37.853 -0.672  -6.439  1.00 18.69 ? 57  GLN B CD  1 
ATOM   1281 O OE1 . GLN B 1 57 ? -37.840 -1.903  -6.524  1.00 20.13 ? 57  GLN B OE1 1 
ATOM   1282 N NE2 . GLN B 1 57 ? -38.663 -0.021  -5.614  1.00 19.45 ? 57  GLN B NE2 1 
ATOM   1283 N N   . GLY B 1 58 ? -32.538 -0.097  -7.310  1.00 13.06 ? 58  GLY B N   1 
ATOM   1284 C CA  . GLY B 1 58 ? -31.230 -0.696  -7.163  1.00 12.39 ? 58  GLY B CA  1 
ATOM   1285 C C   . GLY B 1 58 ? -30.905 -0.809  -5.688  1.00 11.96 ? 58  GLY B C   1 
ATOM   1286 O O   . GLY B 1 58 ? -31.471 -0.080  -4.870  1.00 11.81 ? 58  GLY B O   1 
ATOM   1287 N N   . TYR B 1 59 ? -30.005 -1.726  -5.350  1.00 11.63 ? 59  TYR B N   1 
ATOM   1288 C CA  . TYR B 1 59 ? -29.582 -1.946  -3.967  1.00 11.59 ? 59  TYR B CA  1 
ATOM   1289 C C   . TYR B 1 59 ? -28.241 -1.230  -3.821  1.00 11.15 ? 59  TYR B C   1 
ATOM   1290 O O   . TYR B 1 59 ? -27.261 -1.593  -4.474  1.00 11.03 ? 59  TYR B O   1 
ATOM   1291 C CB  . TYR B 1 59 ? -29.414 -3.441  -3.719  1.00 12.39 ? 59  TYR B CB  1 
ATOM   1292 C CG  . TYR B 1 59 ? -29.251 -3.815  -2.271  1.00 13.31 ? 59  TYR B CG  1 
ATOM   1293 C CD1 . TYR B 1 59 ? -30.363 -4.070  -1.469  1.00 13.82 ? 59  TYR B CD1 1 
ATOM   1294 C CD2 . TYR B 1 59 ? -27.984 -3.941  -1.704  1.00 14.04 ? 59  TYR B CD2 1 
ATOM   1295 C CE1 . TYR B 1 59 ? -30.216 -4.455  -0.137  1.00 14.49 ? 59  TYR B CE1 1 
ATOM   1296 C CE2 . TYR B 1 59 ? -27.824 -4.320  -0.374  1.00 14.55 ? 59  TYR B CE2 1 
ATOM   1297 C CZ  . TYR B 1 59 ? -28.943 -4.580  0.402   1.00 14.69 ? 59  TYR B CZ  1 
ATOM   1298 O OH  . TYR B 1 59 ? -28.789 -4.988  1.709   1.00 15.56 ? 59  TYR B OH  1 
ATOM   1299 N N   . PHE B 1 60 ? -28.200 -0.224  -2.957  1.00 10.61 ? 60  PHE B N   1 
ATOM   1300 C CA  . PHE B 1 60 ? -26.997 0.590   -2.787  1.00 10.33 ? 60  PHE B CA  1 
ATOM   1301 C C   . PHE B 1 60 ? -26.007 0.192   -1.709  1.00 10.36 ? 60  PHE B C   1 
ATOM   1302 O O   . PHE B 1 60 ? -26.383 -0.119  -0.581  1.00 10.32 ? 60  PHE B O   1 
ATOM   1303 C CB  . PHE B 1 60 ? -27.392 2.053   -2.552  1.00 9.70  ? 60  PHE B CB  1 
ATOM   1304 C CG  . PHE B 1 60 ? -27.930 2.747   -3.776  1.00 9.53  ? 60  PHE B CG  1 
ATOM   1305 C CD1 . PHE B 1 60 ? -29.068 2.271   -4.423  1.00 9.03  ? 60  PHE B CD1 1 
ATOM   1306 C CD2 . PHE B 1 60 ? -27.301 3.884   -4.275  1.00 9.17  ? 60  PHE B CD2 1 
ATOM   1307 C CE1 . PHE B 1 60 ? -29.580 2.919   -5.550  1.00 9.22  ? 60  PHE B CE1 1 
ATOM   1308 C CE2 . PHE B 1 60 ? -27.800 4.543   -5.406  1.00 9.52  ? 60  PHE B CE2 1 
ATOM   1309 C CZ  . PHE B 1 60 ? -28.948 4.054   -6.045  1.00 9.27  ? 60  PHE B CZ  1 
ATOM   1310 N N   . LEU B 1 61 ? -24.730 0.229   -2.086  1.00 10.52 ? 61  LEU B N   1 
ATOM   1311 C CA  . LEU B 1 61 ? -23.608 -0.067  -1.202  1.00 10.56 ? 61  LEU B CA  1 
ATOM   1312 C C   . LEU B 1 61 ? -22.653 1.121   -1.303  1.00 10.40 ? 61  LEU B C   1 
ATOM   1313 O O   . LEU B 1 61 ? -22.468 1.679   -2.383  1.00 10.18 ? 61  LEU B O   1 
ATOM   1314 C CB  . LEU B 1 61 ? -22.873 -1.326  -1.651  1.00 11.27 ? 61  LEU B CB  1 
ATOM   1315 C CG  . LEU B 1 61 ? -23.633 -2.649  -1.638  1.00 11.84 ? 61  LEU B CG  1 
ATOM   1316 C CD1 . LEU B 1 61 ? -22.671 -3.764  -2.018  1.00 12.37 ? 61  LEU B CD1 1 
ATOM   1317 C CD2 . LEU B 1 61 ? -24.216 -2.895  -0.257  1.00 12.37 ? 61  LEU B CD2 1 
ATOM   1318 N N   . TRP B 1 62 ? -22.046 1.492   -0.183  1.00 10.28 ? 62  TRP B N   1 
ATOM   1319 C CA  . TRP B 1 62 ? -21.133 2.628   -0.152  1.00 10.10 ? 62  TRP B CA  1 
ATOM   1320 C C   . TRP B 1 62 ? -19.867 2.277   0.610   1.00 9.93  ? 62  TRP B C   1 
ATOM   1321 O O   . TRP B 1 62 ? -19.919 1.590   1.627   1.00 9.77  ? 62  TRP B O   1 
ATOM   1322 C CB  . TRP B 1 62 ? -21.822 3.804   0.533   1.00 10.58 ? 62  TRP B CB  1 
ATOM   1323 C CG  . TRP B 1 62 ? -20.980 5.025   0.720   1.00 11.15 ? 62  TRP B CG  1 
ATOM   1324 C CD1 . TRP B 1 62 ? -20.864 6.083   -0.137  1.00 11.31 ? 62  TRP B CD1 1 
ATOM   1325 C CD2 . TRP B 1 62 ? -20.189 5.351   1.867   1.00 11.40 ? 62  TRP B CD2 1 
ATOM   1326 N NE1 . TRP B 1 62 ? -20.061 7.054   0.416   1.00 11.70 ? 62  TRP B NE1 1 
ATOM   1327 C CE2 . TRP B 1 62 ? -19.633 6.630   1.649   1.00 11.55 ? 62  TRP B CE2 1 
ATOM   1328 C CE3 . TRP B 1 62 ? -19.902 4.690   3.071   1.00 11.67 ? 62  TRP B CE3 1 
ATOM   1329 C CZ2 . TRP B 1 62 ? -18.799 7.261   2.581   1.00 11.81 ? 62  TRP B CZ2 1 
ATOM   1330 C CZ3 . TRP B 1 62 ? -19.071 5.317   4.001   1.00 11.81 ? 62  TRP B CZ3 1 
ATOM   1331 C CH2 . TRP B 1 62 ? -18.537 6.589   3.750   1.00 11.51 ? 62  TRP B CH2 1 
ATOM   1332 N N   . TYR B 1 63 ? -18.729 2.744   0.108   1.00 9.69  ? 63  TYR B N   1 
ATOM   1333 C CA  . TYR B 1 63 ? -17.463 2.495   0.774   1.00 9.85  ? 63  TYR B CA  1 
ATOM   1334 C C   . TYR B 1 63 ? -16.599 3.740   0.774   1.00 9.59  ? 63  TYR B C   1 
ATOM   1335 O O   . TYR B 1 63 ? -16.578 4.501   -0.196  1.00 9.30  ? 63  TYR B O   1 
ATOM   1336 C CB  . TYR B 1 63 ? -16.644 1.403   0.073   1.00 10.48 ? 63  TYR B CB  1 
ATOM   1337 C CG  . TYR B 1 63 ? -17.304 0.052   -0.052  1.00 11.60 ? 63  TYR B CG  1 
ATOM   1338 C CD1 . TYR B 1 63 ? -18.330 -0.161  -0.973  1.00 12.23 ? 63  TYR B CD1 1 
ATOM   1339 C CD2 . TYR B 1 63 ? -16.879 -1.024  0.728   1.00 12.23 ? 63  TYR B CD2 1 
ATOM   1340 C CE1 . TYR B 1 63 ? -18.914 -1.422  -1.122  1.00 12.79 ? 63  TYR B CE1 1 
ATOM   1341 C CE2 . TYR B 1 63 ? -17.456 -2.286  0.587   1.00 13.00 ? 63  TYR B CE2 1 
ATOM   1342 C CZ  . TYR B 1 63 ? -18.472 -2.473  -0.337  1.00 13.13 ? 63  TYR B CZ  1 
ATOM   1343 O OH  . TYR B 1 63 ? -19.055 -3.715  -0.471  1.00 14.55 ? 63  TYR B OH  1 
ATOM   1344 N N   . GLN B 1 64 ? -15.895 3.947   1.877   1.00 9.33  ? 64  GLN B N   1 
ATOM   1345 C CA  . GLN B 1 64 ? -14.956 5.048   1.955   1.00 9.29  ? 64  GLN B CA  1 
ATOM   1346 C C   . GLN B 1 64 ? -13.635 4.317   1.972   1.00 9.41  ? 64  GLN B C   1 
ATOM   1347 O O   . GLN B 1 64 ? -13.395 3.477   2.839   1.00 9.10  ? 64  GLN B O   1 
ATOM   1348 C CB  . GLN B 1 64 ? -15.098 5.839   3.238   1.00 9.14  ? 64  GLN B CB  1 
ATOM   1349 C CG  . GLN B 1 64 ? -14.030 6.898   3.348   1.00 9.49  ? 64  GLN B CG  1 
ATOM   1350 C CD  . GLN B 1 64 ? -14.266 7.803   4.524   1.00 9.68  ? 64  GLN B CD  1 
ATOM   1351 O OE1 . GLN B 1 64 ? -15.268 8.527   4.569   1.00 9.72  ? 64  GLN B OE1 1 
ATOM   1352 N NE2 . GLN B 1 64 ? -13.357 7.768   5.493   1.00 9.62  ? 64  GLN B NE2 1 
ATOM   1353 N N   . VAL B 1 65 ? -12.786 4.610   0.999   1.00 9.60  ? 65  VAL B N   1 
ATOM   1354 C CA  . VAL B 1 65 ? -11.513 3.923   0.921   1.00 10.08 ? 65  VAL B CA  1 
ATOM   1355 C C   . VAL B 1 65 ? -10.372 4.862   0.597   1.00 10.38 ? 65  VAL B C   1 
ATOM   1356 O O   . VAL B 1 65 ? -10.581 5.999   0.175   1.00 10.14 ? 65  VAL B O   1 
ATOM   1357 C CB  . VAL B 1 65 ? -11.532 2.826   -0.183  1.00 10.13 ? 65  VAL B CB  1 
ATOM   1358 C CG1 . VAL B 1 65 ? -12.792 1.997   -0.082  1.00 10.20 ? 65  VAL B CG1 1 
ATOM   1359 C CG2 . VAL B 1 65 ? -11.420 3.464   -1.573  1.00 10.15 ? 65  VAL B CG2 1 
ATOM   1360 N N   . GLU B 1 66 ? -9.161  4.373   0.820   1.00 10.87 ? 66  GLU B N   1 
ATOM   1361 C CA  . GLU B 1 66 ? -7.963  5.112   0.468   1.00 11.60 ? 66  GLU B CA  1 
ATOM   1362 C C   . GLU B 1 66 ? -7.263  4.152   -0.482  1.00 11.44 ? 66  GLU B C   1 
ATOM   1363 O O   . GLU B 1 66 ? -7.059  2.984   -0.150  1.00 11.21 ? 66  GLU B O   1 
ATOM   1364 C CB  . GLU B 1 66 ? -7.087  5.387   1.689   1.00 13.12 ? 66  GLU B CB  1 
ATOM   1365 C CG  . GLU B 1 66 ? -6.119  6.526   1.441   1.00 15.10 ? 66  GLU B CG  1 
ATOM   1366 C CD  . GLU B 1 66 ? -5.355  6.931   2.682   1.00 16.25 ? 66  GLU B CD  1 
ATOM   1367 O OE1 . GLU B 1 66 ? -4.738  8.016   2.657   1.00 17.42 ? 66  GLU B OE1 1 
ATOM   1368 O OE2 . GLU B 1 66 ? -5.366  6.167   3.671   1.00 17.32 ? 66  GLU B OE2 1 
ATOM   1369 N N   . MET B 1 67 ? -6.925  4.621   -1.678  1.00 11.15 ? 67  MET B N   1 
ATOM   1370 C CA  . MET B 1 67 ? -6.275  3.753   -2.648  1.00 11.15 ? 67  MET B CA  1 
ATOM   1371 C C   . MET B 1 67 ? -5.472  4.553   -3.660  1.00 11.36 ? 67  MET B C   1 
ATOM   1372 O O   . MET B 1 67 ? -5.602  5.772   -3.748  1.00 11.03 ? 67  MET B O   1 
ATOM   1373 C CB  . MET B 1 67 ? -7.319  2.908   -3.388  1.00 11.21 ? 67  MET B CB  1 
ATOM   1374 C CG  . MET B 1 67 ? -8.208  3.711   -4.321  1.00 11.17 ? 67  MET B CG  1 
ATOM   1375 S SD  . MET B 1 67 ? -9.381  2.671   -5.214  1.00 11.54 ? 67  MET B SD  1 
ATOM   1376 C CE  . MET B 1 67 ? -8.298  1.851   -6.340  1.00 11.72 ? 67  MET B CE  1 
ATOM   1377 N N   . PRO B 1 68 ? -4.625  3.869   -4.436  1.00 11.52 ? 68  PRO B N   1 
ATOM   1378 C CA  . PRO B 1 68 ? -3.803  4.542   -5.445  1.00 11.96 ? 68  PRO B CA  1 
ATOM   1379 C C   . PRO B 1 68 ? -4.666  5.164   -6.539  1.00 12.24 ? 68  PRO B C   1 
ATOM   1380 O O   . PRO B 1 68 ? -5.470  4.484   -7.176  1.00 12.50 ? 68  PRO B O   1 
ATOM   1381 C CB  . PRO B 1 68 ? -2.920  3.418   -5.977  1.00 11.97 ? 68  PRO B CB  1 
ATOM   1382 C CG  . PRO B 1 68 ? -2.787  2.510   -4.802  1.00 11.89 ? 68  PRO B CG  1 
ATOM   1383 C CD  . PRO B 1 68 ? -4.209  2.463   -4.283  1.00 11.66 ? 68  PRO B CD  1 
ATOM   1384 N N   . GLU B 1 69 ? -4.485  6.463   -6.736  1.00 12.64 ? 69  GLU B N   1 
ATOM   1385 C CA  . GLU B 1 69 ? -5.214  7.235   -7.731  1.00 13.20 ? 69  GLU B CA  1 
ATOM   1386 C C   . GLU B 1 69 ? -5.154  6.590   -9.113  1.00 12.80 ? 69  GLU B C   1 
ATOM   1387 O O   . GLU B 1 69 ? -6.142  6.557   -9.850  1.00 12.51 ? 69  GLU B O   1 
ATOM   1388 C CB  . GLU B 1 69 ? -4.596  8.630   -7.799  1.00 14.54 ? 69  GLU B CB  1 
ATOM   1389 C CG  . GLU B 1 69 ? -5.478  9.729   -8.342  1.00 16.95 ? 69  GLU B CG  1 
ATOM   1390 C CD  . GLU B 1 69 ? -4.701  11.019  -8.529  1.00 17.90 ? 69  GLU B CD  1 
ATOM   1391 O OE1 . GLU B 1 69 ? -5.327  12.081  -8.726  1.00 19.31 ? 69  GLU B OE1 1 
ATOM   1392 O OE2 . GLU B 1 69 ? -3.452  10.965  -8.489  1.00 19.14 ? 69  GLU B OE2 1 
ATOM   1393 N N   . ASP B 1 70 ? -3.983  6.068   -9.454  1.00 12.40 ? 70  ASP B N   1 
ATOM   1394 C CA  . ASP B 1 70 ? -3.770  5.469   -10.760 1.00 12.22 ? 70  ASP B CA  1 
ATOM   1395 C C   . ASP B 1 70 ? -4.358  4.074   -10.968 1.00 11.81 ? 70  ASP B C   1 
ATOM   1396 O O   . ASP B 1 70 ? -4.189  3.483   -12.032 1.00 12.12 ? 70  ASP B O   1 
ATOM   1397 C CB  . ASP B 1 70 ? -2.271  5.491   -11.061 1.00 12.41 ? 70  ASP B CB  1 
ATOM   1398 C CG  . ASP B 1 70 ? -1.705  6.912   -11.044 1.00 12.99 ? 70  ASP B CG  1 
ATOM   1399 O OD1 . ASP B 1 70 ? -2.150  7.748   -11.860 1.00 13.42 ? 70  ASP B OD1 1 
ATOM   1400 O OD2 . ASP B 1 70 ? -0.825  7.207   -10.205 1.00 13.22 ? 70  ASP B OD2 1 
ATOM   1401 N N   . ARG B 1 71 ? -5.075  3.569   -9.967  1.00 11.75 ? 71  ARG B N   1 
ATOM   1402 C CA  . ARG B 1 71 ? -5.692  2.245   -10.040 1.00 11.54 ? 71  ARG B CA  1 
ATOM   1403 C C   . ARG B 1 71 ? -7.217  2.321   -9.926  1.00 11.13 ? 71  ARG B C   1 
ATOM   1404 O O   . ARG B 1 71 ? -7.905  1.310   -10.051 1.00 10.61 ? 71  ARG B O   1 
ATOM   1405 C CB  . ARG B 1 71 ? -5.171  1.345   -8.912  1.00 12.57 ? 71  ARG B CB  1 
ATOM   1406 C CG  . ARG B 1 71 ? -3.678  1.085   -8.921  1.00 13.62 ? 71  ARG B CG  1 
ATOM   1407 C CD  . ARG B 1 71 ? -3.291  0.208   -7.744  1.00 14.93 ? 71  ARG B CD  1 
ATOM   1408 N NE  . ARG B 1 71 ? -1.844  0.106   -7.590  1.00 16.44 ? 71  ARG B NE  1 
ATOM   1409 C CZ  . ARG B 1 71 ? -1.243  -0.591  -6.633  1.00 16.78 ? 71  ARG B CZ  1 
ATOM   1410 N NH1 . ARG B 1 71 ? 0.081   -0.627  -6.571  1.00 17.55 ? 71  ARG B NH1 1 
ATOM   1411 N NH2 . ARG B 1 71 ? -1.966  -1.248  -5.733  1.00 17.18 ? 71  ARG B NH2 1 
ATOM   1412 N N   . VAL B 1 72 ? -7.747  3.517   -9.689  1.00 10.66 ? 72  VAL B N   1 
ATOM   1413 C CA  . VAL B 1 72 ? -9.193  3.679   -9.535  1.00 10.40 ? 72  VAL B CA  1 
ATOM   1414 C C   . VAL B 1 72 ? -9.995  3.269   -10.769 1.00 10.49 ? 72  VAL B C   1 
ATOM   1415 O O   . VAL B 1 72 ? -11.002 2.563   -10.660 1.00 9.99  ? 72  VAL B O   1 
ATOM   1416 C CB  . VAL B 1 72 ? -9.557  5.132   -9.181  1.00 10.32 ? 72  VAL B CB  1 
ATOM   1417 C CG1 . VAL B 1 72 ? -11.076 5.278   -9.094  1.00 10.37 ? 72  VAL B CG1 1 
ATOM   1418 C CG2 . VAL B 1 72 ? -8.906  5.522   -7.862  1.00 10.32 ? 72  VAL B CG2 1 
ATOM   1419 N N   . ASN B 1 73 ? -9.570  3.714   -11.945 1.00 10.45 ? 73  ASN B N   1 
ATOM   1420 C CA  . ASN B 1 73 ? -10.286 3.359   -13.162 1.00 11.05 ? 73  ASN B CA  1 
ATOM   1421 C C   . ASN B 1 73 ? -10.293 1.847   -13.340 1.00 11.10 ? 73  ASN B C   1 
ATOM   1422 O O   . ASN B 1 73 ? -11.331 1.253   -13.639 1.00 10.97 ? 73  ASN B O   1 
ATOM   1423 C CB  . ASN B 1 73 ? -9.631  4.005   -14.381 1.00 11.53 ? 73  ASN B CB  1 
ATOM   1424 C CG  . ASN B 1 73 ? -10.419 3.784   -15.654 1.00 12.10 ? 73  ASN B CG  1 
ATOM   1425 O OD1 . ASN B 1 73 ? -9.848  3.472   -16.696 1.00 13.12 ? 73  ASN B OD1 1 
ATOM   1426 N ND2 . ASN B 1 73 ? -11.738 3.960   -15.582 1.00 12.56 ? 73  ASN B ND2 1 
ATOM   1427 N N   . ASP B 1 74 ? -9.135  1.223   -13.148 1.00 11.48 ? 74  ASP B N   1 
ATOM   1428 C CA  . ASP B 1 74 ? -9.045  -0.229  -13.288 1.00 12.08 ? 74  ASP B CA  1 
ATOM   1429 C C   . ASP B 1 74 ? -9.978  -0.921  -12.296 1.00 11.94 ? 74  ASP B C   1 
ATOM   1430 O O   . ASP B 1 74 ? -10.628 -1.908  -12.635 1.00 11.60 ? 74  ASP B O   1 
ATOM   1431 C CB  . ASP B 1 74 ? -7.604  -0.700  -13.077 1.00 13.41 ? 74  ASP B CB  1 
ATOM   1432 C CG  . ASP B 1 74 ? -6.640  -0.081  -14.072 1.00 14.58 ? 74  ASP B CG  1 
ATOM   1433 O OD1 . ASP B 1 74 ? -6.996  0.010   -15.265 1.00 15.58 ? 74  ASP B OD1 1 
ATOM   1434 O OD2 . ASP B 1 74 ? -5.522  0.308   -13.666 1.00 16.52 ? 74  ASP B OD2 1 
ATOM   1435 N N   . LEU B 1 75 ? -10.040 -0.410  -11.069 1.00 11.87 ? 75  LEU B N   1 
ATOM   1436 C CA  . LEU B 1 75 ? -10.924 -0.990  -10.059 1.00 11.91 ? 75  LEU B CA  1 
ATOM   1437 C C   . LEU B 1 75 ? -12.387 -0.876  -10.497 1.00 11.95 ? 75  LEU B C   1 
ATOM   1438 O O   . LEU B 1 75 ? -13.143 -1.854  -10.444 1.00 11.87 ? 75  LEU B O   1 
ATOM   1439 C CB  . LEU B 1 75 ? -10.750 -0.274  -8.713  1.00 12.15 ? 75  LEU B CB  1 
ATOM   1440 C CG  . LEU B 1 75 ? -11.838 -0.566  -7.670  1.00 12.13 ? 75  LEU B CG  1 
ATOM   1441 C CD1 . LEU B 1 75 ? -11.757 -2.020  -7.229  1.00 12.48 ? 75  LEU B CD1 1 
ATOM   1442 C CD2 . LEU B 1 75 ? -11.683 0.362   -6.480  1.00 12.73 ? 75  LEU B CD2 1 
ATOM   1443 N N   . ALA B 1 76 ? -12.781 0.318   -10.933 1.00 12.14 ? 76  ALA B N   1 
ATOM   1444 C CA  . ALA B 1 76 ? -14.157 0.560   -11.361 1.00 12.34 ? 76  ALA B CA  1 
ATOM   1445 C C   . ALA B 1 76 ? -14.541 -0.370  -12.500 1.00 12.61 ? 76  ALA B C   1 
ATOM   1446 O O   . ALA B 1 76 ? -15.634 -0.929  -12.510 1.00 12.36 ? 76  ALA B O   1 
ATOM   1447 C CB  . ALA B 1 76 ? -14.330 2.022   -11.788 1.00 12.58 ? 76  ALA B CB  1 
ATOM   1448 N N   . ARG B 1 77 ? -13.637 -0.531  -13.459 1.00 13.10 ? 77  ARG B N   1 
ATOM   1449 C CA  . ARG B 1 77 ? -13.903 -1.415  -14.585 1.00 13.57 ? 77  ARG B CA  1 
ATOM   1450 C C   . ARG B 1 77 ? -14.093 -2.838  -14.069 1.00 13.97 ? 77  ARG B C   1 
ATOM   1451 O O   . ARG B 1 77 ? -14.997 -3.549  -14.507 1.00 13.64 ? 77  ARG B O   1 
ATOM   1452 C CB  . ARG B 1 77 ? -12.749 -1.353  -15.590 1.00 14.49 ? 77  ARG B CB  1 
ATOM   1453 C CG  . ARG B 1 77 ? -12.605 0.011   -16.262 1.00 15.64 ? 77  ARG B CG  1 
ATOM   1454 C CD  . ARG B 1 77 ? -11.333 0.103   -17.091 1.00 16.90 ? 77  ARG B CD  1 
ATOM   1455 N NE  . ARG B 1 77 ? -11.349 -0.785  -18.248 1.00 18.32 ? 77  ARG B NE  1 
ATOM   1456 C CZ  . ARG B 1 77 ? -12.038 -0.558  -19.364 1.00 18.96 ? 77  ARG B CZ  1 
ATOM   1457 N NH1 . ARG B 1 77 ? -12.779 0.540   -19.485 1.00 19.77 ? 77  ARG B NH1 1 
ATOM   1458 N NH2 . ARG B 1 77 ? -11.986 -1.427  -20.363 1.00 19.48 ? 77  ARG B NH2 1 
ATOM   1459 N N   . GLU B 1 78 ? -13.250 -3.246  -13.123 1.00 14.20 ? 78  GLU B N   1 
ATOM   1460 C CA  . GLU B 1 78 ? -13.333 -4.587  -12.551 1.00 14.95 ? 78  GLU B CA  1 
ATOM   1461 C C   . GLU B 1 78 ? -14.670 -4.815  -11.858 1.00 14.81 ? 78  GLU B C   1 
ATOM   1462 O O   . GLU B 1 78 ? -15.279 -5.868  -12.005 1.00 14.89 ? 78  GLU B O   1 
ATOM   1463 C CB  . GLU B 1 78 ? -12.205 -4.808  -11.546 1.00 15.93 ? 78  GLU B CB  1 
ATOM   1464 C CG  . GLU B 1 78 ? -12.178 -6.204  -10.931 1.00 17.58 ? 78  GLU B CG  1 
ATOM   1465 C CD  . GLU B 1 78 ? -11.810 -7.273  -11.937 1.00 18.60 ? 78  GLU B CD  1 
ATOM   1466 O OE1 . GLU B 1 78 ? -10.812 -7.073  -12.659 1.00 19.58 ? 78  GLU B OE1 1 
ATOM   1467 O OE2 . GLU B 1 78 ? -12.501 -8.317  -11.999 1.00 19.33 ? 78  GLU B OE2 1 
ATOM   1468 N N   . LEU B 1 79 ? -15.126 -3.830  -11.097 1.00 14.67 ? 79  LEU B N   1 
ATOM   1469 C CA  . LEU B 1 79 ? -16.396 -3.968  -10.393 1.00 14.79 ? 79  LEU B CA  1 
ATOM   1470 C C   . LEU B 1 79 ? -17.561 -4.053  -11.366 1.00 14.88 ? 79  LEU B C   1 
ATOM   1471 O O   . LEU B 1 79 ? -18.545 -4.751  -11.117 1.00 14.87 ? 79  LEU B O   1 
ATOM   1472 C CB  . LEU B 1 79 ? -16.600 -2.785  -9.444  1.00 14.89 ? 79  LEU B CB  1 
ATOM   1473 C CG  . LEU B 1 79 ? -15.579 -2.635  -8.314  1.00 15.07 ? 79  LEU B CG  1 
ATOM   1474 C CD1 . LEU B 1 79 ? -15.888 -1.390  -7.495  1.00 15.32 ? 79  LEU B CD1 1 
ATOM   1475 C CD2 . LEU B 1 79 ? -15.608 -3.879  -7.434  1.00 15.34 ? 79  LEU B CD2 1 
ATOM   1476 N N   . ARG B 1 80 ? -17.441 -3.351  -12.486 1.00 14.99 ? 80  ARG B N   1 
ATOM   1477 C CA  . ARG B 1 80 ? -18.494 -3.324  -13.486 1.00 15.47 ? 80  ARG B CA  1 
ATOM   1478 C C   . ARG B 1 80 ? -18.656 -4.607  -14.295 1.00 16.06 ? 80  ARG B C   1 
ATOM   1479 O O   . ARG B 1 80 ? -19.679 -4.783  -14.946 1.00 16.36 ? 80  ARG B O   1 
ATOM   1480 C CB  . ARG B 1 80 ? -18.276 -2.145  -14.440 1.00 15.18 ? 80  ARG B CB  1 
ATOM   1481 C CG  . ARG B 1 80 ? -18.343 -0.792  -13.757 1.00 14.89 ? 80  ARG B CG  1 
ATOM   1482 C CD  . ARG B 1 80 ? -18.112 0.359   -14.726 1.00 14.65 ? 80  ARG B CD  1 
ATOM   1483 N NE  . ARG B 1 80 ? -18.212 1.640   -14.034 1.00 14.70 ? 80  ARG B NE  1 
ATOM   1484 C CZ  . ARG B 1 80 ? -17.268 2.575   -14.035 1.00 14.74 ? 80  ARG B CZ  1 
ATOM   1485 N NH1 . ARG B 1 80 ? -17.456 3.705   -13.364 1.00 14.65 ? 80  ARG B NH1 1 
ATOM   1486 N NH2 . ARG B 1 80 ? -16.139 2.389   -14.703 1.00 14.94 ? 80  ARG B NH2 1 
ATOM   1487 N N   . ILE B 1 81 ? -17.674 -5.503  -14.248 1.00 16.82 ? 81  ILE B N   1 
ATOM   1488 C CA  . ILE B 1 81 ? -17.765 -6.742  -15.026 1.00 17.50 ? 81  ILE B CA  1 
ATOM   1489 C C   . ILE B 1 81 ? -18.812 -7.718  -14.513 1.00 17.54 ? 81  ILE B C   1 
ATOM   1490 O O   . ILE B 1 81 ? -19.242 -8.610  -15.248 1.00 17.60 ? 81  ILE B O   1 
ATOM   1491 C CB  . ILE B 1 81 ? -16.398 -7.481  -15.117 1.00 18.02 ? 81  ILE B CB  1 
ATOM   1492 C CG1 . ILE B 1 81 ? -15.853 -7.797  -13.725 1.00 18.41 ? 81  ILE B CG1 1 
ATOM   1493 C CG2 . ILE B 1 81 ? -15.409 -6.639  -15.890 1.00 18.71 ? 81  ILE B CG2 1 
ATOM   1494 C CD1 . ILE B 1 81 ? -16.511 -8.961  -13.026 1.00 18.68 ? 81  ILE B CD1 1 
ATOM   1495 N N   . ARG B 1 82 ? -19.218 -7.556  -13.256 1.00 17.58 ? 82  ARG B N   1 
ATOM   1496 C CA  . ARG B 1 82 ? -20.228 -8.432  -12.669 1.00 17.51 ? 82  ARG B CA  1 
ATOM   1497 C C   . ARG B 1 82 ? -21.585 -8.111  -13.276 1.00 17.52 ? 82  ARG B C   1 
ATOM   1498 O O   . ARG B 1 82 ? -21.975 -6.946  -13.405 1.00 17.28 ? 82  ARG B O   1 
ATOM   1499 C CB  . ARG B 1 82 ? -20.272 -8.267  -11.149 1.00 17.87 ? 82  ARG B CB  1 
ATOM   1500 C CG  . ARG B 1 82 ? -19.029 -8.794  -10.418 1.00 18.35 ? 82  ARG B CG  1 
ATOM   1501 C CD  . ARG B 1 82 ? -18.914 -10.317 -10.497 1.00 18.67 ? 82  ARG B CD  1 
ATOM   1502 N NE  . ARG B 1 82 ? -20.022 -10.997 -9.831  1.00 18.94 ? 82  ARG B NE  1 
ATOM   1503 C CZ  . ARG B 1 82 ? -20.132 -12.320 -9.732  1.00 19.10 ? 82  ARG B CZ  1 
ATOM   1504 N NH1 . ARG B 1 82 ? -19.197 -13.101 -10.259 1.00 19.06 ? 82  ARG B NH1 1 
ATOM   1505 N NH2 . ARG B 1 82 ? -21.167 -12.863 -9.102  1.00 19.19 ? 82  ARG B NH2 1 
ATOM   1506 N N   . ASP B 1 83 ? -22.311 -9.157  -13.655 1.00 17.57 ? 83  ASP B N   1 
ATOM   1507 C CA  . ASP B 1 83 ? -23.609 -8.978  -14.282 1.00 17.61 ? 83  ASP B CA  1 
ATOM   1508 C C   . ASP B 1 83 ? -24.617 -8.293  -13.359 1.00 17.15 ? 83  ASP B C   1 
ATOM   1509 O O   . ASP B 1 83 ? -25.472 -7.536  -13.821 1.00 17.21 ? 83  ASP B O   1 
ATOM   1510 C CB  . ASP B 1 83 ? -24.148 -10.335 -14.744 1.00 18.63 ? 83  ASP B CB  1 
ATOM   1511 C CG  . ASP B 1 83 ? -25.328 -10.206 -15.685 1.00 19.44 ? 83  ASP B CG  1 
ATOM   1512 O OD1 . ASP B 1 83 ? -26.467 -10.026 -15.197 1.00 20.51 ? 83  ASP B OD1 1 
ATOM   1513 O OD2 . ASP B 1 83 ? -25.115 -10.281 -16.915 1.00 20.25 ? 83  ASP B OD2 1 
ATOM   1514 N N   . ASN B 1 84 ? -24.508 -8.548  -12.062 1.00 16.33 ? 84  ASN B N   1 
ATOM   1515 C CA  . ASN B 1 84 ? -25.431 -7.963  -11.095 1.00 15.60 ? 84  ASN B CA  1 
ATOM   1516 C C   . ASN B 1 84 ? -25.073 -6.565  -10.604 1.00 14.93 ? 84  ASN B C   1 
ATOM   1517 O O   . ASN B 1 84 ? -25.794 -5.980  -9.795  1.00 14.61 ? 84  ASN B O   1 
ATOM   1518 C CB  . ASN B 1 84 ? -25.602 -8.909  -9.905  1.00 15.95 ? 84  ASN B CB  1 
ATOM   1519 C CG  . ASN B 1 84 ? -26.457 -10.104 -10.253 1.00 16.47 ? 84  ASN B CG  1 
ATOM   1520 O OD1 . ASN B 1 84 ? -27.522 -9.959  -10.858 1.00 16.67 ? 84  ASN B OD1 1 
ATOM   1521 N ND2 . ASN B 1 84 ? -26.007 -11.293 -9.871  1.00 17.02 ? 84  ASN B ND2 1 
ATOM   1522 N N   . VAL B 1 85 ? -23.958 -6.032  -11.091 1.00 14.18 ? 85  VAL B N   1 
ATOM   1523 C CA  . VAL B 1 85 ? -23.548 -4.686  -10.716 1.00 13.65 ? 85  VAL B CA  1 
ATOM   1524 C C   . VAL B 1 85 ? -24.173 -3.768  -11.759 1.00 13.40 ? 85  VAL B C   1 
ATOM   1525 O O   . VAL B 1 85 ? -23.827 -3.826  -12.944 1.00 13.53 ? 85  VAL B O   1 
ATOM   1526 C CB  . VAL B 1 85 ? -22.005 -4.557  -10.709 1.00 13.62 ? 85  VAL B CB  1 
ATOM   1527 C CG1 . VAL B 1 85 ? -21.587 -3.091  -10.650 1.00 13.78 ? 85  VAL B CG1 1 
ATOM   1528 C CG2 . VAL B 1 85 ? -21.444 -5.305  -9.495  1.00 13.60 ? 85  VAL B CG2 1 
ATOM   1529 N N   . ARG B 1 86 ? -25.117 -2.944  -11.317 1.00 12.97 ? 86  ARG B N   1 
ATOM   1530 C CA  . ARG B 1 86 ? -25.830 -2.029  -12.201 1.00 12.90 ? 86  ARG B CA  1 
ATOM   1531 C C   . ARG B 1 86 ? -25.123 -0.696  -12.422 1.00 12.58 ? 86  ARG B C   1 
ATOM   1532 O O   . ARG B 1 86 ? -25.278 -0.070  -13.475 1.00 12.09 ? 86  ARG B O   1 
ATOM   1533 C CB  . ARG B 1 86 ? -27.242 -1.780  -11.653 1.00 13.53 ? 86  ARG B CB  1 
ATOM   1534 C CG  . ARG B 1 86 ? -28.130 -3.023  -11.638 1.00 14.47 ? 86  ARG B CG  1 
ATOM   1535 C CD  . ARG B 1 86 ? -28.494 -3.437  -13.050 1.00 14.92 ? 86  ARG B CD  1 
ATOM   1536 N NE  . ARG B 1 86 ? -28.976 -4.816  -13.147 1.00 15.82 ? 86  ARG B NE  1 
ATOM   1537 C CZ  . ARG B 1 86 ? -30.180 -5.237  -12.773 1.00 15.95 ? 86  ARG B CZ  1 
ATOM   1538 N NH1 . ARG B 1 86 ? -31.064 -4.394  -12.260 1.00 16.25 ? 86  ARG B NH1 1 
ATOM   1539 N NH2 . ARG B 1 86 ? -30.507 -6.512  -12.932 1.00 16.36 ? 86  ARG B NH2 1 
ATOM   1540 N N   . ARG B 1 87 ? -24.345 -0.263  -11.439 1.00 12.06 ? 87  ARG B N   1 
ATOM   1541 C CA  . ARG B 1 87 ? -23.646 1.007   -11.558 1.00 11.90 ? 87  ARG B CA  1 
ATOM   1542 C C   . ARG B 1 87 ? -22.523 1.129   -10.547 1.00 11.70 ? 87  ARG B C   1 
ATOM   1543 O O   . ARG B 1 87 ? -22.634 0.664   -9.415  1.00 11.27 ? 87  ARG B O   1 
ATOM   1544 C CB  . ARG B 1 87 ? -24.634 2.163   -11.351 1.00 12.12 ? 87  ARG B CB  1 
ATOM   1545 C CG  . ARG B 1 87 ? -24.070 3.542   -11.637 1.00 12.74 ? 87  ARG B CG  1 
ATOM   1546 C CD  . ARG B 1 87 ? -25.166 4.588   -11.485 1.00 13.33 ? 87  ARG B CD  1 
ATOM   1547 N NE  . ARG B 1 87 ? -25.436 4.871   -10.082 1.00 13.63 ? 87  ARG B NE  1 
ATOM   1548 C CZ  . ARG B 1 87 ? -26.557 5.419   -9.626  1.00 13.56 ? 87  ARG B CZ  1 
ATOM   1549 N NH1 . ARG B 1 87 ? -27.533 5.740   -10.461 1.00 13.99 ? 87  ARG B NH1 1 
ATOM   1550 N NH2 . ARG B 1 87 ? -26.686 5.667   -8.331  1.00 13.54 ? 87  ARG B NH2 1 
ATOM   1551 N N   . VAL B 1 88 ? -21.433 1.754   -10.971 1.00 11.70 ? 88  VAL B N   1 
ATOM   1552 C CA  . VAL B 1 88 ? -20.294 1.984   -10.105 1.00 12.04 ? 88  VAL B CA  1 
ATOM   1553 C C   . VAL B 1 88 ? -19.878 3.423   -10.311 1.00 12.37 ? 88  VAL B C   1 
ATOM   1554 O O   . VAL B 1 88 ? -19.629 3.846   -11.440 1.00 12.35 ? 88  VAL B O   1 
ATOM   1555 C CB  . VAL B 1 88 ? -19.099 1.082   -10.465 1.00 11.71 ? 88  VAL B CB  1 
ATOM   1556 C CG1 . VAL B 1 88 ? -17.888 1.460   -9.608  1.00 11.78 ? 88  VAL B CG1 1 
ATOM   1557 C CG2 . VAL B 1 88 ? -19.466 -0.379  -10.243 1.00 11.71 ? 88  VAL B CG2 1 
ATOM   1558 N N   . MET B 1 89 ? -19.826 4.179   -9.223  1.00 12.94 ? 89  MET B N   1 
ATOM   1559 C CA  . MET B 1 89 ? -19.423 5.573   -9.296  1.00 13.67 ? 89  MET B CA  1 
ATOM   1560 C C   . MET B 1 89 ? -18.435 5.857   -8.181  1.00 13.24 ? 89  MET B C   1 
ATOM   1561 O O   . MET B 1 89 ? -18.760 5.723   -7.002  1.00 12.87 ? 89  MET B O   1 
ATOM   1562 C CB  . MET B 1 89 ? -20.636 6.482   -9.144  1.00 15.22 ? 89  MET B CB  1 
ATOM   1563 C CG  . MET B 1 89 ? -20.349 7.942   -9.379  1.00 17.66 ? 89  MET B CG  1 
ATOM   1564 S SD  . MET B 1 89 ? -21.857 8.914   -9.167  1.00 21.27 ? 89  MET B SD  1 
ATOM   1565 C CE  . MET B 1 89 ? -22.987 8.030   -10.284 1.00 19.99 ? 89  MET B CE  1 
ATOM   1566 N N   . VAL B 1 90 ? -17.227 6.247   -8.566  1.00 12.92 ? 90  VAL B N   1 
ATOM   1567 C CA  . VAL B 1 90 ? -16.178 6.563   -7.606  1.00 12.83 ? 90  VAL B CA  1 
ATOM   1568 C C   . VAL B 1 90 ? -15.955 8.072   -7.630  1.00 12.91 ? 90  VAL B C   1 
ATOM   1569 O O   . VAL B 1 90 ? -15.764 8.661   -8.699  1.00 13.02 ? 90  VAL B O   1 
ATOM   1570 C CB  . VAL B 1 90 ? -14.851 5.848   -7.967  1.00 12.68 ? 90  VAL B CB  1 
ATOM   1571 C CG1 . VAL B 1 90 ? -13.835 6.032   -6.848  1.00 12.73 ? 90  VAL B CG1 1 
ATOM   1572 C CG2 . VAL B 1 90 ? -15.101 4.374   -8.216  1.00 12.86 ? 90  VAL B CG2 1 
ATOM   1573 N N   . VAL B 1 91 ? -15.993 8.694   -6.455  1.00 12.95 ? 91  VAL B N   1 
ATOM   1574 C CA  . VAL B 1 91 ? -15.805 10.137  -6.349  1.00 13.32 ? 91  VAL B CA  1 
ATOM   1575 C C   . VAL B 1 91 ? -14.773 10.468  -5.280  1.00 13.30 ? 91  VAL B C   1 
ATOM   1576 O O   . VAL B 1 91 ? -14.593 9.714   -4.320  1.00 13.18 ? 91  VAL B O   1 
ATOM   1577 C CB  . VAL B 1 91 ? -17.138 10.840  -5.998  1.00 13.32 ? 91  VAL B CB  1 
ATOM   1578 C CG1 . VAL B 1 91 ? -18.186 10.520  -7.056  1.00 13.94 ? 91  VAL B CG1 1 
ATOM   1579 C CG2 . VAL B 1 91 ? -17.617 10.400  -4.629  1.00 13.63 ? 91  VAL B CG2 1 
ATOM   1580 N N   . LYS B 1 92 ? -14.079 11.586  -5.449  1.00 13.73 ? 92  LYS B N   1 
ATOM   1581 C CA  . LYS B 1 92 ? -13.093 11.989  -4.457  1.00 14.09 ? 92  LYS B CA  1 
ATOM   1582 C C   . LYS B 1 92 ? -13.828 12.291  -3.164  1.00 14.13 ? 92  LYS B C   1 
ATOM   1583 O O   . LYS B 1 92 ? -14.886 12.909  -3.182  1.00 14.07 ? 92  LYS B O   1 
ATOM   1584 C CB  . LYS B 1 92 ? -12.362 13.255  -4.899  1.00 14.65 ? 92  LYS B CB  1 
ATOM   1585 C CG  . LYS B 1 92 ? -11.296 13.061  -5.939  1.00 15.69 ? 92  LYS B CG  1 
ATOM   1586 C CD  . LYS B 1 92 ? -10.669 14.414  -6.251  1.00 16.36 ? 92  LYS B CD  1 
ATOM   1587 C CE  . LYS B 1 92 ? -9.524  14.307  -7.222  1.00 16.93 ? 92  LYS B CE  1 
ATOM   1588 N NZ  . LYS B 1 92 ? -9.010  15.660  -7.526  1.00 17.28 ? 92  LYS B NZ  1 
ATOM   1589 N N   . SER B 1 93 ? -13.266 11.854  -2.045  1.00 14.38 ? 93  SER B N   1 
ATOM   1590 C CA  . SER B 1 93 ? -13.873 12.118  -0.747  1.00 14.83 ? 93  SER B CA  1 
ATOM   1591 C C   . SER B 1 93 ? -13.759 13.613  -0.465  1.00 15.27 ? 93  SER B C   1 
ATOM   1592 O O   . SER B 1 93 ? -12.683 14.192  -0.601  1.00 15.56 ? 93  SER B O   1 
ATOM   1593 C CB  . SER B 1 93 ? -13.143 11.329  0.344   1.00 15.01 ? 93  SER B CB  1 
ATOM   1594 O OG  . SER B 1 93 ? -13.395 11.880  1.634   1.00 15.51 ? 93  SER B OG  1 
ATOM   1595 N N   . GLN B 1 94 ? -14.872 14.238  -0.099  1.00 15.58 ? 94  GLN B N   1 
ATOM   1596 C CA  . GLN B 1 94 ? -14.851 15.664  0.208   1.00 16.22 ? 94  GLN B CA  1 
ATOM   1597 C C   . GLN B 1 94 ? -14.942 15.888  1.707   1.00 15.84 ? 94  GLN B C   1 
ATOM   1598 O O   . GLN B 1 94 ? -14.271 16.762  2.261   1.00 15.65 ? 94  GLN B O   1 
ATOM   1599 C CB  . GLN B 1 94 ? -15.994 16.382  -0.512  1.00 17.34 ? 94  GLN B CB  1 
ATOM   1600 C CG  . GLN B 1 94 ? -15.758 16.521  -2.013  1.00 19.02 ? 94  GLN B CG  1 
ATOM   1601 C CD  . GLN B 1 94 ? -16.834 17.323  -2.709  1.00 19.95 ? 94  GLN B CD  1 
ATOM   1602 O OE1 . GLN B 1 94 ? -17.976 16.882  -2.824  1.00 21.19 ? 94  GLN B OE1 1 
ATOM   1603 N NE2 . GLN B 1 94 ? -16.473 18.513  -3.183  1.00 20.89 ? 94  GLN B NE2 1 
ATOM   1604 N N   . GLU B 1 95 ? -15.772 15.083  2.363   1.00 15.45 ? 95  GLU B N   1 
ATOM   1605 C CA  . GLU B 1 95 ? -15.950 15.186  3.803   1.00 15.18 ? 95  GLU B CA  1 
ATOM   1606 C C   . GLU B 1 95 ? -15.893 13.772  4.375   1.00 15.10 ? 95  GLU B C   1 
ATOM   1607 O O   . GLU B 1 95 ? -16.914 13.151  4.659   1.00 14.71 ? 95  GLU B O   1 
ATOM   1608 C CB  . GLU B 1 95 ? -17.282 15.884  4.107   1.00 15.26 ? 95  GLU B CB  1 
ATOM   1609 C CG  . GLU B 1 95 ? -17.433 17.194  3.330   1.00 15.34 ? 95  GLU B CG  1 
ATOM   1610 C CD  . GLU B 1 95 ? -18.529 18.105  3.851   1.00 15.61 ? 95  GLU B CD  1 
ATOM   1611 O OE1 . GLU B 1 95 ? -19.692 17.657  3.946   1.00 15.71 ? 95  GLU B OE1 1 
ATOM   1612 O OE2 . GLU B 1 95 ? -18.221 19.279  4.153   1.00 16.09 ? 95  GLU B OE2 1 
ATOM   1613 N N   . PRO B 1 96 ? -14.668 13.250  4.546   1.00 15.08 ? 96  PRO B N   1 
ATOM   1614 C CA  . PRO B 1 96 ? -14.424 11.908  5.073   1.00 15.54 ? 96  PRO B CA  1 
ATOM   1615 C C   . PRO B 1 96 ? -14.956 11.662  6.470   1.00 16.03 ? 96  PRO B C   1 
ATOM   1616 O O   . PRO B 1 96 ? -14.894 12.536  7.336   1.00 15.58 ? 96  PRO B O   1 
ATOM   1617 C CB  . PRO B 1 96 ? -12.903 11.779  5.000   1.00 15.28 ? 96  PRO B CB  1 
ATOM   1618 C CG  . PRO B 1 96 ? -12.435 13.178  5.206   1.00 15.25 ? 96  PRO B CG  1 
ATOM   1619 C CD  . PRO B 1 96 ? -13.398 13.970  4.342   1.00 14.93 ? 96  PRO B CD  1 
ATOM   1620 N N   . PHE B 1 97 ? -15.497 10.466  6.678   1.00 16.88 ? 97  PHE B N   1 
ATOM   1621 C CA  . PHE B 1 97 ? -16.013 10.096  7.983   1.00 17.99 ? 97  PHE B CA  1 
ATOM   1622 C C   . PHE B 1 97 ? -14.818 9.783   8.869   1.00 18.80 ? 97  PHE B C   1 
ATOM   1623 O O   . PHE B 1 97 ? -13.855 9.161   8.423   1.00 18.64 ? 97  PHE B O   1 
ATOM   1624 C CB  . PHE B 1 97 ? -16.917 8.862   7.883   1.00 18.01 ? 97  PHE B CB  1 
ATOM   1625 C CG  . PHE B 1 97 ? -18.250 9.137   7.254   1.00 18.28 ? 97  PHE B CG  1 
ATOM   1626 C CD1 . PHE B 1 97 ? -18.369 9.292   5.879   1.00 18.32 ? 97  PHE B CD1 1 
ATOM   1627 C CD2 . PHE B 1 97 ? -19.391 9.260   8.046   1.00 18.46 ? 97  PHE B CD2 1 
ATOM   1628 C CE1 . PHE B 1 97 ? -19.604 9.568   5.296   1.00 18.42 ? 97  PHE B CE1 1 
ATOM   1629 C CE2 . PHE B 1 97 ? -20.628 9.537   7.475   1.00 18.45 ? 97  PHE B CE2 1 
ATOM   1630 C CZ  . PHE B 1 97 ? -20.736 9.691   6.097   1.00 18.34 ? 97  PHE B CZ  1 
ATOM   1631 N N   . LEU B 1 98 ? -14.877 10.236  10.116  1.00 19.90 ? 98  LEU B N   1 
ATOM   1632 C CA  . LEU B 1 98 ? -13.802 9.984   11.063  1.00 21.00 ? 98  LEU B CA  1 
ATOM   1633 C C   . LEU B 1 98 ? -13.863 8.535   11.528  1.00 21.49 ? 98  LEU B C   1 
ATOM   1634 O O   . LEU B 1 98 ? -12.783 7.922   11.678  1.00 21.88 ? 98  LEU B O   1 
ATOM   1635 C CB  . LEU B 1 98 ? -13.906 10.920  12.272  1.00 21.34 ? 98  LEU B CB  1 
ATOM   1636 C CG  . LEU B 1 98 ? -13.328 12.331  12.124  1.00 21.77 ? 98  LEU B CG  1 
ATOM   1637 C CD1 . LEU B 1 98 ? -11.853 12.230  11.739  1.00 22.22 ? 98  LEU B CD1 1 
ATOM   1638 C CD2 . LEU B 1 98 ? -14.097 13.113  11.079  1.00 21.90 ? 98  LEU B CD2 1 
HETATM 1639 O O   . HOH C 2 .  ? 15.851  -3.415  -8.934  1.00 47.71 ? 102 HOH A O   1 
HETATM 1640 O O   . HOH C 2 .  ? 27.967  -4.201  15.301  1.00 40.75 ? 103 HOH A O   1 
HETATM 1641 O O   . HOH C 2 .  ? 24.063  -3.816  14.815  1.00 36.11 ? 104 HOH A O   1 
HETATM 1642 O O   . HOH C 2 .  ? 17.755  2.542   -4.025  1.00 12.47 ? 105 HOH A O   1 
HETATM 1643 O O   . HOH C 2 .  ? 9.288   5.989   -2.815  1.00 11.46 ? 106 HOH A O   1 
HETATM 1644 O O   . HOH C 2 .  ? 32.278  2.973   -3.155  1.00 14.25 ? 107 HOH A O   1 
HETATM 1645 O O   . HOH C 2 .  ? -0.604  2.804   2.796   1.00 13.92 ? 108 HOH A O   1 
HETATM 1646 O O   . HOH C 2 .  ? 36.612  8.202   4.391   1.00 11.51 ? 109 HOH A O   1 
HETATM 1647 O O   . HOH C 2 .  ? 19.884  2.648   19.885  1.00 46.92 ? 110 HOH A O   1 
HETATM 1648 O O   . HOH C 2 .  ? 21.527  13.651  11.021  1.00 16.73 ? 111 HOH A O   1 
HETATM 1649 O O   . HOH C 2 .  ? 21.238  0.951   18.669  1.00 15.84 ? 112 HOH A O   1 
HETATM 1650 O O   . HOH C 2 .  ? 23.740  10.483  12.363  1.00 16.17 ? 113 HOH A O   1 
HETATM 1651 O O   . HOH C 2 .  ? 23.345  1.593   -7.288  1.00 18.21 ? 114 HOH A O   1 
HETATM 1652 O O   . HOH C 2 .  ? 13.025  4.529   -7.213  1.00 16.05 ? 115 HOH A O   1 
HETATM 1653 O O   . HOH C 2 .  ? 19.175  -7.166  2.946   1.00 23.49 ? 116 HOH A O   1 
HETATM 1654 O O   . HOH C 2 .  ? 7.694   -1.151  -1.606  1.00 15.23 ? 117 HOH A O   1 
HETATM 1655 O O   . HOH C 2 .  ? 24.539  13.535  2.453   1.00 17.80 ? 118 HOH A O   1 
HETATM 1656 O O   . HOH C 2 .  ? 18.801  9.946   7.330   1.00 15.90 ? 119 HOH A O   1 
HETATM 1657 O O   . HOH C 2 .  ? 14.610  2.486   -5.242  1.00 16.39 ? 120 HOH A O   1 
HETATM 1658 O O   . HOH C 2 .  ? 25.939  -9.207  2.906   1.00 16.36 ? 121 HOH A O   1 
HETATM 1659 O O   . HOH C 2 .  ? 31.893  12.410  9.929   1.00 23.87 ? 122 HOH A O   1 
HETATM 1660 O O   . HOH C 2 .  ? 14.383  8.277   -5.798  1.00 18.35 ? 123 HOH A O   1 
HETATM 1661 O O   . HOH C 2 .  ? 38.485  5.365   6.207   1.00 15.79 ? 124 HOH A O   1 
HETATM 1662 O O   . HOH C 2 .  ? 30.028  -3.566  11.390  1.00 30.31 ? 125 HOH A O   1 
HETATM 1663 O O   . HOH C 2 .  ? 16.002  -10.200 -1.034  1.00 20.29 ? 126 HOH A O   1 
HETATM 1664 O O   . HOH C 2 .  ? 25.877  3.535   -7.893  1.00 20.90 ? 127 HOH A O   1 
HETATM 1665 O O   . HOH C 2 .  ? 13.826  -1.113  -5.876  1.00 23.26 ? 128 HOH A O   1 
HETATM 1666 O O   . HOH C 2 .  ? 5.332   -1.433  11.405  1.00 22.15 ? 129 HOH A O   1 
HETATM 1667 O O   . HOH C 2 .  ? 33.267  5.540   -5.873  1.00 17.28 ? 130 HOH A O   1 
HETATM 1668 O O   . HOH C 2 .  ? 29.863  -2.601  13.912  1.00 24.66 ? 131 HOH A O   1 
HETATM 1669 O O   . HOH C 2 .  ? 3.206   5.133   -1.808  1.00 15.90 ? 132 HOH A O   1 
HETATM 1670 O O   . HOH C 2 .  ? 3.599   9.068   0.951   1.00 24.27 ? 133 HOH A O   1 
HETATM 1671 O O   . HOH C 2 .  ? 37.604  -0.516  3.636   1.00 20.00 ? 134 HOH A O   1 
HETATM 1672 O O   . HOH C 2 .  ? 15.702  4.708   1.640   1.00 17.93 ? 135 HOH A O   1 
HETATM 1673 O O   . HOH C 2 .  ? 38.455  1.844   2.076   1.00 20.59 ? 136 HOH A O   1 
HETATM 1674 O O   . HOH C 2 .  ? 36.738  0.319   9.295   1.00 32.85 ? 137 HOH A O   1 
HETATM 1675 O O   . HOH C 2 .  ? 29.814  13.340  12.330  1.00 31.19 ? 138 HOH A O   1 
HETATM 1676 O O   . HOH C 2 .  ? 4.190   2.120   11.295  1.00 24.80 ? 139 HOH A O   1 
HETATM 1677 O O   . HOH C 2 .  ? 27.801  -4.840  11.119  1.00 26.65 ? 140 HOH A O   1 
HETATM 1678 O O   . HOH C 2 .  ? 28.759  -8.278  2.142   1.00 22.31 ? 141 HOH A O   1 
HETATM 1679 O O   . HOH C 2 .  ? 21.017  2.918   -8.280  1.00 34.45 ? 142 HOH A O   1 
HETATM 1680 O O   . HOH C 2 .  ? 5.864   -7.502  -2.880  1.00 51.12 ? 143 HOH A O   1 
HETATM 1681 O O   . HOH C 2 .  ? 32.229  3.186   -6.152  1.00 26.99 ? 144 HOH A O   1 
HETATM 1682 O O   . HOH C 2 .  ? 12.069  -3.267  -6.075  1.00 20.67 ? 145 HOH A O   1 
HETATM 1683 O O   . HOH C 2 .  ? 16.061  7.535   -3.826  1.00 41.59 ? 146 HOH A O   1 
HETATM 1684 O O   . HOH C 2 .  ? 29.459  -3.220  -4.769  1.00 28.41 ? 147 HOH A O   1 
HETATM 1685 O O   . HOH C 2 .  ? 30.130  -1.568  -7.170  1.00 38.46 ? 148 HOH A O   1 
HETATM 1686 O O   . HOH C 2 .  ? 29.434  3.085   -9.638  1.00 28.41 ? 149 HOH A O   1 
HETATM 1687 O O   . HOH C 2 .  ? 14.577  -12.498 3.116   1.00 33.06 ? 150 HOH A O   1 
HETATM 1688 O O   . HOH C 2 .  ? 16.255  -2.111  -6.375  1.00 32.97 ? 151 HOH A O   1 
HETATM 1689 O O   . HOH C 2 .  ? 19.090  14.692  10.598  1.00 25.66 ? 152 HOH A O   1 
HETATM 1690 O O   . HOH C 2 .  ? 17.864  -11.600 -2.971  1.00 7.52  ? 153 HOH A O   1 
HETATM 1691 O O   . HOH C 2 .  ? 14.156  10.254  -1.923  1.00 33.88 ? 154 HOH A O   1 
HETATM 1692 O O   . HOH C 2 .  ? 1.391   10.100  2.027   1.00 44.39 ? 155 HOH A O   1 
HETATM 1693 O O   . HOH C 2 .  ? 31.808  5.696   -2.297  1.00 11.06 ? 156 HOH A O   1 
HETATM 1694 O O   . HOH C 2 .  ? 18.455  11.714  11.119  1.00 20.61 ? 157 HOH A O   1 
HETATM 1695 O O   . HOH C 2 .  ? 14.313  0.205   17.128  1.00 24.32 ? 158 HOH A O   1 
HETATM 1696 O O   . HOH C 2 .  ? 30.086  12.836  7.942   1.00 31.18 ? 159 HOH A O   1 
HETATM 1697 O O   . HOH C 2 .  ? 15.144  4.775   7.399   1.00 27.20 ? 160 HOH A O   1 
HETATM 1698 O O   . HOH C 2 .  ? 12.368  8.700   -2.624  1.00 33.04 ? 161 HOH A O   1 
HETATM 1699 O O   . HOH C 2 .  ? 16.172  6.477   16.626  1.00 44.33 ? 162 HOH A O   1 
HETATM 1700 O O   . HOH C 2 .  ? 32.175  11.756  2.601   1.00 41.55 ? 163 HOH A O   1 
HETATM 1701 O O   . HOH C 2 .  ? 17.539  -8.844  -7.559  1.00 43.59 ? 164 HOH A O   1 
HETATM 1702 O O   . HOH C 2 .  ? 18.181  6.123   -3.532  1.00 33.15 ? 165 HOH A O   1 
HETATM 1703 O O   . HOH C 2 .  ? 39.956  1.514   -0.039  1.00 40.95 ? 166 HOH A O   1 
HETATM 1704 O O   . HOH C 2 .  ? 33.940  10.587  11.554  1.00 41.33 ? 167 HOH A O   1 
HETATM 1705 O O   . HOH C 2 .  ? 5.618   -13.188 3.891   1.00 39.92 ? 168 HOH A O   1 
HETATM 1706 O O   . HOH C 2 .  ? 23.265  -2.152  -7.269  1.00 35.57 ? 169 HOH A O   1 
HETATM 1707 O O   . HOH C 2 .  ? 26.613  -10.397 0.309   1.00 39.60 ? 170 HOH A O   1 
HETATM 1708 O O   . HOH C 2 .  ? 23.489  -8.359  -1.378  1.00 36.77 ? 171 HOH A O   1 
HETATM 1709 O O   . HOH C 2 .  ? 16.516  -4.338  -4.984  1.00 8.19  ? 172 HOH A O   1 
HETATM 1710 O O   . HOH D 2 .  ? -23.131 7.231   -13.742 1.00 36.32 ? 102 HOH B O   1 
HETATM 1711 O O   . HOH D 2 .  ? -33.123 4.167   -18.662 1.00 8.91  ? 103 HOH B O   1 
HETATM 1712 O O   . HOH D 2 .  ? -21.206 2.043   -13.962 1.00 10.72 ? 104 HOH B O   1 
HETATM 1713 O O   . HOH D 2 .  ? -17.400 13.246  0.914   1.00 15.03 ? 105 HOH B O   1 
HETATM 1714 O O   . HOH D 2 .  ? -33.191 0.352   -18.415 1.00 17.09 ? 106 HOH B O   1 
HETATM 1715 O O   . HOH D 2 .  ? -26.230 4.186   -17.239 1.00 15.10 ? 107 HOH B O   1 
HETATM 1716 O O   . HOH D 2 .  ? -15.409 10.199  2.300   1.00 15.15 ? 108 HOH B O   1 
HETATM 1717 O O   . HOH D 2 .  ? -6.764  2.826   -13.239 1.00 11.34 ? 109 HOH B O   1 
HETATM 1718 O O   . HOH D 2 .  ? -19.896 -7.560  -7.034  1.00 17.53 ? 110 HOH B O   1 
HETATM 1719 O O   . HOH D 2 .  ? -29.745 5.579   -12.798 1.00 11.26 ? 111 HOH B O   1 
HETATM 1720 O O   . HOH D 2 .  ? -17.748 0.538   8.611   1.00 15.12 ? 112 HOH B O   1 
HETATM 1721 O O   . HOH D 2 .  ? -15.729 1.269   -17.319 1.00 19.03 ? 113 HOH B O   1 
HETATM 1722 O O   . HOH D 2 .  ? -31.432 -1.579  -11.599 1.00 11.70 ? 114 HOH B O   1 
HETATM 1723 O O   . HOH D 2 .  ? -1.392  6.081   -7.840  1.00 16.76 ? 115 HOH B O   1 
HETATM 1724 O O   . HOH D 2 .  ? -13.102 -9.682  -7.008  1.00 16.30 ? 116 HOH B O   1 
HETATM 1725 O O   . HOH D 2 .  ? -1.171  1.885   -11.302 1.00 25.47 ? 117 HOH B O   1 
HETATM 1726 O O   . HOH D 2 .  ? -13.404 3.071   -18.006 1.00 16.60 ? 118 HOH B O   1 
HETATM 1727 O O   . HOH D 2 .  ? -24.892 7.858   -16.186 1.00 16.85 ? 119 HOH B O   1 
HETATM 1728 O O   . HOH D 2 .  ? -14.624 13.211  -7.637  1.00 20.45 ? 120 HOH B O   1 
HETATM 1729 O O   . HOH D 2 .  ? -17.904 -6.372  -8.694  1.00 16.16 ? 121 HOH B O   1 
HETATM 1730 O O   . HOH D 2 .  ? -39.505 1.306   -8.045  1.00 23.82 ? 122 HOH B O   1 
HETATM 1731 O O   . HOH D 2 .  ? -23.108 -10.696 -11.064 1.00 15.25 ? 123 HOH B O   1 
HETATM 1732 O O   . HOH D 2 .  ? -13.821 -9.260  -9.681  1.00 20.92 ? 124 HOH B O   1 
HETATM 1733 O O   . HOH D 2 .  ? -25.066 -1.446  -15.798 1.00 23.03 ? 125 HOH B O   1 
HETATM 1734 O O   . HOH D 2 .  ? -24.589 2.113   -15.259 1.00 19.92 ? 126 HOH B O   1 
HETATM 1735 O O   . HOH D 2 .  ? -20.356 9.609   -2.682  1.00 15.94 ? 127 HOH B O   1 
HETATM 1736 O O   . HOH D 2 .  ? -7.113  12.078  -0.009  1.00 26.54 ? 128 HOH B O   1 
HETATM 1737 O O   . HOH D 2 .  ? -38.188 0.529   -15.185 1.00 17.83 ? 129 HOH B O   1 
HETATM 1738 O O   . HOH D 2 .  ? -37.743 0.962   -17.953 1.00 16.39 ? 130 HOH B O   1 
HETATM 1739 O O   . HOH D 2 .  ? -11.296 -5.038  0.949   1.00 17.96 ? 131 HOH B O   1 
HETATM 1740 O O   . HOH D 2 .  ? -9.082  -3.875  1.303   1.00 25.90 ? 132 HOH B O   1 
HETATM 1741 O O   . HOH D 2 .  ? -15.834 -7.541  -9.788  1.00 21.45 ? 133 HOH B O   1 
HETATM 1742 O O   . HOH D 2 .  ? -39.405 -1.958  -15.068 1.00 17.26 ? 134 HOH B O   1 
HETATM 1743 O O   . HOH D 2 .  ? -3.964  4.865   -14.396 1.00 21.11 ? 135 HOH B O   1 
HETATM 1744 O O   . HOH D 2 .  ? -23.416 4.327   -8.374  1.00 19.22 ? 136 HOH B O   1 
HETATM 1745 O O   . HOH D 2 .  ? -35.772 4.568   -11.815 1.00 15.81 ? 137 HOH B O   1 
HETATM 1746 O O   . HOH D 2 .  ? -33.650 -2.064  1.229   1.00 27.39 ? 138 HOH B O   1 
HETATM 1747 O O   . HOH D 2 .  ? 2.098   1.195   -8.403  1.00 22.48 ? 139 HOH B O   1 
HETATM 1748 O O   . HOH D 2 .  ? -8.971  -2.699  3.937   1.00 18.69 ? 140 HOH B O   1 
HETATM 1749 O O   . HOH D 2 .  ? -37.741 9.547   -8.133  1.00 31.11 ? 141 HOH B O   1 
HETATM 1750 O O   . HOH D 2 .  ? -9.782  -3.435  -14.823 1.00 21.22 ? 142 HOH B O   1 
HETATM 1751 O O   . HOH D 2 .  ? -34.608 1.581   1.360   1.00 31.97 ? 143 HOH B O   1 
HETATM 1752 O O   . HOH D 2 .  ? -24.197 4.015   -3.086  1.00 27.12 ? 144 HOH B O   1 
HETATM 1753 O O   . HOH D 2 .  ? -20.810 11.376  0.922   1.00 23.93 ? 145 HOH B O   1 
HETATM 1754 O O   . HOH D 2 .  ? -0.588  2.718   -8.486  1.00 24.56 ? 146 HOH B O   1 
HETATM 1755 O O   . HOH D 2 .  ? -39.916 -1.298  -9.167  1.00 52.55 ? 147 HOH B O   1 
HETATM 1756 O O   . HOH D 2 .  ? -7.127  2.649   -16.338 1.00 23.83 ? 148 HOH B O   1 
HETATM 1757 O O   . HOH D 2 .  ? -9.699  12.965  2.385   1.00 33.46 ? 149 HOH B O   1 
HETATM 1758 O O   . HOH D 2 .  ? -24.432 -13.047 -6.905  1.00 31.29 ? 150 HOH B O   1 
HETATM 1759 O O   . HOH D 2 .  ? -26.891 -3.523  -16.186 1.00 24.53 ? 151 HOH B O   1 
HETATM 1760 O O   . HOH D 2 .  ? -22.096 -1.665  -14.665 1.00 43.35 ? 152 HOH B O   1 
HETATM 1761 O O   . HOH D 2 .  ? -26.853 6.313   -13.290 1.00 35.86 ? 153 HOH B O   1 
HETATM 1762 O O   . HOH D 2 .  ? -16.798 -12.534 -11.553 1.00 27.84 ? 154 HOH B O   1 
HETATM 1763 O O   . HOH D 2 .  ? -24.497 -0.150  7.070   1.00 27.46 ? 155 HOH B O   1 
HETATM 1764 O O   . HOH D 2 .  ? -22.663 5.939   6.541   1.00 51.97 ? 156 HOH B O   1 
HETATM 1765 O O   . HOH D 2 .  ? -16.505 10.219  -11.119 1.00 35.95 ? 157 HOH B O   1 
HETATM 1766 O O   . HOH D 2 .  ? -1.484  -3.061  -1.194  1.00 24.37 ? 158 HOH B O   1 
HETATM 1767 O O   . HOH D 2 .  ? -0.280  4.729   -3.877  1.00 23.95 ? 159 HOH B O   1 
HETATM 1768 O O   . HOH D 2 .  ? -4.433  12.303  -11.657 1.00 38.94 ? 160 HOH B O   1 
HETATM 1769 O O   . HOH D 2 .  ? -19.811 14.259  0.650   1.00 24.50 ? 161 HOH B O   1 
HETATM 1770 O O   . HOH D 2 .  ? -3.215  -3.102  -8.331  1.00 36.78 ? 162 HOH B O   1 
HETATM 1771 O O   . HOH D 2 .  ? -27.234 -12.024 4.774   1.00 35.36 ? 163 HOH B O   1 
HETATM 1772 O O   . HOH D 2 .  ? -18.454 2.439   -18.160 1.00 29.18 ? 164 HOH B O   1 
HETATM 1773 O O   . HOH D 2 .  ? -15.524 -3.395  -17.434 1.00 35.39 ? 165 HOH B O   1 
HETATM 1774 O O   . HOH D 2 .  ? -14.444 -15.352 -3.470  1.00 36.94 ? 166 HOH B O   1 
HETATM 1775 O O   . HOH D 2 .  ? -23.418 -6.375  -24.786 1.00 46.12 ? 167 HOH B O   1 
HETATM 1776 O O   . HOH D 2 .  ? -0.603  -2.728  -3.552  1.00 36.43 ? 168 HOH B O   1 
HETATM 1777 O O   . HOH D 2 .  ? -9.961  2.799   -19.693 1.00 26.63 ? 169 HOH B O   1 
HETATM 1778 O O   . HOH D 2 .  ? -13.734 -11.044 -0.278  1.00 29.64 ? 170 HOH B O   1 
HETATM 1779 O O   . HOH D 2 .  ? -9.897  10.858  9.516   1.00 53.71 ? 171 HOH B O   1 
HETATM 1780 O O   . HOH D 2 .  ? -10.157 -15.473 -4.239  1.00 25.94 ? 172 HOH B O   1 
HETATM 1781 O O   . HOH D 2 .  ? -27.666 8.447   -5.139  1.00 30.07 ? 173 HOH B O   1 
HETATM 1782 O O   . HOH D 2 .  ? -14.465 -9.056  2.349   1.00 28.46 ? 174 HOH B O   1 
HETATM 1783 O O   . HOH D 2 .  ? -20.942 15.881  2.526   1.00 33.03 ? 175 HOH B O   1 
HETATM 1784 O O   . HOH D 2 .  ? -21.376 2.759   8.192   1.00 40.56 ? 176 HOH B O   1 
HETATM 1785 O O   . HOH D 2 .  ? -15.091 -4.663  3.821   1.00 44.46 ? 177 HOH B O   1 
HETATM 1786 O O   . HOH D 2 .  ? -4.937  10.366  1.625   1.00 40.33 ? 178 HOH B O   1 
HETATM 1787 O O   . HOH D 2 .  ? -19.440 2.035   10.101  1.00 37.59 ? 179 HOH B O   1 
HETATM 1788 O O   . HOH D 2 .  ? -16.398 -1.076  -17.925 1.00 42.50 ? 180 HOH B O   1 
HETATM 1789 O O   . HOH D 2 .  ? -25.054 5.397   7.457   1.00 43.88 ? 181 HOH B O   1 
HETATM 1790 O O   . HOH D 2 .  ? -2.611  7.976   -5.422  1.00 25.39 ? 182 HOH B O   1 
HETATM 1791 O O   . HOH D 2 .  ? -24.217 6.417   -6.946  1.00 28.14 ? 183 HOH B O   1 
HETATM 1792 O O   . HOH D 2 .  ? -22.467 -4.974  -14.994 1.00 8.91  ? 184 HOH B O   1 
HETATM 1793 O O   . HOH D 2 .  ? -37.003 -2.874  -9.408  1.00 27.27 ? 185 HOH B O   1 
HETATM 1794 O O   . HOH D 2 .  ? -4.216  -1.265  -11.670 1.00 26.02 ? 186 HOH B O   1 
# 
